data_5EPA
#
_entry.id   5EPA
#
_cell.length_a   76.009
_cell.length_b   83.151
_cell.length_c   271.677
_cell.angle_alpha   90.00
_cell.angle_beta   90.00
_cell.angle_gamma   90.00
#
_symmetry.space_group_name_H-M   'P 21 21 21'
#
loop_
_entity.id
_entity.type
_entity.pdbx_description
1 polymer SnoK
2 non-polymer 'FE (III) ION'
3 non-polymer '2-OXOGLUTARIC ACID'
4 non-polymer 'MAGNESIUM ION'
5 water water
#
_entity_poly.entity_id   1
_entity_poly.type   'polypeptide(L)'
_entity_poly.pdbx_seq_one_letter_code
;MAHHHHHHHRSADPDPGGPTTAENLSKEAVRFYREQGYVHIPRVLSETEVTAFRAACEEVLEKEGREIWGAGEDEVQVHY
VAQAWQKHPELRSLVLHPEISGIALRLAGAPLRVYSSDILVKEPKRTLPTLVHDDETGLPLNELSATLTAWIALTDVPVE
RGCMSYVPGSHLRAREDRQEHMTSFAEFRDLADVWPDYPWQPRVAVPVRAGDVVFHHCRTVHMAEANTSDSVRMAHGVVY
MDADATYRPGVQDGHLSRLSPGDPLEGELFPLVTAGTRQ
;
_entity_poly.pdbx_strand_id   A,B,C,D,E,F
#
loop_
_chem_comp.id
_chem_comp.type
_chem_comp.name
_chem_comp.formula
AKG non-polymer '2-OXOGLUTARIC ACID' 'C5 H6 O5'
FE non-polymer 'FE (III) ION' 'Fe 3'
MG non-polymer 'MAGNESIUM ION' 'Mg 2'
#
# COMPACT_ATOMS: atom_id res chain seq x y z
N GLY A 17 -2.07 15.01 44.18
CA GLY A 17 -1.27 13.95 44.87
C GLY A 17 -1.92 12.54 44.96
N GLY A 18 -3.25 12.41 44.85
CA GLY A 18 -3.97 11.14 45.09
C GLY A 18 -4.26 10.18 43.93
N PRO A 19 -4.54 8.90 44.24
CA PRO A 19 -4.78 7.91 43.18
C PRO A 19 -6.04 8.19 42.34
N THR A 20 -5.98 7.87 41.06
CA THR A 20 -7.18 7.88 40.24
C THR A 20 -7.77 6.45 40.20
N THR A 21 -9.07 6.35 40.47
CA THR A 21 -9.75 5.08 40.53
C THR A 21 -10.91 5.11 39.52
N ALA A 22 -11.52 3.96 39.29
CA ALA A 22 -12.71 3.91 38.43
C ALA A 22 -13.84 4.76 38.97
N GLU A 23 -13.94 4.83 40.29
CA GLU A 23 -15.04 5.53 40.95
C GLU A 23 -14.86 7.05 40.85
N ASN A 24 -13.63 7.54 41.01
CA ASN A 24 -13.41 9.01 41.10
C ASN A 24 -12.98 9.63 39.76
N LEU A 25 -12.85 8.79 38.75
CA LEU A 25 -12.53 9.26 37.40
C LEU A 25 -13.50 10.37 36.99
N SER A 26 -12.96 11.49 36.52
CA SER A 26 -13.82 12.63 36.20
C SER A 26 -14.54 12.45 34.88
N LYS A 27 -15.72 13.01 34.80
CA LYS A 27 -16.41 13.19 33.56
C LYS A 27 -15.60 13.90 32.50
N GLU A 28 -14.75 14.81 32.91
CA GLU A 28 -13.89 15.55 31.98
C GLU A 28 -12.87 14.63 31.33
N ALA A 29 -12.32 13.72 32.13
CA ALA A 29 -11.38 12.75 31.59
C ALA A 29 -12.03 11.81 30.58
N VAL A 30 -13.26 11.41 30.85
CA VAL A 30 -14.01 10.60 29.91
C VAL A 30 -14.32 11.38 28.60
N ARG A 31 -14.74 12.64 28.74
CA ARG A 31 -14.98 13.47 27.57
C ARG A 31 -13.70 13.69 26.77
N PHE A 32 -12.58 13.91 27.45
CA PHE A 32 -11.31 14.11 26.75
C PHE A 32 -10.99 12.89 25.93
N TYR A 33 -11.13 11.70 26.53
CA TYR A 33 -10.93 10.45 25.80
C TYR A 33 -11.83 10.33 24.59
N ARG A 34 -13.12 10.60 24.72
CA ARG A 34 -14.07 10.40 23.61
C ARG A 34 -13.78 11.34 22.48
N GLU A 35 -13.37 12.57 22.81
CA GLU A 35 -13.10 13.58 21.77
C GLU A 35 -11.71 13.43 21.14
N GLN A 36 -10.72 13.15 21.97
CA GLN A 36 -9.31 13.17 21.53
C GLN A 36 -8.79 11.80 21.12
N GLY A 37 -9.40 10.73 21.60
CA GLY A 37 -8.99 9.37 21.24
C GLY A 37 -7.90 8.74 22.14
N TYR A 38 -7.46 9.49 23.12
CA TYR A 38 -6.53 9.03 24.09
C TYR A 38 -6.78 9.83 25.37
N VAL A 39 -6.27 9.32 26.49
CA VAL A 39 -6.26 10.08 27.73
C VAL A 39 -5.23 9.54 28.70
N HIS A 40 -4.56 10.47 29.34
CA HIS A 40 -3.55 10.18 30.37
C HIS A 40 -4.21 10.17 31.74
N ILE A 41 -4.20 9.02 32.39
CA ILE A 41 -4.73 8.91 33.75
C ILE A 41 -3.58 8.68 34.74
N PRO A 42 -3.31 9.65 35.60
CA PRO A 42 -2.20 9.41 36.50
C PRO A 42 -2.52 8.62 37.76
N ARG A 43 -1.47 8.01 38.31
CA ARG A 43 -1.52 7.39 39.63
C ARG A 43 -2.63 6.31 39.77
N VAL A 44 -2.66 5.36 38.86
CA VAL A 44 -3.63 4.31 38.93
C VAL A 44 -3.08 3.18 39.81
N LEU A 45 -1.80 2.84 39.59
CA LEU A 45 -1.06 1.89 40.41
C LEU A 45 -0.17 2.57 41.41
N SER A 46 -0.12 2.01 42.61
CA SER A 46 0.77 2.47 43.65
C SER A 46 2.22 2.04 43.35
N GLU A 47 3.18 2.63 44.06
CA GLU A 47 4.60 2.25 43.95
C GLU A 47 4.80 0.76 44.22
N THR A 48 4.10 0.27 45.22
CA THR A 48 4.17 -1.13 45.58
C THR A 48 3.69 -2.03 44.46
N GLU A 49 2.54 -1.72 43.88
CA GLU A 49 2.00 -2.49 42.74
C GLU A 49 2.91 -2.46 41.51
N VAL A 50 3.46 -1.28 41.18
CA VAL A 50 4.43 -1.15 40.10
C VAL A 50 5.63 -2.11 40.31
N THR A 51 6.19 -2.10 41.49
CA THR A 51 7.32 -2.96 41.81
C THR A 51 6.96 -4.44 41.60
N ALA A 52 5.81 -4.85 42.09
CA ALA A 52 5.39 -6.26 42.01
C ALA A 52 5.09 -6.67 40.56
N PHE A 53 4.41 -5.79 39.82
CA PHE A 53 4.08 -6.12 38.43
C PHE A 53 5.32 -6.09 37.56
N ARG A 54 6.20 -5.12 37.80
CA ARG A 54 7.46 -5.09 37.03
C ARG A 54 8.28 -6.38 37.26
N ALA A 55 8.36 -6.82 38.51
CA ALA A 55 9.11 -8.03 38.84
C ALA A 55 8.53 -9.27 38.14
N ALA A 56 7.22 -9.36 38.13
CA ALA A 56 6.53 -10.48 37.44
C ALA A 56 6.79 -10.46 35.95
N CYS A 57 6.75 -9.27 35.36
CA CYS A 57 7.12 -9.13 33.95
C CYS A 57 8.57 -9.53 33.69
N GLU A 58 9.48 -9.19 34.61
CA GLU A 58 10.88 -9.59 34.49
C GLU A 58 10.98 -11.14 34.53
N GLU A 59 10.19 -11.77 35.38
CA GLU A 59 10.17 -13.22 35.42
C GLU A 59 9.69 -13.81 34.10
N VAL A 60 8.66 -13.23 33.51
CA VAL A 60 8.17 -13.69 32.22
C VAL A 60 9.26 -13.54 31.10
N LEU A 61 9.92 -12.39 31.07
CA LEU A 61 10.98 -12.18 30.11
C LEU A 61 12.06 -13.26 30.24
N GLU A 62 12.43 -13.57 31.46
CA GLU A 62 13.49 -14.53 31.70
C GLU A 62 13.06 -15.93 31.24
N LYS A 63 11.83 -16.27 31.54
CA LYS A 63 11.31 -17.62 31.28
C LYS A 63 10.92 -17.88 29.82
N GLU A 64 10.26 -16.92 29.21
CA GLU A 64 9.80 -17.02 27.83
C GLU A 64 10.83 -16.60 26.77
N GLY A 65 11.68 -15.65 27.11
CA GLY A 65 12.50 -15.01 26.10
C GLY A 65 11.69 -13.93 25.37
N ARG A 66 12.35 -12.86 24.92
CA ARG A 66 11.65 -11.79 24.22
C ARG A 66 11.68 -11.93 22.72
N GLU A 67 10.71 -11.31 22.08
CA GLU A 67 10.68 -11.18 20.65
C GLU A 67 10.97 -9.74 20.21
N ILE A 68 11.40 -9.61 18.96
CA ILE A 68 11.68 -8.29 18.36
C ILE A 68 10.50 -7.79 17.56
N TRP A 69 10.03 -6.62 17.91
CA TRP A 69 9.15 -5.88 17.04
C TRP A 69 10.07 -4.98 16.25
N GLY A 70 10.19 -5.27 14.94
CA GLY A 70 11.09 -4.56 14.05
C GLY A 70 11.70 -5.52 13.04
N ALA A 71 12.70 -5.06 12.30
CA ALA A 71 13.29 -5.86 11.22
C ALA A 71 14.65 -6.50 11.63
N GLY A 72 14.64 -7.31 12.66
CA GLY A 72 15.87 -8.01 13.06
C GLY A 72 16.67 -7.34 14.19
N GLU A 73 17.78 -7.97 14.55
CA GLU A 73 18.56 -7.57 15.72
C GLU A 73 19.08 -6.12 15.69
N ASP A 74 19.35 -5.59 14.50
CA ASP A 74 19.85 -4.22 14.38
C ASP A 74 18.78 -3.13 14.18
N GLU A 75 17.50 -3.50 14.21
CA GLU A 75 16.42 -2.56 13.93
C GLU A 75 15.27 -2.80 14.86
N VAL A 76 15.60 -2.84 16.15
CA VAL A 76 14.61 -3.12 17.16
C VAL A 76 13.83 -1.86 17.49
N GLN A 77 12.52 -1.90 17.30
CA GLN A 77 11.62 -0.88 17.85
C GLN A 77 11.24 -1.18 19.30
N VAL A 78 10.80 -2.42 19.56
CA VAL A 78 10.36 -2.83 20.88
C VAL A 78 10.70 -4.29 21.11
N HIS A 79 11.14 -4.63 22.33
CA HIS A 79 11.23 -6.06 22.74
C HIS A 79 9.94 -6.40 23.41
N TYR A 80 9.32 -7.51 23.03
CA TYR A 80 8.02 -7.83 23.60
C TYR A 80 7.82 -9.30 23.94
N VAL A 81 6.83 -9.53 24.79
CA VAL A 81 6.26 -10.86 25.01
C VAL A 81 4.76 -10.73 24.82
N ALA A 82 4.21 -11.48 23.86
CA ALA A 82 2.78 -11.40 23.55
C ALA A 82 1.97 -12.37 24.46
N GLN A 83 0.66 -12.11 24.56
CA GLN A 83 -0.24 -12.86 25.46
C GLN A 83 0.37 -12.95 26.86
N ALA A 84 0.99 -11.87 27.27
CA ALA A 84 1.88 -11.88 28.40
C ALA A 84 1.19 -12.19 29.70
N TRP A 85 -0.02 -11.68 29.87
CA TRP A 85 -0.74 -11.86 31.13
C TRP A 85 -1.05 -13.32 31.41
N GLN A 86 -1.10 -14.13 30.36
CA GLN A 86 -1.44 -15.56 30.49
C GLN A 86 -0.26 -16.31 31.01
N LYS A 87 0.91 -15.68 31.03
CA LYS A 87 2.17 -16.41 31.24
C LYS A 87 2.77 -16.23 32.63
N HIS A 88 2.03 -15.54 33.50
CA HIS A 88 2.39 -15.46 34.90
C HIS A 88 1.09 -15.38 35.69
N PRO A 89 0.93 -16.20 36.72
CA PRO A 89 -0.27 -16.14 37.58
C PRO A 89 -0.65 -14.72 38.06
N GLU A 90 0.32 -13.95 38.55
CA GLU A 90 0.07 -12.61 39.10
C GLU A 90 -0.39 -11.56 38.09
N LEU A 91 -0.21 -11.81 36.79
CA LEU A 91 -0.56 -10.77 35.79
C LEU A 91 -2.04 -10.72 35.48
N ARG A 92 -2.79 -11.73 35.89
CA ARG A 92 -4.23 -11.68 35.75
C ARG A 92 -4.75 -10.47 36.50
N SER A 93 -4.14 -10.19 37.64
CA SER A 93 -4.61 -9.12 38.51
C SER A 93 -4.14 -7.75 37.98
N LEU A 94 -3.33 -7.75 36.93
CA LEU A 94 -2.99 -6.55 36.21
C LEU A 94 -4.03 -6.25 35.15
N VAL A 95 -4.32 -7.21 34.27
CA VAL A 95 -5.28 -7.00 33.20
C VAL A 95 -6.74 -6.87 33.70
N LEU A 96 -7.06 -7.56 34.80
CA LEU A 96 -8.33 -7.40 35.49
C LEU A 96 -8.18 -6.61 36.76
N HIS A 97 -7.15 -5.77 36.86
CA HIS A 97 -7.03 -4.83 37.97
C HIS A 97 -8.33 -4.05 38.05
N PRO A 98 -8.88 -3.87 39.26
CA PRO A 98 -10.19 -3.22 39.35
C PRO A 98 -10.18 -1.78 38.85
N GLU A 99 -9.12 -1.04 39.13
CA GLU A 99 -9.10 0.33 38.72
C GLU A 99 -8.77 0.46 37.23
N ILE A 100 -7.74 -0.22 36.76
CA ILE A 100 -7.36 -0.10 35.36
C ILE A 100 -8.53 -0.54 34.46
N SER A 101 -9.09 -1.73 34.73
CA SER A 101 -10.09 -2.32 33.86
C SER A 101 -11.40 -1.59 34.07
N GLY A 102 -11.68 -1.17 35.27
CA GLY A 102 -12.89 -0.38 35.53
C GLY A 102 -12.88 1.00 34.84
N ILE A 103 -11.71 1.62 34.78
CA ILE A 103 -11.55 2.88 34.07
C ILE A 103 -11.74 2.64 32.57
N ALA A 104 -11.15 1.57 32.08
CA ALA A 104 -11.30 1.20 30.65
C ALA A 104 -12.75 1.06 30.25
N LEU A 105 -13.51 0.43 31.13
CA LEU A 105 -14.92 0.26 30.93
C LEU A 105 -15.68 1.58 30.87
N ARG A 106 -15.35 2.50 31.75
CA ARG A 106 -16.01 3.81 31.75
C ARG A 106 -15.65 4.61 30.51
N LEU A 107 -14.40 4.53 30.09
CA LEU A 107 -13.95 5.24 28.93
C LEU A 107 -14.63 4.69 27.67
N ALA A 108 -14.71 3.35 27.57
CA ALA A 108 -15.25 2.71 26.38
C ALA A 108 -16.72 2.89 26.24
N GLY A 109 -17.41 2.91 27.36
CA GLY A 109 -18.88 3.05 27.37
C GLY A 109 -19.61 1.82 26.88
N ALA A 110 -18.92 0.69 26.86
CA ALA A 110 -19.51 -0.57 26.38
C ALA A 110 -18.79 -1.77 27.00
N PRO A 111 -19.44 -2.96 27.02
CA PRO A 111 -18.81 -4.11 27.65
C PRO A 111 -17.52 -4.53 26.95
N LEU A 112 -16.55 -4.96 27.74
CA LEU A 112 -15.25 -5.33 27.25
C LEU A 112 -14.81 -6.70 27.69
N ARG A 113 -13.87 -7.25 26.94
CA ARG A 113 -13.12 -8.43 27.34
C ARG A 113 -11.64 -8.12 27.19
N VAL A 114 -10.82 -8.85 27.93
CA VAL A 114 -9.36 -8.82 27.68
C VAL A 114 -9.04 -9.65 26.41
N TYR A 115 -8.45 -8.99 25.41
CA TYR A 115 -8.01 -9.63 24.19
C TYR A 115 -6.63 -10.23 24.40
N SER A 116 -5.72 -9.42 24.93
CA SER A 116 -4.34 -9.82 25.08
C SER A 116 -3.61 -8.77 25.88
N SER A 117 -2.36 -9.07 26.21
CA SER A 117 -1.46 -8.04 26.72
C SER A 117 -0.07 -8.30 26.22
N ASP A 118 0.75 -7.26 26.29
CA ASP A 118 2.14 -7.39 25.89
C ASP A 118 3.06 -6.71 26.90
N ILE A 119 4.20 -7.33 27.15
CA ILE A 119 5.27 -6.65 27.81
C ILE A 119 5.99 -5.86 26.74
N LEU A 120 6.21 -4.56 26.98
CA LEU A 120 6.73 -3.64 25.93
C LEU A 120 7.94 -2.86 26.41
N VAL A 121 9.12 -3.35 26.02
CA VAL A 121 10.40 -2.87 26.57
C VAL A 121 11.18 -2.15 25.52
N LYS A 122 11.76 -1.00 25.88
CA LYS A 122 12.74 -0.33 25.00
C LYS A 122 14.07 -0.17 25.73
N GLU A 123 15.12 -0.78 25.21
CA GLU A 123 16.42 -0.66 25.79
C GLU A 123 17.04 0.67 25.37
N PRO A 124 17.82 1.29 26.27
CA PRO A 124 18.41 2.59 26.00
C PRO A 124 19.49 2.53 24.94
N LYS A 125 19.42 3.45 23.99
CA LYS A 125 20.42 3.58 22.92
C LYS A 125 20.47 2.41 21.92
N ARG A 126 19.55 1.48 22.01
CA ARG A 126 19.49 0.35 21.08
C ARG A 126 18.13 0.18 20.42
N THR A 127 17.31 1.20 20.50
CA THR A 127 15.99 1.15 19.93
C THR A 127 15.70 2.24 18.92
N LEU A 128 14.93 1.84 17.94
CA LEU A 128 14.29 2.77 17.01
C LEU A 128 13.00 3.32 17.58
N PRO A 129 12.49 4.39 16.98
CA PRO A 129 11.12 4.77 17.30
C PRO A 129 10.17 3.66 16.93
N THR A 130 9.05 3.58 17.63
CA THR A 130 7.97 2.68 17.23
C THR A 130 7.17 3.36 16.11
N LEU A 131 7.17 2.75 14.96
CA LEU A 131 6.56 3.30 13.78
C LEU A 131 5.08 3.57 14.00
N VAL A 132 4.65 4.72 13.50
CA VAL A 132 3.26 5.16 13.59
C VAL A 132 2.26 4.11 13.04
N HIS A 133 1.13 3.97 13.72
CA HIS A 133 0.09 3.03 13.31
C HIS A 133 -1.18 3.26 14.09
N ASP A 134 -2.24 2.57 13.72
CA ASP A 134 -3.36 2.38 14.63
C ASP A 134 -3.43 0.88 14.95
N ASP A 135 -4.12 0.54 16.02
CA ASP A 135 -4.05 -0.85 16.53
C ASP A 135 -5.03 -1.73 15.78
N GLU A 136 -6.16 -1.15 15.38
CA GLU A 136 -7.17 -1.84 14.64
C GLU A 136 -6.60 -2.59 13.46
N THR A 137 -5.69 -1.97 12.77
CA THR A 137 -5.14 -2.52 11.54
C THR A 137 -4.49 -3.90 11.76
N GLY A 138 -3.79 -4.04 12.89
CA GLY A 138 -3.12 -5.28 13.25
C GLY A 138 -3.83 -6.24 14.21
N LEU A 139 -5.08 -5.95 14.58
CA LEU A 139 -5.87 -6.86 15.42
C LEU A 139 -6.65 -7.82 14.56
N PRO A 140 -6.55 -9.12 14.84
CA PRO A 140 -7.19 -10.16 14.01
C PRO A 140 -8.65 -10.35 14.42
N LEU A 141 -9.39 -9.25 14.37
CA LEU A 141 -10.75 -9.18 14.87
C LEU A 141 -11.69 -8.48 13.91
N ASN A 142 -12.95 -8.89 13.93
CA ASN A 142 -14.03 -8.18 13.30
C ASN A 142 -14.72 -7.45 14.38
N GLU A 143 -15.56 -6.50 13.95
CA GLU A 143 -16.62 -6.04 14.83
C GLU A 143 -16.08 -5.06 15.88
N LEU A 144 -15.10 -4.26 15.46
CA LEU A 144 -14.55 -3.31 16.44
C LEU A 144 -15.26 -2.00 16.47
N SER A 145 -15.48 -1.57 17.69
CA SER A 145 -16.19 -0.36 17.93
C SER A 145 -15.52 0.43 19.06
N ALA A 146 -15.52 -0.13 20.26
CA ALA A 146 -15.03 0.59 21.42
C ALA A 146 -13.72 0.03 21.92
N THR A 147 -13.14 -0.91 21.18
CA THR A 147 -11.88 -1.50 21.57
C THR A 147 -10.84 -0.40 21.85
N LEU A 148 -10.10 -0.59 22.95
CA LEU A 148 -9.06 0.34 23.39
C LEU A 148 -7.93 -0.36 24.14
N THR A 149 -6.82 0.35 24.28
CA THR A 149 -5.61 -0.18 24.89
C THR A 149 -5.23 0.65 26.10
N ALA A 150 -4.88 -0.03 27.19
CA ALA A 150 -4.30 0.60 28.36
C ALA A 150 -2.79 0.41 28.29
N TRP A 151 -2.04 1.50 28.21
CA TRP A 151 -0.59 1.46 28.15
C TRP A 151 -0.09 1.85 29.50
N ILE A 152 0.30 0.85 30.26
CA ILE A 152 0.59 1.01 31.68
C ILE A 152 2.08 1.21 31.83
N ALA A 153 2.48 2.29 32.45
CA ALA A 153 3.91 2.55 32.66
C ALA A 153 4.42 1.85 33.90
N LEU A 154 5.45 1.03 33.74
CA LEU A 154 6.08 0.32 34.86
C LEU A 154 7.48 0.85 35.17
N THR A 155 7.90 1.81 34.38
CA THR A 155 9.01 2.69 34.72
C THR A 155 8.54 4.11 34.48
N ASP A 156 9.23 5.09 35.03
CA ASP A 156 9.05 6.47 34.54
C ASP A 156 9.32 6.53 33.02
N VAL A 157 8.59 7.42 32.33
CA VAL A 157 8.79 7.60 30.87
C VAL A 157 8.81 9.06 30.44
N PRO A 158 9.93 9.74 30.71
CA PRO A 158 10.08 11.06 30.17
C PRO A 158 10.22 10.88 28.68
N VAL A 159 10.16 11.98 27.95
CA VAL A 159 10.08 11.93 26.50
C VAL A 159 11.16 11.08 25.83
N GLU A 160 12.39 11.32 26.22
CA GLU A 160 13.53 10.66 25.62
C GLU A 160 13.73 9.22 26.06
N ARG A 161 12.91 8.73 26.99
CA ARG A 161 12.97 7.29 27.36
C ARG A 161 12.04 6.43 26.52
N GLY A 162 11.51 6.98 25.43
CA GLY A 162 10.61 6.23 24.56
C GLY A 162 9.14 6.42 24.81
N CYS A 163 8.72 7.64 25.06
CA CYS A 163 7.33 7.88 25.39
C CYS A 163 6.44 7.80 24.16
N MET A 164 5.15 7.69 24.41
CA MET A 164 4.16 7.58 23.34
C MET A 164 3.77 8.97 22.82
N SER A 165 3.38 9.05 21.56
CA SER A 165 2.72 10.22 21.01
C SER A 165 1.47 9.82 20.27
N TYR A 166 0.50 10.73 20.22
CA TYR A 166 -0.84 10.46 19.67
C TYR A 166 -1.27 11.60 18.75
N VAL A 167 -2.07 11.26 17.75
CA VAL A 167 -2.68 12.23 16.89
C VAL A 167 -4.12 12.46 17.40
N PRO A 168 -4.36 13.60 18.08
CA PRO A 168 -5.69 13.92 18.59
C PRO A 168 -6.81 13.85 17.55
N GLY A 169 -7.89 13.17 17.89
CA GLY A 169 -9.08 13.07 17.03
C GLY A 169 -8.94 12.06 15.91
N SER A 170 -7.82 11.38 15.80
CA SER A 170 -7.57 10.50 14.67
C SER A 170 -8.43 9.21 14.69
N HIS A 171 -8.97 8.87 15.84
CA HIS A 171 -9.94 7.79 15.94
C HIS A 171 -11.27 8.05 15.25
N LEU A 172 -11.53 9.28 14.88
CA LEU A 172 -12.74 9.62 14.19
C LEU A 172 -12.55 9.72 12.68
N ARG A 173 -11.40 9.30 12.16
CA ARG A 173 -11.20 9.30 10.73
C ARG A 173 -12.29 8.55 9.98
N ALA A 174 -12.67 9.10 8.82
CA ALA A 174 -13.58 8.44 7.89
C ALA A 174 -12.93 7.19 7.33
N ARG A 175 -13.74 6.29 6.79
CA ARG A 175 -13.26 4.99 6.23
C ARG A 175 -12.13 5.11 5.22
N GLU A 176 -12.28 6.05 4.31
CA GLU A 176 -11.28 6.25 3.27
C GLU A 176 -9.87 6.65 3.81
N ASP A 177 -9.82 7.15 5.04
CA ASP A 177 -8.58 7.57 5.68
C ASP A 177 -8.03 6.53 6.69
N ARG A 178 -8.60 5.35 6.70
CA ARG A 178 -8.20 4.27 7.60
C ARG A 178 -7.79 3.04 6.82
N GLN A 179 -6.78 2.36 7.31
CA GLN A 179 -6.43 1.11 6.67
C GLN A 179 -7.37 -0.06 7.07
N GLU A 180 -7.82 -0.06 8.33
CA GLU A 180 -8.66 -1.15 8.94
C GLU A 180 -8.08 -2.53 9.25
N HIS A 181 -7.49 -3.20 8.27
CA HIS A 181 -7.12 -4.56 8.48
C HIS A 181 -6.07 -5.05 7.53
N MET A 182 -5.02 -5.65 8.07
CA MET A 182 -4.04 -6.35 7.25
C MET A 182 -4.21 -7.86 7.32
N THR A 183 -4.50 -8.48 6.19
CA THR A 183 -4.53 -9.93 6.13
C THR A 183 -3.11 -10.48 6.08
N SER A 184 -2.23 -9.81 5.36
CA SER A 184 -0.81 -10.14 5.29
C SER A 184 0.03 -8.88 5.20
N PHE A 185 1.32 -8.98 5.47
CA PHE A 185 2.18 -7.80 5.55
C PHE A 185 2.39 -7.07 4.22
N ALA A 186 2.17 -7.74 3.11
CA ALA A 186 2.20 -7.09 1.81
C ALA A 186 1.18 -5.93 1.69
N GLU A 187 0.18 -5.89 2.57
CA GLU A 187 -0.82 -4.86 2.55
C GLU A 187 -0.38 -3.55 3.25
N PHE A 188 0.82 -3.56 3.82
CA PHE A 188 1.34 -2.41 4.47
C PHE A 188 1.39 -1.24 3.50
N ARG A 189 0.90 -0.11 3.99
CA ARG A 189 0.98 1.18 3.28
C ARG A 189 1.46 2.30 4.24
N ASP A 190 2.28 3.23 3.72
CA ASP A 190 2.68 4.39 4.49
C ASP A 190 1.42 5.12 4.90
N LEU A 191 1.41 5.60 6.13
CA LEU A 191 0.20 6.26 6.61
C LEU A 191 -0.22 7.48 5.77
N ALA A 192 0.75 8.21 5.22
CA ALA A 192 0.43 9.36 4.37
C ALA A 192 -0.29 8.95 3.10
N ASP A 193 -0.07 7.71 2.62
CA ASP A 193 -0.80 7.21 1.42
C ASP A 193 -2.25 6.82 1.74
N VAL A 194 -2.43 6.21 2.92
CA VAL A 194 -3.75 5.89 3.45
C VAL A 194 -4.55 7.14 3.85
N TRP A 195 -3.90 8.02 4.62
CA TRP A 195 -4.49 9.25 5.15
C TRP A 195 -3.72 10.50 4.68
N PRO A 196 -4.07 11.04 3.52
CA PRO A 196 -3.25 12.11 2.93
C PRO A 196 -2.97 13.30 3.84
N ASP A 197 -3.89 13.59 4.72
CA ASP A 197 -3.74 14.74 5.62
C ASP A 197 -2.89 14.43 6.88
N TYR A 198 -2.46 13.18 7.05
CA TYR A 198 -1.65 12.78 8.21
C TYR A 198 -0.51 13.73 8.52
N PRO A 199 0.30 14.06 7.52
CA PRO A 199 1.44 14.93 7.81
C PRO A 199 1.12 16.36 8.34
N TRP A 200 -0.12 16.81 8.18
CA TRP A 200 -0.54 18.14 8.64
C TRP A 200 -1.32 18.08 9.95
N GLN A 201 -1.41 16.90 10.53
CA GLN A 201 -2.05 16.73 11.85
C GLN A 201 -1.07 16.98 12.98
N PRO A 202 -1.55 17.57 14.06
CA PRO A 202 -0.74 17.70 15.24
C PRO A 202 -0.42 16.33 15.89
N ARG A 203 0.70 16.29 16.60
CA ARG A 203 1.24 15.09 17.24
C ARG A 203 1.57 15.42 18.71
N VAL A 204 0.95 14.74 19.66
CA VAL A 204 1.12 15.07 21.09
C VAL A 204 1.94 14.02 21.80
N ALA A 205 3.08 14.43 22.35
CA ALA A 205 3.90 13.52 23.14
C ALA A 205 3.46 13.57 24.57
N VAL A 206 3.30 12.41 25.19
CA VAL A 206 2.73 12.29 26.52
C VAL A 206 3.69 11.54 27.46
N PRO A 207 4.65 12.24 28.04
CA PRO A 207 5.48 11.58 29.02
C PRO A 207 4.70 11.28 30.28
N VAL A 208 5.09 10.20 30.96
CA VAL A 208 4.35 9.75 32.14
C VAL A 208 5.27 9.21 33.23
N ARG A 209 4.73 9.15 34.44
CA ARG A 209 5.41 8.57 35.57
C ARG A 209 5.00 7.10 35.74
N ALA A 210 5.85 6.31 36.36
CA ALA A 210 5.51 4.91 36.70
C ALA A 210 4.23 4.85 37.47
N GLY A 211 3.33 3.97 37.07
CA GLY A 211 2.03 3.83 37.71
C GLY A 211 0.91 4.57 37.01
N ASP A 212 1.28 5.48 36.12
CA ASP A 212 0.29 6.15 35.28
C ASP A 212 -0.15 5.20 34.17
N VAL A 213 -1.30 5.51 33.61
CA VAL A 213 -1.79 4.77 32.44
C VAL A 213 -2.27 5.74 31.39
N VAL A 214 -1.91 5.50 30.14
CA VAL A 214 -2.52 6.22 29.05
C VAL A 214 -3.36 5.25 28.25
N PHE A 215 -4.62 5.59 28.03
CA PHE A 215 -5.56 4.78 27.26
C PHE A 215 -5.72 5.36 25.89
N HIS A 216 -5.75 4.51 24.88
CA HIS A 216 -6.04 4.99 23.51
C HIS A 216 -6.94 4.05 22.73
N HIS A 217 -7.85 4.66 21.99
CA HIS A 217 -8.77 3.94 21.13
C HIS A 217 -8.06 3.18 20.00
N CYS A 218 -8.69 2.10 19.53
CA CYS A 218 -8.07 1.21 18.52
C CYS A 218 -7.88 1.87 17.14
N ARG A 219 -8.51 3.02 16.95
CA ARG A 219 -8.34 3.84 15.73
C ARG A 219 -7.49 5.05 15.91
N THR A 220 -7.07 5.32 17.14
CA THR A 220 -6.22 6.46 17.41
C THR A 220 -4.83 6.17 16.83
N VAL A 221 -4.38 7.07 15.97
CA VAL A 221 -3.06 6.98 15.40
C VAL A 221 -2.05 7.31 16.50
N HIS A 222 -1.05 6.46 16.66
CA HIS A 222 -0.04 6.69 17.64
C HIS A 222 1.32 6.13 17.24
N MET A 223 2.32 6.46 18.05
CA MET A 223 3.69 6.10 17.77
C MET A 223 4.50 6.19 19.08
N ALA A 224 5.79 5.87 19.04
CA ALA A 224 6.65 6.12 20.19
C ALA A 224 8.06 6.52 19.81
N GLU A 225 8.70 7.28 20.70
CA GLU A 225 10.09 7.71 20.54
C GLU A 225 11.04 6.56 20.68
N ALA A 226 12.20 6.70 20.09
CA ALA A 226 13.36 5.89 20.47
C ALA A 226 13.69 6.15 21.94
N ASN A 227 14.29 5.18 22.60
CA ASN A 227 14.80 5.40 23.94
C ASN A 227 16.24 5.77 23.81
N THR A 228 16.54 7.06 24.04
CA THR A 228 17.91 7.60 24.01
C THR A 228 18.35 8.02 25.38
N SER A 229 17.59 7.64 26.40
CA SER A 229 18.00 7.84 27.79
C SER A 229 19.09 6.82 28.21
N ASP A 230 19.34 6.75 29.51
CA ASP A 230 20.30 5.83 30.06
C ASP A 230 19.62 4.64 30.75
N SER A 231 18.28 4.59 30.68
CA SER A 231 17.52 3.59 31.45
C SER A 231 16.50 2.89 30.58
N VAL A 232 16.27 1.63 30.91
CA VAL A 232 15.30 0.83 30.27
C VAL A 232 13.91 1.46 30.41
N ARG A 233 13.11 1.36 29.38
CA ARG A 233 11.67 1.68 29.48
C ARG A 233 10.84 0.43 29.49
N MET A 234 9.92 0.29 30.43
CA MET A 234 9.00 -0.85 30.38
C MET A 234 7.58 -0.36 30.54
N ALA A 235 6.76 -0.69 29.55
CA ALA A 235 5.33 -0.58 29.72
C ALA A 235 4.65 -1.95 29.57
N HIS A 236 3.38 -2.01 29.96
CA HIS A 236 2.54 -3.17 29.73
C HIS A 236 1.30 -2.71 29.00
N GLY A 237 1.10 -3.22 27.79
CA GLY A 237 -0.02 -2.81 26.98
C GLY A 237 -1.12 -3.85 27.11
N VAL A 238 -2.30 -3.42 27.49
CA VAL A 238 -3.43 -4.35 27.59
C VAL A 238 -4.52 -3.97 26.56
N VAL A 239 -4.92 -4.91 25.70
CA VAL A 239 -5.97 -4.61 24.73
C VAL A 239 -7.28 -5.12 25.25
N TYR A 240 -8.19 -4.21 25.49
CA TYR A 240 -9.56 -4.52 25.91
C TYR A 240 -10.47 -4.42 24.68
N MET A 241 -10.99 -5.56 24.23
CA MET A 241 -11.78 -5.60 23.04
C MET A 241 -13.25 -5.55 23.37
N ASP A 242 -14.04 -5.19 22.38
CA ASP A 242 -15.48 -5.30 22.47
C ASP A 242 -15.84 -6.73 22.91
N ALA A 243 -16.80 -6.83 23.83
CA ALA A 243 -17.13 -8.14 24.44
C ALA A 243 -17.71 -9.18 23.48
N ASP A 244 -18.15 -8.74 22.31
CA ASP A 244 -18.72 -9.65 21.29
C ASP A 244 -17.80 -9.72 20.07
N ALA A 245 -16.54 -9.36 20.22
CA ALA A 245 -15.55 -9.50 19.14
C ALA A 245 -15.39 -10.91 18.62
N THR A 246 -15.21 -11.03 17.31
CA THR A 246 -15.01 -12.31 16.65
C THR A 246 -13.71 -12.36 15.90
N TYR A 247 -13.29 -13.58 15.52
CA TYR A 247 -11.96 -13.82 14.92
C TYR A 247 -11.93 -13.54 13.40
N ARG A 248 -10.93 -12.77 13.01
CA ARG A 248 -10.72 -12.43 11.60
C ARG A 248 -9.28 -12.67 11.23
N PRO A 249 -9.02 -13.57 10.27
CA PRO A 249 -7.65 -13.94 9.98
C PRO A 249 -6.82 -12.76 9.53
N GLY A 250 -5.60 -12.74 10.03
CA GLY A 250 -4.72 -11.63 9.74
C GLY A 250 -3.36 -11.84 10.27
N VAL A 251 -2.57 -10.76 10.14
CA VAL A 251 -1.22 -10.79 10.59
C VAL A 251 -1.52 -10.90 12.10
N GLN A 252 -0.57 -11.35 12.88
CA GLN A 252 -0.70 -11.49 14.33
C GLN A 252 -1.73 -12.47 14.89
N ASP A 253 -2.05 -13.53 14.16
CA ASP A 253 -3.10 -14.46 14.61
C ASP A 253 -2.60 -15.86 14.90
N GLY A 254 -1.28 -16.02 14.96
CA GLY A 254 -0.67 -17.35 15.14
C GLY A 254 -1.15 -18.12 16.35
N HIS A 255 -1.40 -17.40 17.43
CA HIS A 255 -1.90 -17.99 18.68
C HIS A 255 -3.40 -18.31 18.69
N LEU A 256 -4.08 -18.06 17.57
CA LEU A 256 -5.54 -18.30 17.45
C LEU A 256 -5.85 -19.46 16.50
N SER A 257 -4.90 -20.36 16.31
CA SER A 257 -5.09 -21.50 15.42
C SER A 257 -6.29 -22.37 15.77
N ARG A 258 -6.67 -22.41 17.04
CA ARG A 258 -7.81 -23.28 17.46
C ARG A 258 -9.15 -22.71 16.99
N LEU A 259 -9.16 -21.45 16.55
CA LEU A 259 -10.43 -20.81 16.15
C LEU A 259 -10.69 -20.83 14.64
N SER A 260 -11.97 -20.77 14.29
CA SER A 260 -12.39 -20.60 12.90
C SER A 260 -12.86 -19.16 12.67
N PRO A 261 -12.70 -18.65 11.45
CA PRO A 261 -13.19 -17.29 11.15
C PRO A 261 -14.61 -17.04 11.60
N GLY A 262 -14.84 -15.91 12.26
CA GLY A 262 -16.16 -15.57 12.75
C GLY A 262 -16.48 -16.10 14.15
N ASP A 263 -15.64 -17.01 14.66
CA ASP A 263 -15.83 -17.52 16.00
C ASP A 263 -15.66 -16.39 17.02
N PRO A 264 -16.52 -16.41 18.06
CA PRO A 264 -16.35 -15.44 19.09
C PRO A 264 -15.12 -15.77 19.94
N LEU A 265 -14.48 -14.74 20.49
CA LEU A 265 -13.40 -14.91 21.43
C LEU A 265 -13.98 -14.80 22.84
N GLU A 266 -13.99 -15.90 23.54
CA GLU A 266 -14.73 -16.01 24.80
C GLU A 266 -14.05 -17.03 25.70
N GLY A 267 -14.58 -17.23 26.89
CA GLY A 267 -13.97 -18.19 27.83
C GLY A 267 -12.80 -17.61 28.63
N GLU A 268 -12.01 -18.49 29.23
CA GLU A 268 -11.04 -18.08 30.24
C GLU A 268 -9.87 -17.30 29.68
N LEU A 269 -9.52 -17.52 28.43
CA LEU A 269 -8.42 -16.77 27.81
C LEU A 269 -8.81 -15.33 27.41
N PHE A 270 -10.09 -15.05 27.35
CA PHE A 270 -10.59 -13.75 26.95
C PHE A 270 -11.65 -13.28 27.95
N PRO A 271 -11.24 -13.05 29.20
CA PRO A 271 -12.22 -12.86 30.28
C PRO A 271 -12.92 -11.52 30.22
N LEU A 272 -14.18 -11.53 30.63
CA LEU A 272 -15.00 -10.33 30.72
C LEU A 272 -14.47 -9.40 31.78
N VAL A 273 -14.49 -8.10 31.47
CA VAL A 273 -14.22 -7.07 32.45
C VAL A 273 -15.48 -6.80 33.23
N THR A 274 -15.39 -6.90 34.55
CA THR A 274 -16.49 -6.66 35.46
C THR A 274 -16.04 -5.53 36.41
N GLY B 17 -16.00 -28.63 -21.97
CA GLY B 17 -14.78 -28.72 -21.10
C GLY B 17 -14.54 -30.05 -20.36
N GLY B 18 -15.61 -30.83 -20.10
CA GLY B 18 -15.55 -32.05 -19.22
C GLY B 18 -16.12 -31.88 -17.81
N PRO B 19 -16.38 -33.00 -17.13
CA PRO B 19 -16.99 -32.89 -15.80
C PRO B 19 -16.12 -32.21 -14.78
N THR B 20 -16.72 -31.49 -13.85
CA THR B 20 -15.97 -30.99 -12.68
C THR B 20 -16.17 -31.97 -11.52
N THR B 21 -15.06 -32.36 -10.91
CA THR B 21 -15.06 -33.30 -9.80
C THR B 21 -14.42 -32.64 -8.58
N ALA B 22 -14.51 -33.29 -7.43
CA ALA B 22 -13.82 -32.81 -6.24
C ALA B 22 -12.31 -32.77 -6.43
N GLU B 23 -11.78 -33.70 -7.20
CA GLU B 23 -10.32 -33.82 -7.41
C GLU B 23 -9.78 -32.74 -8.38
N ASN B 24 -10.54 -32.42 -9.44
CA ASN B 24 -10.06 -31.47 -10.45
C ASN B 24 -10.54 -30.02 -10.26
N LEU B 25 -11.34 -29.79 -9.23
CA LEU B 25 -11.78 -28.46 -8.87
C LEU B 25 -10.59 -27.50 -8.74
N SER B 26 -10.64 -26.36 -9.44
CA SER B 26 -9.52 -25.41 -9.47
C SER B 26 -9.41 -24.59 -8.21
N LYS B 27 -8.18 -24.26 -7.86
CA LYS B 27 -7.92 -23.34 -6.78
C LYS B 27 -8.60 -22.00 -7.01
N GLU B 28 -8.77 -21.60 -8.26
CA GLU B 28 -9.43 -20.35 -8.62
C GLU B 28 -10.92 -20.39 -8.26
N ALA B 29 -11.55 -21.51 -8.50
CA ALA B 29 -12.93 -21.68 -8.10
C ALA B 29 -13.09 -21.59 -6.57
N VAL B 30 -12.16 -22.17 -5.83
CA VAL B 30 -12.24 -22.10 -4.36
C VAL B 30 -12.04 -20.66 -3.89
N ARG B 31 -11.07 -19.98 -4.47
CA ARG B 31 -10.82 -18.59 -4.12
C ARG B 31 -12.03 -17.73 -4.47
N PHE B 32 -12.66 -18.01 -5.60
CA PHE B 32 -13.83 -17.24 -6.02
C PHE B 32 -14.91 -17.37 -4.97
N TYR B 33 -15.17 -18.59 -4.57
CA TYR B 33 -16.14 -18.87 -3.53
C TYR B 33 -15.80 -18.09 -2.25
N ARG B 34 -14.57 -18.15 -1.78
CA ARG B 34 -14.24 -17.54 -0.49
C ARG B 34 -14.39 -16.02 -0.54
N GLU B 35 -14.05 -15.40 -1.66
CA GLU B 35 -14.11 -13.94 -1.80
C GLU B 35 -15.51 -13.43 -2.14
N GLN B 36 -16.21 -14.17 -3.02
CA GLN B 36 -17.51 -13.72 -3.52
C GLN B 36 -18.70 -14.23 -2.73
N GLY B 37 -18.54 -15.38 -2.05
CA GLY B 37 -19.64 -15.98 -1.25
C GLY B 37 -20.54 -16.95 -2.01
N TYR B 38 -20.24 -17.16 -3.27
CA TYR B 38 -20.95 -18.11 -4.09
C TYR B 38 -20.01 -18.55 -5.18
N VAL B 39 -20.28 -19.70 -5.80
CA VAL B 39 -19.55 -20.11 -7.01
C VAL B 39 -20.34 -21.08 -7.86
N HIS B 40 -20.24 -20.89 -9.17
CA HIS B 40 -20.90 -21.73 -10.17
C HIS B 40 -19.97 -22.81 -10.62
N ILE B 41 -20.32 -24.06 -10.36
CA ILE B 41 -19.50 -25.20 -10.79
C ILE B 41 -20.22 -25.98 -11.87
N PRO B 42 -19.66 -26.01 -13.07
CA PRO B 42 -20.48 -26.67 -14.12
C PRO B 42 -20.21 -28.17 -14.25
N ARG B 43 -21.18 -28.88 -14.81
CA ARG B 43 -21.05 -30.25 -15.21
C ARG B 43 -20.60 -31.15 -14.04
N VAL B 44 -21.30 -31.09 -12.93
CA VAL B 44 -21.01 -31.97 -11.80
C VAL B 44 -21.71 -33.34 -11.98
N LEU B 45 -22.98 -33.29 -12.36
CA LEU B 45 -23.79 -34.46 -12.68
C LEU B 45 -23.92 -34.67 -14.17
N SER B 46 -23.89 -35.94 -14.57
CA SER B 46 -24.07 -36.33 -15.97
C SER B 46 -25.53 -36.26 -16.35
N GLU B 47 -25.81 -36.31 -17.64
CA GLU B 47 -27.17 -36.30 -18.15
C GLU B 47 -27.97 -37.46 -17.58
N THR B 48 -27.36 -38.62 -17.50
CA THR B 48 -27.97 -39.78 -16.91
C THR B 48 -28.34 -39.59 -15.44
N GLU B 49 -27.41 -39.08 -14.66
CA GLU B 49 -27.70 -38.78 -13.26
C GLU B 49 -28.83 -37.76 -13.09
N VAL B 50 -28.83 -36.71 -13.90
CA VAL B 50 -29.86 -35.69 -13.81
C VAL B 50 -31.22 -36.35 -14.02
N THR B 51 -31.31 -37.19 -15.04
CA THR B 51 -32.58 -37.82 -15.39
C THR B 51 -33.06 -38.67 -14.23
N ALA B 52 -32.16 -39.43 -13.64
CA ALA B 52 -32.54 -40.30 -12.52
C ALA B 52 -32.96 -39.50 -11.27
N PHE B 53 -32.20 -38.44 -10.96
CA PHE B 53 -32.49 -37.68 -9.74
C PHE B 53 -33.73 -36.85 -9.91
N ARG B 54 -33.92 -36.31 -11.09
CA ARG B 54 -35.17 -35.61 -11.37
C ARG B 54 -36.40 -36.51 -11.23
N ALA B 55 -36.32 -37.70 -11.78
CA ALA B 55 -37.43 -38.66 -11.71
C ALA B 55 -37.76 -39.02 -10.24
N ALA B 56 -36.74 -39.20 -9.43
CA ALA B 56 -36.92 -39.47 -8.01
C ALA B 56 -37.59 -38.31 -7.30
N CYS B 57 -37.14 -37.10 -7.60
CA CYS B 57 -37.78 -35.91 -7.03
C CYS B 57 -39.22 -35.77 -7.48
N GLU B 58 -39.53 -36.14 -8.71
CA GLU B 58 -40.93 -36.17 -9.17
C GLU B 58 -41.76 -37.19 -8.36
N GLU B 59 -41.19 -38.35 -8.09
CA GLU B 59 -41.90 -39.33 -7.27
C GLU B 59 -42.19 -38.75 -5.88
N VAL B 60 -41.22 -38.06 -5.30
CA VAL B 60 -41.41 -37.50 -3.98
C VAL B 60 -42.53 -36.45 -4.00
N LEU B 61 -42.50 -35.56 -4.99
CA LEU B 61 -43.57 -34.55 -5.11
C LEU B 61 -44.94 -35.15 -5.21
N GLU B 62 -45.05 -36.21 -6.01
CA GLU B 62 -46.33 -36.90 -6.18
C GLU B 62 -46.77 -37.50 -4.84
N LYS B 63 -45.84 -38.13 -4.13
CA LYS B 63 -46.14 -38.91 -2.91
C LYS B 63 -46.41 -38.02 -1.67
N GLU B 64 -45.56 -37.02 -1.49
CA GLU B 64 -45.60 -36.16 -0.29
C GLU B 64 -46.52 -34.95 -0.45
N GLY B 65 -46.70 -34.51 -1.68
CA GLY B 65 -47.38 -33.28 -1.93
C GLY B 65 -46.40 -32.16 -1.68
N ARG B 66 -46.59 -31.05 -2.37
CA ARG B 66 -45.70 -29.94 -2.20
C ARG B 66 -46.24 -28.89 -1.25
N GLU B 67 -45.32 -28.11 -0.70
CA GLU B 67 -45.68 -26.99 0.16
C GLU B 67 -45.37 -25.70 -0.53
N ILE B 68 -46.03 -24.65 -0.08
CA ILE B 68 -45.85 -23.33 -0.66
C ILE B 68 -44.89 -22.50 0.17
N TRP B 69 -43.84 -22.03 -0.46
CA TRP B 69 -43.00 -21.01 0.12
C TRP B 69 -43.53 -19.69 -0.45
N GLY B 70 -44.16 -18.89 0.42
CA GLY B 70 -44.86 -17.68 0.01
C GLY B 70 -46.11 -17.46 0.83
N ALA B 71 -46.90 -16.46 0.47
CA ALA B 71 -48.06 -16.07 1.32
C ALA B 71 -49.43 -16.73 1.03
N GLY B 72 -49.46 -17.78 0.22
CA GLY B 72 -50.71 -18.52 -0.12
C GLY B 72 -50.72 -18.90 -1.59
N GLU B 73 -51.82 -19.50 -2.04
CA GLU B 73 -51.89 -20.09 -3.39
C GLU B 73 -51.60 -19.06 -4.50
N ASP B 74 -51.94 -17.80 -4.28
CA ASP B 74 -51.75 -16.76 -5.30
C ASP B 74 -50.42 -16.03 -5.24
N GLU B 75 -49.56 -16.44 -4.31
CA GLU B 75 -48.32 -15.72 -4.08
C GLU B 75 -47.19 -16.70 -3.85
N VAL B 76 -47.11 -17.69 -4.74
CA VAL B 76 -46.13 -18.76 -4.63
C VAL B 76 -44.78 -18.29 -5.14
N GLN B 77 -43.78 -18.31 -4.29
CA GLN B 77 -42.41 -18.10 -4.73
C GLN B 77 -41.78 -19.42 -5.17
N VAL B 78 -41.93 -20.46 -4.34
CA VAL B 78 -41.39 -21.77 -4.65
C VAL B 78 -42.32 -22.85 -4.12
N HIS B 79 -42.45 -23.94 -4.87
CA HIS B 79 -43.08 -25.18 -4.34
C HIS B 79 -41.94 -26.05 -3.85
N TYR B 80 -42.06 -26.54 -2.63
CA TYR B 80 -40.97 -27.32 -2.05
C TYR B 80 -41.43 -28.53 -1.30
N VAL B 81 -40.47 -29.44 -1.13
CA VAL B 81 -40.56 -30.51 -0.17
C VAL B 81 -39.32 -30.45 0.71
N ALA B 82 -39.50 -30.30 2.00
CA ALA B 82 -38.39 -30.19 2.94
C ALA B 82 -37.89 -31.59 3.39
N GLN B 83 -36.66 -31.65 3.93
CA GLN B 83 -36.02 -32.89 4.33
C GLN B 83 -36.16 -33.91 3.21
N ALA B 84 -36.05 -33.41 1.99
CA ALA B 84 -36.44 -34.16 0.82
C ALA B 84 -35.64 -35.45 0.64
N TRP B 85 -34.35 -35.40 0.92
CA TRP B 85 -33.48 -36.55 0.65
C TRP B 85 -33.90 -37.73 1.48
N GLN B 86 -34.55 -37.48 2.61
CA GLN B 86 -34.94 -38.51 3.53
C GLN B 86 -36.12 -39.30 3.01
N LYS B 87 -36.75 -38.78 1.96
CA LYS B 87 -38.07 -39.25 1.54
C LYS B 87 -38.07 -40.08 0.27
N HIS B 88 -36.89 -40.37 -0.23
CA HIS B 88 -36.71 -41.34 -1.33
C HIS B 88 -35.38 -42.08 -1.17
N PRO B 89 -35.38 -43.42 -1.35
CA PRO B 89 -34.15 -44.24 -1.18
C PRO B 89 -32.97 -43.70 -2.00
N GLU B 90 -33.23 -43.31 -3.24
CA GLU B 90 -32.17 -42.84 -4.13
C GLU B 90 -31.55 -41.49 -3.82
N LEU B 91 -32.19 -40.68 -2.98
CA LEU B 91 -31.71 -39.30 -2.81
C LEU B 91 -30.60 -39.14 -1.75
N ARG B 92 -30.38 -40.16 -0.95
CA ARG B 92 -29.16 -40.17 -0.14
C ARG B 92 -27.92 -40.04 -1.02
N SER B 93 -27.95 -40.70 -2.17
CA SER B 93 -26.77 -40.70 -3.08
C SER B 93 -26.63 -39.34 -3.81
N LEU B 94 -27.62 -38.48 -3.64
CA LEU B 94 -27.55 -37.10 -4.17
C LEU B 94 -26.88 -36.18 -3.18
N VAL B 95 -27.36 -36.17 -1.93
CA VAL B 95 -26.74 -35.34 -0.89
C VAL B 95 -25.32 -35.77 -0.51
N LEU B 96 -25.06 -37.07 -0.57
CA LEU B 96 -23.72 -37.59 -0.35
C LEU B 96 -23.05 -38.00 -1.63
N HIS B 97 -23.50 -37.44 -2.74
CA HIS B 97 -22.82 -37.66 -4.02
C HIS B 97 -21.35 -37.32 -3.83
N PRO B 98 -20.44 -38.19 -4.30
CA PRO B 98 -19.04 -37.93 -4.00
C PRO B 98 -18.54 -36.58 -4.54
N GLU B 99 -18.96 -36.21 -5.73
CA GLU B 99 -18.44 -34.98 -6.33
C GLU B 99 -19.09 -33.75 -5.72
N ILE B 100 -20.41 -33.73 -5.64
CA ILE B 100 -21.11 -32.60 -5.06
C ILE B 100 -20.67 -32.36 -3.61
N SER B 101 -20.67 -33.42 -2.79
CA SER B 101 -20.35 -33.27 -1.37
C SER B 101 -18.83 -33.05 -1.19
N GLY B 102 -18.02 -33.71 -2.01
CA GLY B 102 -16.58 -33.51 -1.95
C GLY B 102 -16.15 -32.08 -2.35
N ILE B 103 -16.83 -31.52 -3.34
CA ILE B 103 -16.61 -30.12 -3.70
C ILE B 103 -17.04 -29.17 -2.58
N ALA B 104 -18.17 -29.47 -1.94
CA ALA B 104 -18.63 -28.68 -0.81
C ALA B 104 -17.58 -28.63 0.28
N LEU B 105 -16.98 -29.77 0.53
CA LEU B 105 -15.97 -29.89 1.56
C LEU B 105 -14.74 -29.01 1.24
N ARG B 106 -14.32 -29.02 -0.01
CA ARG B 106 -13.15 -28.22 -0.42
C ARG B 106 -13.44 -26.71 -0.36
N LEU B 107 -14.66 -26.34 -0.72
CA LEU B 107 -15.08 -24.95 -0.67
C LEU B 107 -15.14 -24.47 0.77
N ALA B 108 -15.69 -25.32 1.63
CA ALA B 108 -15.93 -24.93 3.04
C ALA B 108 -14.64 -24.87 3.84
N GLY B 109 -13.71 -25.77 3.53
CA GLY B 109 -12.43 -25.86 4.23
C GLY B 109 -12.55 -26.44 5.64
N ALA B 110 -13.65 -27.12 5.94
CA ALA B 110 -13.89 -27.64 7.30
C ALA B 110 -14.87 -28.82 7.21
N PRO B 111 -14.89 -29.71 8.25
CA PRO B 111 -15.79 -30.86 8.20
C PRO B 111 -17.26 -30.49 8.18
N LEU B 112 -18.04 -31.23 7.41
CA LEU B 112 -19.45 -30.95 7.20
C LEU B 112 -20.33 -32.15 7.47
N ARG B 113 -21.61 -31.86 7.72
CA ARG B 113 -22.68 -32.86 7.76
C ARG B 113 -23.80 -32.37 6.88
N VAL B 114 -24.62 -33.28 6.40
CA VAL B 114 -25.86 -32.89 5.74
C VAL B 114 -26.85 -32.46 6.79
N TYR B 115 -27.33 -31.22 6.67
CA TYR B 115 -28.39 -30.72 7.54
C TYR B 115 -29.76 -31.11 6.99
N SER B 116 -29.99 -30.83 5.72
CA SER B 116 -31.29 -31.05 5.09
C SER B 116 -31.17 -30.86 3.59
N SER B 117 -32.26 -31.16 2.89
CA SER B 117 -32.34 -30.82 1.49
C SER B 117 -33.77 -30.50 1.15
N ASP B 118 -33.94 -29.78 0.04
CA ASP B 118 -35.24 -29.40 -0.41
C ASP B 118 -35.35 -29.61 -1.91
N ILE B 119 -36.50 -30.07 -2.33
CA ILE B 119 -36.86 -30.00 -3.70
C ILE B 119 -37.38 -28.56 -3.91
N LEU B 120 -36.89 -27.88 -4.95
CA LEU B 120 -37.22 -26.46 -5.15
C LEU B 120 -37.71 -26.21 -6.57
N VAL B 121 -39.02 -26.09 -6.70
CA VAL B 121 -39.70 -26.05 -8.00
C VAL B 121 -40.33 -24.69 -8.22
N LYS B 122 -40.13 -24.13 -9.41
CA LYS B 122 -40.90 -22.95 -9.85
C LYS B 122 -41.69 -23.25 -11.11
N GLU B 123 -43.01 -23.17 -11.02
CA GLU B 123 -43.86 -23.42 -12.16
C GLU B 123 -43.84 -22.20 -13.04
N PRO B 124 -43.95 -22.40 -14.35
CA PRO B 124 -43.88 -21.29 -15.30
C PRO B 124 -45.11 -20.42 -15.21
N LYS B 125 -44.90 -19.11 -15.19
CA LYS B 125 -45.99 -18.12 -15.23
C LYS B 125 -46.87 -18.05 -13.98
N ARG B 126 -46.53 -18.80 -12.93
CA ARG B 126 -47.35 -18.85 -11.73
C ARG B 126 -46.53 -18.59 -10.47
N THR B 127 -45.32 -18.07 -10.66
CA THR B 127 -44.41 -17.87 -9.56
C THR B 127 -43.95 -16.44 -9.44
N LEU B 128 -43.79 -16.03 -8.19
CA LEU B 128 -43.14 -14.79 -7.85
C LEU B 128 -41.64 -15.02 -7.78
N PRO B 129 -40.87 -13.92 -7.78
CA PRO B 129 -39.47 -14.06 -7.43
C PRO B 129 -39.34 -14.62 -6.03
N THR B 130 -38.25 -15.31 -5.78
CA THR B 130 -37.91 -15.74 -4.41
C THR B 130 -37.29 -14.53 -3.72
N LEU B 131 -37.96 -14.08 -2.69
CA LEU B 131 -37.59 -12.88 -1.98
C LEU B 131 -36.17 -13.03 -1.39
N VAL B 132 -35.43 -11.94 -1.48
CA VAL B 132 -34.07 -11.87 -1.01
C VAL B 132 -33.92 -12.24 0.47
N HIS B 133 -32.88 -12.98 0.78
CA HIS B 133 -32.58 -13.43 2.15
C HIS B 133 -31.16 -13.99 2.27
N ASP B 134 -30.71 -14.25 3.48
CA ASP B 134 -29.62 -15.16 3.69
C ASP B 134 -30.16 -16.42 4.41
N ASP B 135 -29.41 -17.50 4.34
CA ASP B 135 -29.92 -18.81 4.86
C ASP B 135 -29.69 -18.95 6.38
N GLU B 136 -28.59 -18.39 6.88
CA GLU B 136 -28.26 -18.40 8.32
C GLU B 136 -29.40 -17.92 9.20
N THR B 137 -30.07 -16.87 8.75
CA THR B 137 -31.19 -16.31 9.48
C THR B 137 -32.25 -17.37 9.82
N GLY B 138 -32.52 -18.26 8.87
CA GLY B 138 -33.58 -19.26 8.99
C GLY B 138 -33.17 -20.69 9.36
N LEU B 139 -31.90 -20.89 9.68
CA LEU B 139 -31.41 -22.19 10.12
C LEU B 139 -31.46 -22.28 11.62
N PRO B 140 -32.04 -23.36 12.14
CA PRO B 140 -32.25 -23.52 13.58
C PRO B 140 -31.02 -24.11 14.23
N LEU B 141 -29.90 -23.42 14.06
CA LEU B 141 -28.59 -23.89 14.48
C LEU B 141 -27.81 -22.82 15.19
N ASN B 142 -26.94 -23.22 16.13
CA ASN B 142 -26.05 -22.26 16.79
C ASN B 142 -24.82 -22.07 15.96
N GLU B 143 -24.01 -21.07 16.31
CA GLU B 143 -22.58 -21.07 15.90
C GLU B 143 -22.36 -21.62 14.45
N LEU B 144 -22.68 -20.89 13.40
CA LEU B 144 -22.33 -21.40 12.09
C LEU B 144 -21.12 -20.65 11.65
N SER B 145 -20.35 -21.34 10.85
CA SER B 145 -19.11 -20.79 10.42
C SER B 145 -18.97 -21.06 8.93
N ALA B 146 -18.90 -22.32 8.56
CA ALA B 146 -18.62 -22.70 7.17
C ALA B 146 -19.82 -23.29 6.45
N THR B 147 -20.96 -23.24 7.10
CA THR B 147 -22.18 -23.76 6.51
C THR B 147 -22.53 -23.14 5.16
N LEU B 148 -22.90 -23.99 4.21
CA LEU B 148 -23.15 -23.60 2.84
C LEU B 148 -24.17 -24.48 2.17
N THR B 149 -24.70 -24.00 1.08
CA THR B 149 -25.73 -24.70 0.32
C THR B 149 -25.25 -25.03 -1.07
N ALA B 150 -25.52 -26.25 -1.53
CA ALA B 150 -25.38 -26.65 -2.94
C ALA B 150 -26.74 -26.58 -3.63
N TRP B 151 -26.86 -25.71 -4.63
CA TRP B 151 -28.11 -25.57 -5.38
C TRP B 151 -27.91 -26.30 -6.67
N ILE B 152 -28.50 -27.47 -6.77
CA ILE B 152 -28.23 -28.37 -7.86
C ILE B 152 -29.32 -28.20 -8.91
N ALA B 153 -28.93 -27.96 -10.13
CA ALA B 153 -29.89 -27.78 -11.18
C ALA B 153 -30.27 -29.11 -11.76
N LEU B 154 -31.56 -29.40 -11.76
CA LEU B 154 -32.07 -30.59 -12.41
C LEU B 154 -32.87 -30.32 -13.67
N THR B 155 -33.00 -29.04 -14.00
CA THR B 155 -33.43 -28.62 -15.34
C THR B 155 -32.44 -27.57 -15.76
N ASP B 156 -32.37 -27.27 -17.05
CA ASP B 156 -31.72 -26.05 -17.46
C ASP B 156 -32.38 -24.86 -16.74
N VAL B 157 -31.58 -23.83 -16.44
CA VAL B 157 -32.09 -22.62 -15.82
C VAL B 157 -31.50 -21.36 -16.46
N PRO B 158 -31.99 -21.03 -17.66
CA PRO B 158 -31.71 -19.68 -18.16
C PRO B 158 -32.35 -18.67 -17.26
N VAL B 159 -32.03 -17.40 -17.44
CA VAL B 159 -32.44 -16.35 -16.52
C VAL B 159 -33.95 -16.32 -16.24
N GLU B 160 -34.73 -16.34 -17.31
CA GLU B 160 -36.15 -16.23 -17.17
C GLU B 160 -36.87 -17.52 -16.67
N ARG B 161 -36.13 -18.61 -16.48
CA ARG B 161 -36.73 -19.79 -15.91
C ARG B 161 -36.57 -19.82 -14.38
N GLY B 162 -36.24 -18.71 -13.76
CA GLY B 162 -36.17 -18.64 -12.32
C GLY B 162 -34.78 -18.85 -11.77
N CYS B 163 -33.78 -18.26 -12.41
CA CYS B 163 -32.41 -18.48 -11.96
C CYS B 163 -32.11 -17.70 -10.66
N MET B 164 -31.05 -18.13 -9.98
CA MET B 164 -30.63 -17.50 -8.74
C MET B 164 -29.80 -16.25 -9.03
N SER B 165 -29.82 -15.29 -8.10
CA SER B 165 -28.93 -14.17 -8.11
C SER B 165 -28.32 -14.01 -6.75
N TYR B 166 -27.10 -13.46 -6.73
CA TYR B 166 -26.33 -13.33 -5.51
C TYR B 166 -25.81 -11.92 -5.36
N VAL B 167 -25.60 -11.48 -4.12
CA VAL B 167 -24.88 -10.25 -3.85
C VAL B 167 -23.43 -10.58 -3.48
N PRO B 168 -22.49 -10.33 -4.40
CA PRO B 168 -21.08 -10.67 -4.18
C PRO B 168 -20.53 -10.05 -2.92
N GLY B 169 -19.85 -10.86 -2.15
CA GLY B 169 -19.17 -10.39 -0.92
C GLY B 169 -20.10 -10.19 0.25
N SER B 170 -21.39 -10.48 0.08
CA SER B 170 -22.33 -10.19 1.16
C SER B 170 -22.18 -11.10 2.39
N HIS B 171 -21.53 -12.24 2.20
CA HIS B 171 -21.23 -13.15 3.31
C HIS B 171 -20.22 -12.56 4.30
N LEU B 172 -19.59 -11.44 3.92
CA LEU B 172 -18.62 -10.77 4.81
C LEU B 172 -19.20 -9.57 5.53
N ARG B 173 -20.51 -9.36 5.44
CA ARG B 173 -21.17 -8.26 6.19
C ARG B 173 -20.86 -8.31 7.69
N ALA B 174 -20.71 -7.14 8.27
CA ALA B 174 -20.58 -6.96 9.72
C ALA B 174 -21.89 -7.29 10.40
N ARG B 175 -21.84 -7.56 11.70
CA ARG B 175 -23.02 -8.02 12.46
C ARG B 175 -24.20 -7.08 12.32
N GLU B 176 -23.95 -5.78 12.43
CA GLU B 176 -25.02 -4.78 12.37
C GLU B 176 -25.79 -4.75 11.03
N ASP B 177 -25.20 -5.33 9.99
CA ASP B 177 -25.81 -5.43 8.66
C ASP B 177 -26.42 -6.82 8.39
N ARG B 178 -26.50 -7.66 9.41
CA ARG B 178 -27.03 -9.02 9.29
C ARG B 178 -28.21 -9.18 10.21
N GLN B 179 -29.21 -9.89 9.75
CA GLN B 179 -30.28 -10.21 10.65
C GLN B 179 -29.92 -11.28 11.66
N GLU B 180 -30.47 -11.10 12.85
CA GLU B 180 -30.29 -12.05 13.90
C GLU B 180 -31.27 -13.20 13.59
N HIS B 181 -30.73 -14.41 13.68
CA HIS B 181 -31.51 -15.63 13.77
C HIS B 181 -32.99 -15.34 14.08
N MET B 182 -33.92 -15.85 13.29
CA MET B 182 -35.34 -15.61 13.54
C MET B 182 -35.88 -16.70 14.47
N THR B 183 -36.33 -16.33 15.64
CA THR B 183 -36.97 -17.27 16.55
C THR B 183 -38.41 -17.48 16.11
N SER B 184 -39.06 -16.43 15.63
CA SER B 184 -40.40 -16.50 15.03
C SER B 184 -40.55 -15.52 13.86
N PHE B 185 -41.60 -15.67 13.05
CA PHE B 185 -41.73 -14.90 11.81
C PHE B 185 -42.06 -13.43 12.02
N ALA B 186 -42.56 -13.07 13.18
CA ALA B 186 -42.72 -11.65 13.49
C ALA B 186 -41.41 -10.85 13.44
N GLU B 187 -40.27 -11.55 13.51
CA GLU B 187 -38.94 -10.92 13.52
C GLU B 187 -38.48 -10.54 12.12
N PHE B 188 -39.26 -10.90 11.11
CA PHE B 188 -38.95 -10.52 9.75
C PHE B 188 -38.78 -9.00 9.58
N ARG B 189 -37.72 -8.61 8.90
CA ARG B 189 -37.45 -7.20 8.54
C ARG B 189 -37.02 -7.11 7.09
N ASP B 190 -37.43 -6.04 6.41
CA ASP B 190 -36.95 -5.78 5.07
C ASP B 190 -35.43 -5.71 5.09
N LEU B 191 -34.78 -6.33 4.11
CA LEU B 191 -33.32 -6.33 4.12
C LEU B 191 -32.70 -4.90 4.10
N ALA B 192 -33.36 -3.93 3.45
CA ALA B 192 -32.86 -2.57 3.44
C ALA B 192 -32.86 -1.93 4.81
N ASP B 193 -33.75 -2.35 5.71
CA ASP B 193 -33.76 -1.82 7.07
C ASP B 193 -32.62 -2.43 7.90
N VAL B 194 -32.38 -3.72 7.68
CA VAL B 194 -31.26 -4.42 8.30
C VAL B 194 -29.89 -3.95 7.75
N TRP B 195 -29.78 -3.91 6.42
CA TRP B 195 -28.55 -3.56 5.72
C TRP B 195 -28.81 -2.34 4.84
N PRO B 196 -28.66 -1.14 5.37
CA PRO B 196 -29.05 0.06 4.61
C PRO B 196 -28.48 0.16 3.19
N ASP B 197 -27.28 -0.36 2.99
CA ASP B 197 -26.62 -0.23 1.73
C ASP B 197 -27.07 -1.28 0.72
N TYR B 198 -27.91 -2.22 1.16
CA TYR B 198 -28.34 -3.33 0.27
C TYR B 198 -28.81 -2.88 -1.12
N PRO B 199 -29.70 -1.90 -1.19
CA PRO B 199 -30.12 -1.42 -2.52
C PRO B 199 -29.04 -0.89 -3.50
N TRP B 200 -27.85 -0.56 -3.00
CA TRP B 200 -26.76 -0.05 -3.83
C TRP B 200 -25.72 -1.11 -4.14
N GLN B 201 -25.96 -2.34 -3.69
CA GLN B 201 -25.05 -3.45 -3.96
C GLN B 201 -25.35 -4.11 -5.29
N PRO B 202 -24.32 -4.58 -5.96
CA PRO B 202 -24.53 -5.28 -7.20
C PRO B 202 -25.20 -6.59 -6.96
N ARG B 203 -25.90 -7.05 -7.99
CA ARG B 203 -26.69 -8.29 -7.95
CA ARG B 203 -26.68 -8.31 -7.97
C ARG B 203 -26.30 -9.11 -9.18
N VAL B 204 -25.82 -10.32 -8.99
CA VAL B 204 -25.39 -11.15 -10.12
C VAL B 204 -26.32 -12.29 -10.39
N ALA B 205 -26.91 -12.31 -11.59
CA ALA B 205 -27.75 -13.41 -12.01
C ALA B 205 -26.90 -14.50 -12.65
N VAL B 206 -27.12 -15.74 -12.22
CA VAL B 206 -26.28 -16.85 -12.61
C VAL B 206 -27.12 -17.96 -13.25
N PRO B 207 -27.45 -17.78 -14.55
CA PRO B 207 -28.06 -18.89 -15.21
C PRO B 207 -27.16 -20.12 -15.32
N VAL B 208 -27.78 -21.29 -15.36
CA VAL B 208 -27.02 -22.55 -15.38
C VAL B 208 -27.70 -23.62 -16.22
N ARG B 209 -26.92 -24.62 -16.58
CA ARG B 209 -27.42 -25.81 -17.30
C ARG B 209 -27.70 -26.95 -16.33
N ALA B 210 -28.61 -27.84 -16.72
CA ALA B 210 -28.89 -29.02 -15.89
C ALA B 210 -27.61 -29.79 -15.58
N GLY B 211 -27.43 -30.14 -14.32
CA GLY B 211 -26.23 -30.83 -13.90
C GLY B 211 -25.21 -29.95 -13.25
N ASP B 212 -25.35 -28.63 -13.44
CA ASP B 212 -24.44 -27.68 -12.85
C ASP B 212 -24.87 -27.51 -11.42
N VAL B 213 -23.96 -27.00 -10.62
CA VAL B 213 -24.26 -26.67 -9.23
C VAL B 213 -23.71 -25.30 -8.88
N VAL B 214 -24.48 -24.52 -8.16
CA VAL B 214 -24.00 -23.29 -7.60
C VAL B 214 -24.03 -23.37 -6.10
N PHE B 215 -22.89 -23.09 -5.46
CA PHE B 215 -22.77 -23.15 -4.02
C PHE B 215 -22.78 -21.78 -3.46
N HIS B 216 -23.44 -21.59 -2.32
CA HIS B 216 -23.41 -20.29 -1.67
C HIS B 216 -23.33 -20.41 -0.14
N HIS B 217 -22.53 -19.54 0.45
CA HIS B 217 -22.37 -19.50 1.88
C HIS B 217 -23.65 -19.14 2.60
N CYS B 218 -23.77 -19.56 3.84
CA CYS B 218 -24.99 -19.30 4.62
C CYS B 218 -25.28 -17.80 4.92
N ARG B 219 -24.28 -16.95 4.73
CA ARG B 219 -24.44 -15.50 4.89
C ARG B 219 -24.51 -14.72 3.59
N THR B 220 -24.31 -15.42 2.47
CA THR B 220 -24.45 -14.80 1.19
C THR B 220 -25.91 -14.42 0.96
N VAL B 221 -26.16 -13.16 0.71
CA VAL B 221 -27.48 -12.68 0.34
C VAL B 221 -27.80 -13.16 -1.08
N HIS B 222 -28.99 -13.73 -1.23
CA HIS B 222 -29.41 -14.26 -2.49
C HIS B 222 -30.91 -14.21 -2.68
N MET B 223 -31.32 -14.51 -3.91
CA MET B 223 -32.69 -14.39 -4.32
C MET B 223 -32.86 -15.15 -5.62
N ALA B 224 -34.09 -15.15 -6.17
CA ALA B 224 -34.31 -15.81 -7.48
C ALA B 224 -35.40 -15.14 -8.26
N GLU B 225 -35.29 -15.23 -9.59
CA GLU B 225 -36.28 -14.68 -10.53
C GLU B 225 -37.58 -15.44 -10.46
N ALA B 226 -38.64 -14.78 -10.88
CA ALA B 226 -39.84 -15.48 -11.26
C ALA B 226 -39.56 -16.38 -12.45
N ASN B 227 -40.32 -17.45 -12.59
CA ASN B 227 -40.23 -18.29 -13.79
C ASN B 227 -41.29 -17.84 -14.75
N THR B 228 -40.86 -17.15 -15.80
CA THR B 228 -41.74 -16.65 -16.85
C THR B 228 -41.53 -17.42 -18.16
N SER B 229 -40.78 -18.51 -18.10
CA SER B 229 -40.54 -19.34 -19.26
C SER B 229 -41.73 -20.23 -19.48
N ASP B 230 -41.56 -21.25 -20.33
CA ASP B 230 -42.65 -22.17 -20.64
C ASP B 230 -42.45 -23.53 -19.98
N SER B 231 -41.41 -23.63 -19.17
CA SER B 231 -41.04 -24.90 -18.57
C SER B 231 -40.79 -24.79 -17.07
N VAL B 232 -41.11 -25.88 -16.38
CA VAL B 232 -40.88 -26.01 -14.98
C VAL B 232 -39.40 -25.89 -14.68
N ARG B 233 -39.08 -25.22 -13.59
CA ARG B 233 -37.70 -25.19 -13.10
C ARG B 233 -37.59 -26.09 -11.88
N MET B 234 -36.61 -26.95 -11.85
CA MET B 234 -36.40 -27.74 -10.66
C MET B 234 -34.96 -27.73 -10.26
N ALA B 235 -34.73 -27.31 -9.00
CA ALA B 235 -33.44 -27.47 -8.39
C ALA B 235 -33.58 -28.31 -7.13
N HIS B 236 -32.45 -28.76 -6.64
CA HIS B 236 -32.38 -29.43 -5.36
C HIS B 236 -31.36 -28.75 -4.49
N GLY B 237 -31.79 -28.20 -3.36
CA GLY B 237 -30.93 -27.43 -2.49
C GLY B 237 -30.50 -28.28 -1.33
N VAL B 238 -29.19 -28.42 -1.15
CA VAL B 238 -28.67 -29.23 -0.06
C VAL B 238 -27.89 -28.36 0.90
N VAL B 239 -28.29 -28.35 2.17
CA VAL B 239 -27.58 -27.56 3.18
C VAL B 239 -26.57 -28.46 3.85
N TYR B 240 -25.30 -28.14 3.69
CA TYR B 240 -24.20 -28.78 4.39
C TYR B 240 -23.77 -27.91 5.57
N MET B 241 -23.96 -28.42 6.77
CA MET B 241 -23.68 -27.65 7.98
C MET B 241 -22.36 -28.02 8.58
N ASP B 242 -21.84 -27.16 9.44
CA ASP B 242 -20.69 -27.49 10.22
C ASP B 242 -20.93 -28.84 10.94
N ALA B 243 -19.92 -29.70 10.97
CA ALA B 243 -20.07 -31.04 11.54
C ALA B 243 -20.34 -31.11 13.05
N ASP B 244 -20.11 -30.01 13.77
CA ASP B 244 -20.37 -29.96 15.20
C ASP B 244 -21.57 -29.06 15.50
N ALA B 245 -22.40 -28.78 14.51
CA ALA B 245 -23.55 -27.88 14.70
C ALA B 245 -24.50 -28.39 15.75
N THR B 246 -25.08 -27.47 16.51
CA THR B 246 -26.06 -27.80 17.54
C THR B 246 -27.39 -27.10 17.29
N TYR B 247 -28.41 -27.59 17.98
CA TYR B 247 -29.77 -27.12 17.77
C TYR B 247 -30.03 -25.79 18.48
N ARG B 248 -30.64 -24.88 17.73
CA ARG B 248 -31.10 -23.63 18.27
C ARG B 248 -32.54 -23.37 17.81
N PRO B 249 -33.49 -23.34 18.76
CA PRO B 249 -34.88 -23.09 18.37
C PRO B 249 -35.08 -21.89 17.43
N GLY B 250 -35.90 -22.09 16.41
CA GLY B 250 -36.25 -21.04 15.50
C GLY B 250 -37.35 -21.43 14.55
N VAL B 251 -37.59 -20.58 13.55
CA VAL B 251 -38.62 -20.83 12.55
C VAL B 251 -37.95 -22.05 11.90
N GLN B 252 -38.72 -22.84 11.18
CA GLN B 252 -38.25 -24.01 10.46
C GLN B 252 -37.71 -25.14 11.29
N ASP B 253 -38.15 -25.29 12.54
CA ASP B 253 -37.58 -26.30 13.41
C ASP B 253 -38.58 -27.41 13.76
N GLY B 254 -39.73 -27.43 13.08
CA GLY B 254 -40.84 -28.34 13.41
C GLY B 254 -40.47 -29.81 13.39
N HIS B 255 -39.58 -30.15 12.47
CA HIS B 255 -39.06 -31.49 12.34
C HIS B 255 -37.98 -31.87 13.39
N LEU B 256 -37.63 -30.98 14.30
CA LEU B 256 -36.57 -31.20 15.29
C LEU B 256 -37.13 -31.27 16.69
N SER B 257 -38.42 -31.60 16.80
CA SER B 257 -39.08 -31.68 18.09
C SER B 257 -38.42 -32.67 19.06
N ARG B 258 -37.75 -33.69 18.54
CA ARG B 258 -37.11 -34.68 19.42
C ARG B 258 -35.85 -34.12 20.12
N LEU B 259 -35.34 -32.98 19.67
CA LEU B 259 -34.09 -32.42 20.24
C LEU B 259 -34.31 -31.34 21.27
N SER B 260 -33.32 -31.18 22.15
CA SER B 260 -33.31 -30.11 23.14
C SER B 260 -32.29 -29.08 22.73
N PRO B 261 -32.51 -27.81 23.11
CA PRO B 261 -31.55 -26.75 22.75
C PRO B 261 -30.13 -27.11 23.12
N GLY B 262 -29.21 -26.90 22.21
CA GLY B 262 -27.80 -27.23 22.44
C GLY B 262 -27.41 -28.66 22.10
N ASP B 263 -28.39 -29.52 21.82
CA ASP B 263 -28.09 -30.89 21.36
C ASP B 263 -27.39 -30.89 20.01
N PRO B 264 -26.38 -31.76 19.85
CA PRO B 264 -25.74 -31.86 18.56
C PRO B 264 -26.68 -32.56 17.58
N LEU B 265 -26.56 -32.18 16.30
CA LEU B 265 -27.28 -32.85 15.24
C LEU B 265 -26.33 -33.89 14.64
N GLU B 266 -26.67 -35.14 14.85
CA GLU B 266 -25.77 -36.23 14.55
C GLU B 266 -26.60 -37.53 14.22
N GLY B 267 -25.91 -38.62 13.88
CA GLY B 267 -26.62 -39.82 13.50
C GLY B 267 -27.07 -39.84 12.06
N GLU B 268 -27.97 -40.75 11.75
CA GLU B 268 -28.27 -41.11 10.35
C GLU B 268 -29.00 -40.02 9.59
N LEU B 269 -29.78 -39.22 10.29
CA LEU B 269 -30.50 -38.13 9.63
C LEU B 269 -29.59 -36.93 9.29
N PHE B 270 -28.41 -36.86 9.91
CA PHE B 270 -27.44 -35.76 9.68
C PHE B 270 -26.06 -36.30 9.39
N PRO B 271 -25.96 -37.07 8.31
CA PRO B 271 -24.72 -37.83 8.09
C PRO B 271 -23.49 -36.98 7.75
N LEU B 272 -22.35 -37.43 8.21
CA LEU B 272 -21.07 -36.81 7.88
C LEU B 272 -20.76 -36.90 6.39
N VAL B 273 -20.18 -35.84 5.85
CA VAL B 273 -19.60 -35.87 4.53
C VAL B 273 -18.21 -36.46 4.62
N THR B 274 -17.93 -37.49 3.81
CA THR B 274 -16.58 -38.10 3.76
C THR B 274 -15.69 -37.86 2.51
N GLY C 17 7.02 16.63 -28.30
CA GLY C 17 8.31 15.99 -28.65
C GLY C 17 8.19 14.48 -28.74
N GLY C 18 8.12 13.82 -27.59
CA GLY C 18 8.16 12.34 -27.46
C GLY C 18 9.50 11.75 -26.98
N PRO C 19 9.50 10.52 -26.48
CA PRO C 19 10.77 9.90 -26.05
C PRO C 19 11.82 9.73 -27.17
N THR C 20 13.07 9.87 -26.83
CA THR C 20 14.13 9.49 -27.76
C THR C 20 14.60 8.08 -27.42
N THR C 21 14.66 7.24 -28.44
CA THR C 21 15.05 5.84 -28.31
C THR C 21 16.27 5.58 -29.18
N ALA C 22 16.88 4.41 -29.02
CA ALA C 22 18.01 4.03 -29.88
C ALA C 22 17.59 3.95 -31.34
N GLU C 23 16.35 3.55 -31.56
CA GLU C 23 15.85 3.35 -32.89
C GLU C 23 15.53 4.67 -33.62
N ASN C 24 14.99 5.66 -32.91
CA ASN C 24 14.58 6.90 -33.54
C ASN C 24 15.61 8.04 -33.40
N LEU C 25 16.71 7.77 -32.73
CA LEU C 25 17.81 8.69 -32.66
C LEU C 25 18.16 9.20 -34.07
N SER C 26 18.21 10.52 -34.25
CA SER C 26 18.53 11.09 -35.55
C SER C 26 20.01 10.96 -35.92
N LYS C 27 20.25 10.82 -37.21
CA LYS C 27 21.56 10.97 -37.79
C LYS C 27 22.24 12.31 -37.43
N GLU C 28 21.44 13.37 -37.33
CA GLU C 28 21.96 14.69 -36.96
C GLU C 28 22.53 14.69 -35.50
N ALA C 29 21.84 14.00 -34.60
CA ALA C 29 22.33 13.87 -33.24
C ALA C 29 23.66 13.12 -33.21
N VAL C 30 23.78 12.09 -34.02
CA VAL C 30 25.02 11.33 -34.07
C VAL C 30 26.16 12.19 -34.65
N ARG C 31 25.89 12.91 -35.73
CA ARG C 31 26.89 13.80 -36.35
C ARG C 31 27.29 14.92 -35.35
N PHE C 32 26.34 15.44 -34.59
CA PHE C 32 26.64 16.43 -33.59
C PHE C 32 27.63 15.88 -32.56
N TYR C 33 27.33 14.69 -32.05
CA TYR C 33 28.22 14.02 -31.10
C TYR C 33 29.61 13.82 -31.66
N ARG C 34 29.73 13.34 -32.90
CA ARG C 34 31.06 13.03 -33.48
C ARG C 34 31.90 14.31 -33.70
N GLU C 35 31.24 15.40 -34.08
CA GLU C 35 31.94 16.67 -34.33
C GLU C 35 32.21 17.49 -33.08
N GLN C 36 31.24 17.52 -32.17
CA GLN C 36 31.32 18.38 -30.99
C GLN C 36 31.89 17.68 -29.75
N GLY C 37 31.77 16.35 -29.68
CA GLY C 37 32.30 15.56 -28.51
C GLY C 37 31.33 15.34 -27.35
N TYR C 38 30.13 15.88 -27.49
CA TYR C 38 29.07 15.72 -26.52
C TYR C 38 27.75 15.86 -27.31
N VAL C 39 26.68 15.35 -26.73
CA VAL C 39 25.35 15.57 -27.25
C VAL C 39 24.28 15.39 -26.19
N HIS C 40 23.30 16.27 -26.22
CA HIS C 40 22.17 16.27 -25.32
C HIS C 40 21.03 15.52 -25.96
N ILE C 41 20.62 14.41 -25.34
CA ILE C 41 19.50 13.63 -25.83
C ILE C 41 18.35 13.75 -24.84
N PRO C 42 17.26 14.40 -25.24
CA PRO C 42 16.16 14.51 -24.28
C PRO C 42 15.21 13.31 -24.19
N ARG C 43 14.57 13.21 -23.05
CA ARG C 43 13.45 12.29 -22.82
C ARG C 43 13.80 10.83 -23.11
N VAL C 44 14.89 10.35 -22.53
CA VAL C 44 15.30 8.96 -22.73
C VAL C 44 14.56 8.06 -21.71
N LEU C 45 14.51 8.53 -20.47
CA LEU C 45 13.74 7.94 -19.40
C LEU C 45 12.43 8.66 -19.13
N SER C 46 11.41 7.88 -18.84
CA SER C 46 10.09 8.42 -18.50
C SER C 46 10.12 8.95 -17.06
N GLU C 47 9.09 9.69 -16.70
CA GLU C 47 8.93 10.17 -15.33
C GLU C 47 8.89 9.00 -14.33
N THR C 48 8.25 7.92 -14.70
CA THR C 48 8.14 6.74 -13.85
C THR C 48 9.52 6.13 -13.62
N GLU C 49 10.30 5.97 -14.69
CA GLU C 49 11.65 5.42 -14.58
C GLU C 49 12.56 6.31 -13.75
N VAL C 50 12.46 7.62 -13.93
CA VAL C 50 13.26 8.55 -13.15
C VAL C 50 12.97 8.36 -11.67
N THR C 51 11.70 8.33 -11.31
CA THR C 51 11.30 8.17 -9.91
C THR C 51 11.86 6.87 -9.33
N ALA C 52 11.79 5.78 -10.10
CA ALA C 52 12.30 4.49 -9.63
C ALA C 52 13.81 4.47 -9.51
N PHE C 53 14.51 5.01 -10.50
CA PHE C 53 15.98 4.97 -10.47
C PHE C 53 16.51 5.91 -9.41
N ARG C 54 15.87 7.05 -9.23
CA ARG C 54 16.27 7.97 -8.17
C ARG C 54 16.12 7.33 -6.81
N ALA C 55 15.01 6.66 -6.59
CA ALA C 55 14.76 6.01 -5.31
C ALA C 55 15.82 4.95 -5.04
N ALA C 56 16.19 4.21 -6.07
CA ALA C 56 17.20 3.16 -5.92
C ALA C 56 18.55 3.76 -5.55
N CYS C 57 18.88 4.85 -6.24
CA CYS C 57 20.09 5.57 -5.89
C CYS C 57 20.06 6.11 -4.46
N GLU C 58 18.91 6.59 -3.99
CA GLU C 58 18.77 7.06 -2.61
C GLU C 58 19.03 5.87 -1.65
N GLU C 59 18.54 4.69 -1.99
CA GLU C 59 18.79 3.52 -1.15
C GLU C 59 20.28 3.22 -1.07
N VAL C 60 20.95 3.29 -2.20
CA VAL C 60 22.38 3.06 -2.21
C VAL C 60 23.10 4.09 -1.32
N LEU C 61 22.76 5.37 -1.48
CA LEU C 61 23.41 6.42 -0.69
C LEU C 61 23.22 6.16 0.79
N GLU C 62 22.03 5.75 1.18
CA GLU C 62 21.73 5.46 2.60
C GLU C 62 22.57 4.27 3.10
N LYS C 63 22.66 3.24 2.30
CA LYS C 63 23.33 2.01 2.68
C LYS C 63 24.89 2.14 2.68
N GLU C 64 25.43 2.70 1.60
CA GLU C 64 26.88 2.73 1.38
C GLU C 64 27.54 3.92 2.05
N GLY C 65 26.80 5.01 2.18
CA GLY C 65 27.40 6.26 2.54
C GLY C 65 28.09 6.88 1.32
N ARG C 66 28.15 8.20 1.30
CA ARG C 66 28.78 8.89 0.16
C ARG C 66 30.20 9.26 0.40
N GLU C 67 30.92 9.44 -0.70
CA GLU C 67 32.29 9.89 -0.65
C GLU C 67 32.41 11.28 -1.26
N ILE C 68 33.47 11.98 -0.88
CA ILE C 68 33.70 13.35 -1.33
C ILE C 68 34.66 13.39 -2.51
N TRP C 69 34.21 13.96 -3.61
CA TRP C 69 35.08 14.31 -4.71
C TRP C 69 35.44 15.75 -4.41
N GLY C 70 36.70 15.95 -4.02
CA GLY C 70 37.20 17.28 -3.61
C GLY C 70 38.21 17.14 -2.49
N ALA C 71 38.59 18.24 -1.89
CA ALA C 71 39.62 18.26 -0.87
C ALA C 71 39.03 18.38 0.55
N GLY C 72 38.21 17.44 0.96
CA GLY C 72 37.73 17.43 2.33
C GLY C 72 36.34 18.05 2.49
N GLU C 73 35.86 18.06 3.74
CA GLU C 73 34.51 18.47 4.07
C GLU C 73 34.13 19.89 3.65
N ASP C 74 35.10 20.79 3.63
CA ASP C 74 34.84 22.18 3.26
C ASP C 74 35.01 22.50 1.77
N GLU C 75 35.32 21.51 0.95
CA GLU C 75 35.64 21.73 -0.43
C GLU C 75 35.08 20.64 -1.30
N VAL C 76 33.80 20.41 -1.13
CA VAL C 76 33.11 19.36 -1.85
C VAL C 76 32.72 19.82 -3.23
N GLN C 77 33.20 19.16 -4.25
CA GLN C 77 32.68 19.34 -5.60
C GLN C 77 31.46 18.47 -5.84
N VAL C 78 31.57 17.19 -5.53
CA VAL C 78 30.49 16.22 -5.78
C VAL C 78 30.49 15.17 -4.68
N HIS C 79 29.30 14.77 -4.24
CA HIS C 79 29.17 13.57 -3.36
C HIS C 79 28.89 12.41 -4.28
N TYR C 80 29.65 11.34 -4.14
CA TYR C 80 29.49 10.21 -5.06
C TYR C 80 29.49 8.85 -4.40
N VAL C 81 28.95 7.89 -5.14
CA VAL C 81 29.16 6.46 -4.87
C VAL C 81 29.68 5.83 -6.13
N ALA C 82 30.86 5.23 -6.07
CA ALA C 82 31.48 4.60 -7.22
C ALA C 82 30.99 3.17 -7.43
N GLN C 83 31.20 2.63 -8.65
CA GLN C 83 30.70 1.27 -9.04
C GLN C 83 29.26 1.11 -8.58
N ALA C 84 28.51 2.20 -8.71
CA ALA C 84 27.19 2.31 -8.09
C ALA C 84 26.21 1.27 -8.58
N TRP C 85 26.27 0.95 -9.87
CA TRP C 85 25.27 0.04 -10.46
C TRP C 85 25.38 -1.36 -9.91
N GLN C 86 26.56 -1.70 -9.40
CA GLN C 86 26.82 -3.01 -8.84
C GLN C 86 26.21 -3.15 -7.46
N LYS C 87 25.76 -2.03 -6.88
CA LYS C 87 25.39 -2.00 -5.46
C LYS C 87 23.89 -2.01 -5.17
N HIS C 88 23.12 -2.18 -6.21
CA HIS C 88 21.66 -2.30 -6.11
C HIS C 88 21.20 -3.14 -7.32
N PRO C 89 20.45 -4.20 -7.07
CA PRO C 89 19.93 -5.05 -8.14
C PRO C 89 19.27 -4.28 -9.31
N GLU C 90 18.44 -3.29 -9.00
CA GLU C 90 17.71 -2.57 -10.03
C GLU C 90 18.56 -1.68 -10.94
N LEU C 91 19.78 -1.36 -10.55
CA LEU C 91 20.57 -0.42 -11.33
C LEU C 91 21.25 -1.09 -12.52
N ARG C 92 21.27 -2.41 -12.58
CA ARG C 92 21.74 -3.08 -13.78
C ARG C 92 20.88 -2.64 -14.97
N SER C 93 19.59 -2.42 -14.73
CA SER C 93 18.68 -2.08 -15.79
C SER C 93 18.81 -0.60 -16.16
N LEU C 94 19.60 0.15 -15.41
CA LEU C 94 19.93 1.52 -15.75
C LEU C 94 21.11 1.54 -16.70
N VAL C 95 22.20 0.88 -16.33
CA VAL C 95 23.43 0.86 -17.16
C VAL C 95 23.28 0.05 -18.44
N LEU C 96 22.44 -0.99 -18.39
CA LEU C 96 22.06 -1.75 -19.59
C LEU C 96 20.65 -1.43 -20.04
N HIS C 97 20.14 -0.28 -19.69
CA HIS C 97 18.87 0.21 -20.21
C HIS C 97 18.95 0.11 -21.73
N PRO C 98 17.90 -0.42 -22.37
CA PRO C 98 17.98 -0.61 -23.81
C PRO C 98 18.13 0.68 -24.61
N GLU C 99 17.47 1.74 -24.19
CA GLU C 99 17.61 3.01 -24.91
C GLU C 99 18.93 3.73 -24.59
N ILE C 100 19.27 3.86 -23.32
CA ILE C 100 20.47 4.58 -22.97
C ILE C 100 21.69 3.90 -23.57
N SER C 101 21.79 2.58 -23.38
CA SER C 101 22.98 1.83 -23.81
C SER C 101 22.96 1.64 -25.33
N GLY C 102 21.77 1.47 -25.90
CA GLY C 102 21.66 1.40 -27.35
C GLY C 102 22.06 2.73 -28.04
N ILE C 103 21.69 3.84 -27.43
CA ILE C 103 22.08 5.16 -27.98
C ILE C 103 23.59 5.35 -27.89
N ALA C 104 24.16 4.94 -26.75
CA ALA C 104 25.59 5.01 -26.56
C ALA C 104 26.32 4.28 -27.67
N LEU C 105 25.81 3.10 -28.00
CA LEU C 105 26.39 2.26 -29.02
C LEU C 105 26.35 2.90 -30.39
N ARG C 106 25.23 3.53 -30.71
CA ARG C 106 25.14 4.26 -31.99
C ARG C 106 26.07 5.47 -32.03
N LEU C 107 26.18 6.20 -30.91
CA LEU C 107 27.05 7.38 -30.88
C LEU C 107 28.52 6.97 -31.02
N ALA C 108 28.89 5.89 -30.32
CA ALA C 108 30.28 5.45 -30.30
C ALA C 108 30.73 4.86 -31.62
N GLY C 109 29.83 4.17 -32.29
CA GLY C 109 30.14 3.52 -33.57
C GLY C 109 31.01 2.29 -33.43
N ALA C 110 31.09 1.73 -32.22
CA ALA C 110 31.96 0.59 -31.95
C ALA C 110 31.43 -0.18 -30.75
N PRO C 111 31.82 -1.44 -30.61
CA PRO C 111 31.31 -2.22 -29.46
C PRO C 111 31.77 -1.67 -28.13
N LEU C 112 30.88 -1.74 -27.15
CA LEU C 112 31.13 -1.21 -25.82
C LEU C 112 30.86 -2.23 -24.71
N ARG C 113 31.47 -1.95 -23.55
CA ARG C 113 31.13 -2.62 -22.30
C ARG C 113 30.88 -1.57 -21.25
N VAL C 114 30.13 -1.94 -20.22
CA VAL C 114 30.01 -1.09 -19.03
C VAL C 114 31.29 -1.18 -18.20
N TYR C 115 31.93 -0.02 -18.00
CA TYR C 115 33.13 0.06 -17.16
C TYR C 115 32.72 0.24 -15.71
N SER C 116 31.87 1.23 -15.47
CA SER C 116 31.47 1.62 -14.13
C SER C 116 30.33 2.62 -14.18
N SER C 117 29.78 2.95 -13.01
CA SER C 117 28.83 4.02 -12.91
C SER C 117 28.96 4.70 -11.56
N ASP C 118 28.51 5.95 -11.48
CA ASP C 118 28.58 6.70 -10.26
C ASP C 118 27.28 7.43 -10.01
N ILE C 119 26.90 7.45 -8.74
CA ILE C 119 25.87 8.37 -8.30
C ILE C 119 26.58 9.72 -8.09
N LEU C 120 26.03 10.79 -8.66
CA LEU C 120 26.72 12.10 -8.66
C LEU C 120 25.80 13.21 -8.16
N VAL C 121 25.98 13.59 -6.92
CA VAL C 121 25.07 14.47 -6.22
C VAL C 121 25.76 15.80 -5.89
N LYS C 122 25.08 16.91 -6.12
CA LYS C 122 25.55 18.22 -5.62
C LYS C 122 24.50 18.84 -4.72
N GLU C 123 24.85 19.05 -3.47
CA GLU C 123 23.95 19.66 -2.52
C GLU C 123 23.95 21.15 -2.76
N PRO C 124 22.78 21.78 -2.58
CA PRO C 124 22.64 23.20 -2.81
C PRO C 124 23.42 24.03 -1.80
N LYS C 125 24.13 25.03 -2.31
CA LYS C 125 24.87 26.01 -1.48
C LYS C 125 26.08 25.46 -0.72
N ARG C 126 26.43 24.20 -0.94
CA ARG C 126 27.52 23.56 -0.22
C ARG C 126 28.53 22.91 -1.16
N THR C 127 28.44 23.26 -2.44
CA THR C 127 29.29 22.64 -3.42
C THR C 127 30.09 23.65 -4.20
N LEU C 128 31.30 23.22 -4.53
CA LEU C 128 32.14 23.91 -5.48
C LEU C 128 31.77 23.47 -6.89
N PRO C 129 32.24 24.23 -7.89
CA PRO C 129 32.20 23.71 -9.22
C PRO C 129 33.00 22.43 -9.33
N THR C 130 32.63 21.56 -10.26
CA THR C 130 33.42 20.41 -10.55
C THR C 130 34.55 20.86 -11.48
N LEU C 131 35.78 20.70 -11.04
CA LEU C 131 36.95 21.16 -11.75
C LEU C 131 37.07 20.51 -13.13
N VAL C 132 37.43 21.35 -14.10
CA VAL C 132 37.57 20.95 -15.50
C VAL C 132 38.54 19.77 -15.68
N HIS C 133 38.17 18.82 -16.54
CA HIS C 133 38.97 17.64 -16.79
C HIS C 133 38.47 16.92 -18.01
N ASP C 134 39.24 15.93 -18.47
CA ASP C 134 38.69 14.91 -19.37
C ASP C 134 38.68 13.61 -18.57
N ASP C 135 37.92 12.64 -19.02
CA ASP C 135 37.72 11.44 -18.25
C ASP C 135 38.87 10.42 -18.50
N GLU C 136 39.37 10.43 -19.72
CA GLU C 136 40.46 9.52 -20.11
C GLU C 136 41.64 9.56 -19.14
N THR C 137 41.96 10.75 -18.69
CA THR C 137 43.07 10.96 -17.81
C THR C 137 42.97 10.11 -16.54
N GLY C 138 41.77 9.99 -16.00
CA GLY C 138 41.54 9.28 -14.74
C GLY C 138 41.02 7.85 -14.83
N LEU C 139 40.93 7.31 -16.04
CA LEU C 139 40.48 5.95 -16.28
C LEU C 139 41.69 5.04 -16.27
N PRO C 140 41.63 3.94 -15.47
CA PRO C 140 42.74 3.02 -15.37
C PRO C 140 42.74 2.00 -16.50
N LEU C 141 42.80 2.50 -17.73
CA LEU C 141 42.65 1.71 -18.94
C LEU C 141 43.70 2.08 -19.95
N ASN C 142 44.11 1.12 -20.76
CA ASN C 142 45.03 1.43 -21.86
C ASN C 142 44.31 2.19 -22.96
N GLU C 143 45.08 2.80 -23.86
CA GLU C 143 44.51 3.61 -24.91
C GLU C 143 43.12 3.20 -25.36
N LEU C 144 42.30 4.21 -25.28
CA LEU C 144 40.87 4.21 -25.50
C LEU C 144 40.63 4.84 -26.86
N SER C 145 39.48 4.57 -27.42
CA SER C 145 39.10 5.14 -28.74
C SER C 145 37.74 5.75 -28.64
N ALA C 146 36.74 4.90 -28.43
CA ALA C 146 35.36 5.33 -28.50
C ALA C 146 34.68 5.43 -27.14
N THR C 147 35.43 5.19 -26.08
CA THR C 147 34.89 5.29 -24.72
C THR C 147 34.17 6.62 -24.51
N LEU C 148 33.00 6.53 -23.90
CA LEU C 148 32.16 7.69 -23.62
C LEU C 148 31.33 7.48 -22.37
N THR C 149 30.79 8.60 -21.88
CA THR C 149 30.00 8.62 -20.66
C THR C 149 28.60 9.08 -20.97
N ALA C 150 27.62 8.42 -20.37
CA ALA C 150 26.21 8.88 -20.30
C ALA C 150 25.94 9.54 -18.97
N TRP C 151 25.66 10.84 -18.98
CA TRP C 151 25.36 11.55 -17.78
C TRP C 151 23.85 11.69 -17.74
N ILE C 152 23.24 10.89 -16.89
CA ILE C 152 21.81 10.78 -16.83
C ILE C 152 21.25 11.67 -15.75
N ALA C 153 20.31 12.56 -16.08
CA ALA C 153 19.74 13.47 -15.10
C ALA C 153 18.58 12.81 -14.39
N LEU C 154 18.67 12.75 -13.06
CA LEU C 154 17.60 12.20 -12.25
C LEU C 154 16.86 13.26 -11.45
N THR C 155 17.30 14.50 -11.60
CA THR C 155 16.55 15.65 -11.20
C THR C 155 16.62 16.63 -12.37
N ASP C 156 15.74 17.64 -12.42
CA ASP C 156 15.96 18.74 -13.30
C ASP C 156 17.31 19.39 -13.00
N VAL C 157 17.97 19.90 -14.03
CA VAL C 157 19.24 20.58 -13.85
C VAL C 157 19.34 21.91 -14.65
N PRO C 158 18.71 22.96 -14.14
CA PRO C 158 18.90 24.26 -14.73
C PRO C 158 20.29 24.66 -14.37
N VAL C 159 20.78 25.72 -14.99
CA VAL C 159 22.19 26.06 -14.94
C VAL C 159 22.75 26.14 -13.51
N GLU C 160 22.03 26.86 -12.68
CA GLU C 160 22.49 27.13 -11.32
C GLU C 160 22.35 25.94 -10.38
N ARG C 161 21.79 24.83 -10.86
CA ARG C 161 21.68 23.63 -10.02
C ARG C 161 22.86 22.70 -10.21
N GLY C 162 23.90 23.17 -10.86
CA GLY C 162 25.08 22.37 -11.06
C GLY C 162 25.14 21.67 -12.40
N CYS C 163 24.74 22.34 -13.47
CA CYS C 163 24.74 21.71 -14.78
C CYS C 163 26.15 21.57 -15.35
N MET C 164 26.26 20.70 -16.35
CA MET C 164 27.51 20.41 -16.96
C MET C 164 27.81 21.45 -18.03
N SER C 165 29.11 21.65 -18.31
CA SER C 165 29.56 22.42 -19.45
C SER C 165 30.66 21.67 -20.17
N TYR C 166 30.75 21.91 -21.48
CA TYR C 166 31.64 21.18 -22.36
C TYR C 166 32.40 22.14 -23.25
N VAL C 167 33.62 21.74 -23.64
CA VAL C 167 34.38 22.47 -24.65
C VAL C 167 34.23 21.75 -26.00
N PRO C 168 33.43 22.33 -26.92
CA PRO C 168 33.14 21.71 -28.19
C PRO C 168 34.39 21.39 -28.97
N GLY C 169 34.45 20.17 -29.50
CA GLY C 169 35.58 19.74 -30.33
C GLY C 169 36.83 19.35 -29.55
N SER C 170 36.80 19.46 -28.23
CA SER C 170 38.01 19.21 -27.44
C SER C 170 38.45 17.73 -27.43
N HIS C 171 37.52 16.84 -27.78
CA HIS C 171 37.86 15.43 -27.96
C HIS C 171 38.80 15.12 -29.12
N LEU C 172 38.99 16.09 -30.00
CA LEU C 172 39.89 15.91 -31.12
C LEU C 172 41.26 16.50 -30.87
N ARG C 173 41.56 16.96 -29.67
CA ARG C 173 42.87 17.52 -29.39
C ARG C 173 43.99 16.59 -29.78
N ALA C 174 45.07 17.16 -30.29
CA ALA C 174 46.29 16.44 -30.58
C ALA C 174 46.91 15.97 -29.29
N ARG C 175 47.77 14.98 -29.38
CA ARG C 175 48.43 14.41 -28.19
C ARG C 175 49.11 15.44 -27.28
N GLU C 176 49.82 16.37 -27.88
CA GLU C 176 50.56 17.39 -27.13
C GLU C 176 49.67 18.29 -26.27
N ASP C 177 48.38 18.32 -26.57
CA ASP C 177 47.37 19.12 -25.83
C ASP C 177 46.51 18.29 -24.89
N ARG C 178 46.89 17.04 -24.69
CA ARG C 178 46.15 16.12 -23.79
C ARG C 178 47.05 15.66 -22.68
N GLN C 179 46.48 15.51 -21.50
CA GLN C 179 47.23 14.88 -20.45
C GLN C 179 47.32 13.37 -20.62
N GLU C 180 48.48 12.88 -20.25
CA GLU C 180 48.65 11.48 -20.32
C GLU C 180 48.07 10.95 -18.96
N HIS C 181 47.32 9.89 -19.13
CA HIS C 181 46.97 9.04 -18.04
C HIS C 181 47.69 9.30 -16.74
N MET C 182 46.97 9.43 -15.64
CA MET C 182 47.62 9.68 -14.35
C MET C 182 47.89 8.37 -13.62
N THR C 183 49.15 8.05 -13.40
CA THR C 183 49.52 6.91 -12.59
C THR C 183 49.33 7.21 -11.09
N SER C 184 49.68 8.42 -10.70
CA SER C 184 49.45 8.91 -9.36
C SER C 184 49.07 10.39 -9.44
N PHE C 185 48.52 10.91 -8.34
CA PHE C 185 48.04 12.27 -8.31
C PHE C 185 49.14 13.35 -8.45
N ALA C 186 50.39 13.02 -8.18
CA ALA C 186 51.48 13.94 -8.39
C ALA C 186 51.63 14.37 -9.85
N GLU C 187 50.99 13.65 -10.73
CA GLU C 187 51.05 13.97 -12.17
C GLU C 187 50.04 14.99 -12.60
N PHE C 188 49.19 15.42 -11.66
CA PHE C 188 48.23 16.48 -11.94
C PHE C 188 48.93 17.74 -12.48
N ARG C 189 48.37 18.27 -13.56
CA ARG C 189 48.74 19.56 -14.17
C ARG C 189 47.49 20.40 -14.48
N ASP C 190 47.59 21.70 -14.28
CA ASP C 190 46.52 22.61 -14.67
C ASP C 190 46.26 22.42 -16.16
N LEU C 191 45.00 22.40 -16.55
CA LEU C 191 44.69 22.22 -17.94
C LEU C 191 45.34 23.28 -18.88
N ALA C 192 45.49 24.52 -18.41
CA ALA C 192 46.10 25.57 -19.25
C ALA C 192 47.56 25.32 -19.52
N ASP C 193 48.21 24.57 -18.64
CA ASP C 193 49.63 24.19 -18.88
C ASP C 193 49.73 23.06 -19.90
N VAL C 194 48.83 22.11 -19.80
CA VAL C 194 48.74 21.00 -20.74
C VAL C 194 48.29 21.48 -22.15
N TRP C 195 47.20 22.27 -22.16
CA TRP C 195 46.56 22.77 -23.39
C TRP C 195 46.57 24.29 -23.35
N PRO C 196 47.64 24.92 -23.80
CA PRO C 196 47.73 26.37 -23.67
C PRO C 196 46.54 27.17 -24.18
N ASP C 197 45.87 26.68 -25.21
CA ASP C 197 44.78 27.38 -25.81
C ASP C 197 43.46 27.19 -25.08
N TYR C 198 43.45 26.35 -24.04
CA TYR C 198 42.24 26.08 -23.27
C TYR C 198 41.47 27.35 -22.86
N PRO C 199 42.14 28.32 -22.22
CA PRO C 199 41.42 29.52 -21.84
C PRO C 199 40.72 30.34 -22.97
N TRP C 200 41.08 30.12 -24.24
CA TRP C 200 40.46 30.82 -25.37
C TRP C 200 39.40 29.99 -26.10
N GLN C 201 39.12 28.80 -25.59
CA GLN C 201 38.09 27.95 -26.14
C GLN C 201 36.71 28.28 -25.59
N PRO C 202 35.67 28.11 -26.42
CA PRO C 202 34.30 28.29 -25.95
C PRO C 202 33.88 27.20 -25.01
N ARG C 203 32.96 27.53 -24.13
CA ARG C 203 32.44 26.67 -23.06
C ARG C 203 30.91 26.67 -23.18
N VAL C 204 30.30 25.51 -23.37
CA VAL C 204 28.84 25.43 -23.52
C VAL C 204 28.20 24.81 -22.33
N ALA C 205 27.32 25.57 -21.68
CA ALA C 205 26.56 25.09 -20.55
C ALA C 205 25.27 24.46 -21.04
N VAL C 206 24.99 23.23 -20.55
CA VAL C 206 23.88 22.43 -21.07
C VAL C 206 22.91 22.05 -19.96
N PRO C 207 22.00 22.97 -19.62
CA PRO C 207 20.99 22.58 -18.65
C PRO C 207 20.02 21.53 -19.23
N VAL C 208 19.49 20.69 -18.36
CA VAL C 208 18.65 19.56 -18.80
C VAL C 208 17.52 19.28 -17.85
N ARG C 209 16.51 18.56 -18.35
CA ARG C 209 15.38 18.13 -17.54
CA ARG C 209 15.39 18.13 -17.55
C ARG C 209 15.59 16.69 -17.06
N ALA C 210 14.95 16.32 -15.96
CA ALA C 210 15.03 14.94 -15.46
C ALA C 210 14.61 13.97 -16.53
N GLY C 211 15.41 12.94 -16.73
CA GLY C 211 15.15 11.96 -17.75
C GLY C 211 15.95 12.15 -19.03
N ASP C 212 16.51 13.33 -19.19
CA ASP C 212 17.40 13.58 -20.31
C ASP C 212 18.76 12.93 -20.02
N VAL C 213 19.52 12.73 -21.08
CA VAL C 213 20.90 12.25 -20.94
C VAL C 213 21.82 13.07 -21.84
N VAL C 214 22.98 13.45 -21.33
CA VAL C 214 23.99 14.05 -22.15
C VAL C 214 25.17 13.12 -22.19
N PHE C 215 25.60 12.82 -23.41
CA PHE C 215 26.72 11.91 -23.62
C PHE C 215 27.95 12.73 -23.93
N HIS C 216 29.10 12.32 -23.40
CA HIS C 216 30.36 12.96 -23.78
C HIS C 216 31.52 11.97 -23.90
N HIS C 217 32.30 12.17 -24.95
CA HIS C 217 33.48 11.37 -25.23
C HIS C 217 34.54 11.47 -24.10
N CYS C 218 35.37 10.44 -23.97
CA CYS C 218 36.37 10.38 -22.89
C CYS C 218 37.49 11.38 -23.01
N ARG C 219 37.59 12.04 -24.15
CA ARG C 219 38.52 13.16 -24.36
C ARG C 219 37.89 14.55 -24.38
N THR C 220 36.58 14.64 -24.28
CA THR C 220 35.89 15.89 -24.25
C THR C 220 36.15 16.55 -22.92
N VAL C 221 36.68 17.78 -22.97
CA VAL C 221 36.94 18.54 -21.79
C VAL C 221 35.63 19.06 -21.28
N HIS C 222 35.42 18.88 -19.98
CA HIS C 222 34.15 19.20 -19.34
C HIS C 222 34.31 19.54 -17.87
N MET C 223 33.24 20.07 -17.32
CA MET C 223 33.25 20.64 -16.00
C MET C 223 31.79 20.82 -15.55
N ALA C 224 31.58 21.32 -14.34
CA ALA C 224 30.22 21.58 -13.86
C ALA C 224 30.16 22.72 -12.93
N GLU C 225 29.01 23.39 -12.90
CA GLU C 225 28.75 24.51 -12.01
C GLU C 225 28.65 24.05 -10.58
N ALA C 226 28.90 24.97 -9.67
CA ALA C 226 28.41 24.83 -8.33
C ALA C 226 26.86 24.76 -8.32
N ASN C 227 26.29 24.14 -7.30
CA ASN C 227 24.84 24.16 -7.13
C ASN C 227 24.53 25.27 -6.18
N THR C 228 23.99 26.37 -6.70
CA THR C 228 23.59 27.51 -5.89
C THR C 228 22.07 27.63 -5.85
N SER C 229 21.36 26.63 -6.32
CA SER C 229 19.90 26.59 -6.26
C SER C 229 19.46 26.23 -4.83
N ASP C 230 18.17 25.92 -4.69
CA ASP C 230 17.61 25.51 -3.40
C ASP C 230 17.36 24.00 -3.35
N SER C 231 17.73 23.28 -4.42
CA SER C 231 17.45 21.87 -4.53
C SER C 231 18.64 21.03 -4.90
N VAL C 232 18.64 19.81 -4.37
CA VAL C 232 19.67 18.85 -4.64
C VAL C 232 19.72 18.56 -6.14
N ARG C 233 20.91 18.39 -6.67
CA ARG C 233 21.08 17.85 -8.00
C ARG C 233 21.52 16.41 -7.92
N MET C 234 20.89 15.52 -8.68
CA MET C 234 21.40 14.16 -8.82
C MET C 234 21.47 13.73 -10.26
N ALA C 235 22.67 13.33 -10.67
CA ALA C 235 22.84 12.61 -11.90
C ALA C 235 23.43 11.23 -11.66
N HIS C 236 23.38 10.40 -12.69
CA HIS C 236 24.05 9.11 -12.70
C HIS C 236 24.94 9.04 -13.90
N GLY C 237 26.23 8.90 -13.67
CA GLY C 237 27.20 8.85 -14.77
C GLY C 237 27.57 7.43 -15.06
N VAL C 238 27.40 7.00 -16.32
CA VAL C 238 27.76 5.63 -16.70
C VAL C 238 28.91 5.68 -17.72
N VAL C 239 30.02 4.99 -17.43
CA VAL C 239 31.12 4.95 -18.36
C VAL C 239 31.00 3.68 -19.19
N TYR C 240 30.80 3.85 -20.50
CA TYR C 240 30.82 2.78 -21.48
C TYR C 240 32.18 2.77 -22.18
N MET C 241 32.96 1.72 -21.94
CA MET C 241 34.32 1.65 -22.47
C MET C 241 34.37 0.83 -23.72
N ASP C 242 35.43 1.00 -24.51
CA ASP C 242 35.72 0.13 -25.61
C ASP C 242 35.65 -1.36 -25.13
N ALA C 243 35.03 -2.22 -25.93
CA ALA C 243 34.77 -3.60 -25.53
C ALA C 243 36.03 -4.44 -25.36
N ASP C 244 37.16 -3.95 -25.87
CA ASP C 244 38.46 -4.66 -25.75
C ASP C 244 39.42 -3.92 -24.82
N ALA C 245 38.89 -3.06 -23.98
CA ALA C 245 39.73 -2.29 -23.05
C ALA C 245 40.48 -3.18 -22.08
N THR C 246 41.72 -2.77 -21.78
CA THR C 246 42.56 -3.49 -20.82
C THR C 246 42.99 -2.60 -19.67
N TYR C 247 43.48 -3.24 -18.62
CA TYR C 247 43.78 -2.58 -17.36
C TYR C 247 45.14 -1.91 -17.38
N ARG C 248 45.12 -0.67 -16.94
CA ARG C 248 46.32 0.09 -16.80
C ARG C 248 46.37 0.77 -15.43
N PRO C 249 47.39 0.46 -14.62
CA PRO C 249 47.41 0.97 -13.24
C PRO C 249 47.38 2.48 -13.19
N GLY C 250 46.60 2.99 -12.27
CA GLY C 250 46.44 4.41 -12.13
C GLY C 250 45.58 4.79 -10.95
N VAL C 251 45.27 6.08 -10.90
CA VAL C 251 44.62 6.69 -9.71
C VAL C 251 43.29 6.26 -9.19
N GLN C 252 42.50 5.54 -9.96
CA GLN C 252 41.18 5.22 -9.45
C GLN C 252 41.01 3.74 -9.64
N ASP C 253 41.98 2.92 -9.21
CA ASP C 253 41.99 1.53 -9.60
C ASP C 253 41.79 0.57 -8.45
N GLY C 254 41.43 1.09 -7.30
CA GLY C 254 41.40 0.28 -6.04
C GLY C 254 40.51 -0.94 -6.10
N HIS C 255 39.44 -0.81 -6.83
CA HIS C 255 38.49 -1.87 -7.05
C HIS C 255 38.93 -2.86 -8.14
N LEU C 256 40.12 -2.70 -8.71
CA LEU C 256 40.63 -3.63 -9.75
C LEU C 256 41.80 -4.50 -9.27
N SER C 257 41.89 -4.69 -7.96
CA SER C 257 42.99 -5.43 -7.36
C SER C 257 43.17 -6.84 -7.89
N ARG C 258 42.10 -7.43 -8.35
CA ARG C 258 42.18 -8.80 -8.85
C ARG C 258 42.85 -8.90 -10.23
N LEU C 259 43.07 -7.78 -10.89
CA LEU C 259 43.62 -7.81 -12.26
C LEU C 259 45.11 -7.50 -12.31
N SER C 260 45.76 -8.00 -13.36
CA SER C 260 47.14 -7.67 -13.67
C SER C 260 47.19 -6.71 -14.86
N PRO C 261 48.23 -5.83 -14.91
CA PRO C 261 48.36 -4.91 -16.04
C PRO C 261 48.23 -5.58 -17.41
N GLY C 262 47.42 -5.00 -18.28
CA GLY C 262 47.19 -5.57 -19.60
C GLY C 262 46.05 -6.57 -19.68
N ASP C 263 45.52 -6.97 -18.53
CA ASP C 263 44.37 -7.88 -18.52
C ASP C 263 43.15 -7.21 -19.12
N PRO C 264 42.39 -7.96 -19.92
CA PRO C 264 41.14 -7.40 -20.38
C PRO C 264 40.10 -7.30 -19.25
N LEU C 265 39.25 -6.29 -19.33
CA LEU C 265 38.11 -6.15 -18.42
C LEU C 265 36.88 -6.77 -19.05
N GLU C 266 36.43 -7.87 -18.47
CA GLU C 266 35.44 -8.74 -19.05
C GLU C 266 34.56 -9.37 -17.98
N GLY C 267 33.60 -10.19 -18.42
CA GLY C 267 32.79 -10.95 -17.46
C GLY C 267 31.64 -10.12 -16.92
N GLU C 268 31.06 -10.60 -15.83
CA GLU C 268 29.79 -10.05 -15.34
C GLU C 268 29.89 -8.64 -14.79
N LEU C 269 31.05 -8.26 -14.26
CA LEU C 269 31.20 -6.88 -13.72
C LEU C 269 31.40 -5.84 -14.82
N PHE C 270 31.77 -6.29 -16.02
CA PHE C 270 31.99 -5.41 -17.16
C PHE C 270 31.19 -5.91 -18.38
N PRO C 271 29.88 -5.94 -18.24
CA PRO C 271 29.04 -6.58 -19.27
C PRO C 271 29.04 -5.84 -20.62
N LEU C 272 28.96 -6.64 -21.70
CA LEU C 272 28.80 -6.13 -23.05
C LEU C 272 27.45 -5.43 -23.23
N VAL C 273 27.48 -4.34 -23.96
CA VAL C 273 26.27 -3.67 -24.38
C VAL C 273 25.76 -4.35 -25.65
N THR C 274 24.50 -4.77 -25.63
CA THR C 274 23.89 -5.45 -26.80
C THR C 274 22.83 -4.69 -27.61
N GLY D 17 -17.58 7.45 2.13
CA GLY D 17 -16.34 7.10 1.35
C GLY D 17 -15.54 8.27 0.72
N GLY D 18 -16.13 9.46 0.57
CA GLY D 18 -15.40 10.63 0.02
C GLY D 18 -15.44 10.60 -1.51
N PRO D 19 -15.20 11.74 -2.16
CA PRO D 19 -15.19 11.73 -3.62
C PRO D 19 -14.12 10.84 -4.24
N THR D 20 -14.42 10.24 -5.38
CA THR D 20 -13.37 9.61 -6.18
C THR D 20 -12.90 10.56 -7.30
N THR D 21 -11.58 10.70 -7.42
CA THR D 21 -10.96 11.60 -8.36
C THR D 21 -10.01 10.80 -9.24
N ALA D 22 -9.52 11.42 -10.31
CA ALA D 22 -8.53 10.77 -11.16
C ALA D 22 -7.25 10.45 -10.42
N GLU D 23 -6.91 11.30 -9.46
CA GLU D 23 -5.67 11.16 -8.70
C GLU D 23 -5.76 10.03 -7.67
N ASN D 24 -6.90 9.88 -6.99
CA ASN D 24 -7.03 8.89 -5.90
C ASN D 24 -7.68 7.58 -6.33
N LEU D 25 -8.08 7.48 -7.60
CA LEU D 25 -8.57 6.25 -8.17
C LEU D 25 -7.59 5.07 -7.83
N SER D 26 -8.13 4.00 -7.25
CA SER D 26 -7.29 2.87 -6.86
C SER D 26 -6.85 2.02 -8.05
N LYS D 27 -5.67 1.46 -7.92
CA LYS D 27 -5.19 0.47 -8.84
C LYS D 27 -6.12 -0.77 -8.90
N GLU D 28 -6.81 -1.09 -7.81
CA GLU D 28 -7.81 -2.17 -7.79
C GLU D 28 -9.01 -1.88 -8.73
N ALA D 29 -9.45 -0.63 -8.72
CA ALA D 29 -10.54 -0.21 -9.60
C ALA D 29 -10.14 -0.31 -11.07
N VAL D 30 -8.91 0.05 -11.39
CA VAL D 30 -8.42 -0.09 -12.73
C VAL D 30 -8.33 -1.56 -13.14
N ARG D 31 -7.80 -2.39 -12.26
CA ARG D 31 -7.69 -3.81 -12.55
C ARG D 31 -9.08 -4.43 -12.72
N PHE D 32 -10.03 -4.02 -11.89
CA PHE D 32 -11.39 -4.52 -12.00
C PHE D 32 -11.95 -4.20 -13.38
N TYR D 33 -11.78 -2.95 -13.80
CA TYR D 33 -12.20 -2.54 -15.13
C TYR D 33 -11.56 -3.36 -16.23
N ARG D 34 -10.24 -3.56 -16.18
CA ARG D 34 -9.56 -4.28 -17.28
C ARG D 34 -10.02 -5.73 -17.36
N GLU D 35 -10.28 -6.36 -16.21
CA GLU D 35 -10.65 -7.79 -16.18
C GLU D 35 -12.13 -8.00 -16.43
N GLN D 36 -12.97 -7.13 -15.87
CA GLN D 36 -14.42 -7.29 -15.92
C GLN D 36 -15.10 -6.58 -17.08
N GLY D 37 -14.46 -5.54 -17.60
CA GLY D 37 -15.04 -4.78 -18.73
C GLY D 37 -15.99 -3.65 -18.34
N TYR D 38 -16.18 -3.46 -17.04
CA TYR D 38 -16.94 -2.36 -16.52
C TYR D 38 -16.40 -2.06 -15.13
N VAL D 39 -16.71 -0.87 -14.60
CA VAL D 39 -16.44 -0.57 -13.21
C VAL D 39 -17.30 0.55 -12.71
N HIS D 40 -17.77 0.38 -11.48
CA HIS D 40 -18.60 1.40 -10.80
C HIS D 40 -17.72 2.31 -9.96
N ILE D 41 -17.71 3.60 -10.27
CA ILE D 41 -16.92 4.57 -9.55
C ILE D 41 -17.85 5.48 -8.82
N PRO D 42 -17.88 5.40 -7.49
CA PRO D 42 -18.83 6.28 -6.82
C PRO D 42 -18.35 7.71 -6.54
N ARG D 43 -19.33 8.61 -6.38
CA ARG D 43 -19.09 9.98 -5.90
C ARG D 43 -18.05 10.75 -6.73
N VAL D 44 -18.25 10.78 -8.03
CA VAL D 44 -17.35 11.52 -8.91
C VAL D 44 -17.79 12.99 -8.97
N LEU D 45 -19.10 13.18 -9.10
CA LEU D 45 -19.73 14.50 -9.06
C LEU D 45 -20.39 14.79 -7.73
N SER D 46 -20.27 16.04 -7.30
CA SER D 46 -20.92 16.52 -6.09
C SER D 46 -22.39 16.76 -6.35
N GLU D 47 -23.14 16.91 -5.27
CA GLU D 47 -24.56 17.16 -5.33
C GLU D 47 -24.82 18.46 -6.12
N THR D 48 -23.99 19.46 -5.90
CA THR D 48 -24.10 20.73 -6.60
C THR D 48 -23.92 20.53 -8.12
N GLU D 49 -22.89 19.79 -8.51
CA GLU D 49 -22.63 19.52 -9.92
C GLU D 49 -23.77 18.74 -10.57
N VAL D 50 -24.30 17.74 -9.87
CA VAL D 50 -25.40 16.96 -10.39
C VAL D 50 -26.60 17.87 -10.68
N THR D 51 -26.95 18.70 -9.74
CA THR D 51 -28.07 19.62 -9.91
C THR D 51 -27.86 20.52 -11.14
N ALA D 52 -26.66 21.07 -11.28
CA ALA D 52 -26.35 21.95 -12.42
C ALA D 52 -26.37 21.20 -13.77
N PHE D 53 -25.78 20.02 -13.82
CA PHE D 53 -25.70 19.29 -15.08
C PHE D 53 -27.06 18.76 -15.45
N ARG D 54 -27.84 18.34 -14.47
CA ARG D 54 -29.19 17.88 -14.75
C ARG D 54 -30.03 19.00 -15.32
N ALA D 55 -29.92 20.19 -14.74
CA ALA D 55 -30.68 21.33 -15.22
C ALA D 55 -30.31 21.68 -16.67
N ALA D 56 -29.02 21.64 -16.97
CA ALA D 56 -28.55 21.92 -18.33
C ALA D 56 -29.12 20.90 -19.30
N CYS D 57 -29.13 19.63 -18.91
CA CYS D 57 -29.72 18.58 -19.74
C CYS D 57 -31.19 18.80 -19.94
N GLU D 58 -31.89 19.25 -18.91
CA GLU D 58 -33.32 19.56 -19.02
C GLU D 58 -33.49 20.70 -20.03
N GLU D 59 -32.59 21.69 -20.02
CA GLU D 59 -32.68 22.80 -21.00
C GLU D 59 -32.50 22.27 -22.42
N VAL D 60 -31.55 21.37 -22.61
CA VAL D 60 -31.36 20.76 -23.92
C VAL D 60 -32.59 19.98 -24.37
N LEU D 61 -33.16 19.16 -23.48
CA LEU D 61 -34.38 18.42 -23.83
C LEU D 61 -35.48 19.37 -24.26
N GLU D 62 -35.65 20.46 -23.53
CA GLU D 62 -36.72 21.45 -23.85
C GLU D 62 -36.47 22.10 -25.23
N LYS D 63 -35.22 22.43 -25.50
CA LYS D 63 -34.85 23.15 -26.69
C LYS D 63 -34.81 22.27 -27.96
N GLU D 64 -34.21 21.09 -27.84
CA GLU D 64 -34.01 20.21 -28.98
C GLU D 64 -35.19 19.28 -29.25
N GLY D 65 -35.91 18.92 -28.22
CA GLY D 65 -36.84 17.80 -28.28
C GLY D 65 -36.09 16.46 -28.19
N ARG D 66 -36.76 15.44 -27.65
CA ARG D 66 -36.13 14.14 -27.53
C ARG D 66 -36.42 13.21 -28.68
N GLU D 67 -35.53 12.24 -28.87
CA GLU D 67 -35.76 11.16 -29.82
C GLU D 67 -36.00 9.84 -29.10
N ILE D 68 -36.62 8.91 -29.81
CA ILE D 68 -36.93 7.60 -29.25
C ILE D 68 -35.93 6.56 -29.66
N TRP D 69 -35.33 5.92 -28.69
CA TRP D 69 -34.53 4.73 -28.94
C TRP D 69 -35.49 3.59 -28.72
N GLY D 70 -35.85 2.95 -29.82
CA GLY D 70 -36.88 1.89 -29.82
C GLY D 70 -37.67 1.92 -31.12
N ALA D 71 -38.74 1.15 -31.17
CA ALA D 71 -39.57 1.03 -32.39
C ALA D 71 -40.87 1.88 -32.34
N GLY D 72 -40.77 3.18 -32.16
CA GLY D 72 -41.95 4.00 -32.15
C GLY D 72 -42.52 4.33 -30.75
N GLU D 73 -43.58 5.12 -30.76
CA GLU D 73 -44.14 5.73 -29.55
C GLU D 73 -44.60 4.72 -28.47
N ASP D 74 -44.98 3.52 -28.90
CA ASP D 74 -45.42 2.49 -27.96
C ASP D 74 -44.36 1.52 -27.53
N GLU D 75 -43.12 1.71 -27.98
CA GLU D 75 -42.04 0.77 -27.70
C GLU D 75 -40.76 1.52 -27.35
N VAL D 76 -40.86 2.44 -26.42
CA VAL D 76 -39.72 3.28 -26.03
C VAL D 76 -38.79 2.56 -25.04
N GLN D 77 -37.53 2.38 -25.42
CA GLN D 77 -36.51 1.92 -24.49
C GLN D 77 -35.91 3.10 -23.75
N VAL D 78 -35.51 4.12 -24.50
CA VAL D 78 -34.88 5.31 -23.94
C VAL D 78 -35.25 6.56 -24.74
N HIS D 79 -35.46 7.68 -24.04
CA HIS D 79 -35.56 8.97 -24.71
C HIS D 79 -34.19 9.54 -24.69
N TYR D 80 -33.73 10.02 -25.83
CA TYR D 80 -32.37 10.55 -25.90
C TYR D 80 -32.22 11.81 -26.72
N VAL D 81 -31.13 12.51 -26.46
CA VAL D 81 -30.61 13.52 -27.34
C VAL D 81 -29.18 13.13 -27.65
N ALA D 82 -28.84 13.03 -28.94
CA ALA D 82 -27.51 12.67 -29.40
C ALA D 82 -26.61 13.91 -29.56
N GLN D 83 -25.28 13.68 -29.57
CA GLN D 83 -24.31 14.78 -29.59
C GLN D 83 -24.73 15.84 -28.61
N ALA D 84 -25.18 15.37 -27.44
CA ALA D 84 -25.78 16.24 -26.45
C ALA D 84 -24.87 17.34 -25.89
N TRP D 85 -23.60 17.00 -25.65
CA TRP D 85 -22.67 17.94 -25.03
C TRP D 85 -22.44 19.15 -25.92
N GLN D 86 -22.64 19.00 -27.22
CA GLN D 86 -22.41 20.08 -28.18
C GLN D 86 -23.51 21.09 -28.14
N LYS D 87 -24.59 20.78 -27.44
CA LYS D 87 -25.83 21.55 -27.58
C LYS D 87 -26.14 22.46 -26.39
N HIS D 88 -25.22 22.51 -25.46
CA HIS D 88 -25.31 23.42 -24.35
C HIS D 88 -23.87 23.79 -23.99
N PRO D 89 -23.57 25.10 -23.90
CA PRO D 89 -22.25 25.55 -23.49
C PRO D 89 -21.68 24.83 -22.25
N GLU D 90 -22.48 24.68 -21.21
CA GLU D 90 -21.99 24.09 -19.93
C GLU D 90 -21.62 22.61 -19.99
N LEU D 91 -22.06 21.89 -21.01
CA LEU D 91 -21.87 20.45 -21.01
C LEU D 91 -20.49 20.07 -21.49
N ARG D 92 -19.75 21.02 -22.06
CA ARG D 92 -18.34 20.77 -22.37
C ARG D 92 -17.58 20.43 -21.11
N SER D 93 -17.96 21.06 -20.01
CA SER D 93 -17.32 20.84 -18.72
C SER D 93 -17.80 19.54 -18.04
N LEU D 94 -18.78 18.87 -18.64
CA LEU D 94 -19.18 17.52 -18.22
C LEU D 94 -18.32 16.49 -18.94
N VAL D 95 -18.25 16.55 -20.26
CA VAL D 95 -17.49 15.55 -21.03
C VAL D 95 -15.99 15.67 -20.85
N LEU D 96 -15.53 16.90 -20.62
CA LEU D 96 -14.13 17.16 -20.24
C LEU D 96 -13.98 17.49 -18.76
N HIS D 97 -14.91 17.02 -17.93
CA HIS D 97 -14.78 17.13 -16.50
C HIS D 97 -13.44 16.53 -16.13
N PRO D 98 -12.64 17.22 -15.31
CA PRO D 98 -11.29 16.70 -15.01
C PRO D 98 -11.31 15.33 -14.37
N GLU D 99 -12.29 15.06 -13.49
CA GLU D 99 -12.30 13.77 -12.80
C GLU D 99 -12.87 12.68 -13.68
N ILE D 100 -14.01 12.94 -14.31
CA ILE D 100 -14.65 11.89 -15.15
C ILE D 100 -13.74 11.52 -16.31
N SER D 101 -13.19 12.52 -16.99
CA SER D 101 -12.36 12.26 -18.17
C SER D 101 -10.98 11.77 -17.76
N GLY D 102 -10.46 12.27 -16.66
CA GLY D 102 -9.17 11.80 -16.16
C GLY D 102 -9.24 10.35 -15.69
N ILE D 103 -10.36 9.96 -15.10
CA ILE D 103 -10.56 8.58 -14.72
C ILE D 103 -10.66 7.72 -15.96
N ALA D 104 -11.39 8.19 -16.95
CA ALA D 104 -11.54 7.43 -18.20
C ALA D 104 -10.18 7.12 -18.79
N LEU D 105 -9.33 8.11 -18.76
CA LEU D 105 -8.00 7.97 -19.30
C LEU D 105 -7.17 6.92 -18.55
N ARG D 106 -7.26 6.92 -17.23
CA ARG D 106 -6.52 5.92 -16.45
C ARG D 106 -7.08 4.51 -16.68
N LEU D 107 -8.39 4.40 -16.81
CA LEU D 107 -9.00 3.11 -17.08
C LEU D 107 -8.61 2.58 -18.45
N ALA D 108 -8.61 3.45 -19.44
CA ALA D 108 -8.33 3.04 -20.81
C ALA D 108 -6.88 2.70 -21.06
N GLY D 109 -6.00 3.41 -20.39
CA GLY D 109 -4.58 3.18 -20.53
C GLY D 109 -4.02 3.65 -21.85
N ALA D 110 -4.77 4.54 -22.53
CA ALA D 110 -4.34 5.05 -23.83
C ALA D 110 -5.00 6.38 -24.09
N PRO D 111 -4.43 7.19 -25.01
CA PRO D 111 -5.02 8.50 -25.28
C PRO D 111 -6.43 8.43 -25.88
N LEU D 112 -7.28 9.36 -25.44
CA LEU D 112 -8.68 9.37 -25.81
C LEU D 112 -9.11 10.74 -26.35
N ARG D 113 -10.21 10.71 -27.10
CA ARG D 113 -10.96 11.88 -27.50
C ARG D 113 -12.41 11.67 -27.15
N VAL D 114 -13.14 12.76 -26.96
CA VAL D 114 -14.61 12.66 -26.85
C VAL D 114 -15.20 12.39 -28.23
N TYR D 115 -15.93 11.28 -28.35
CA TYR D 115 -16.62 10.97 -29.59
C TYR D 115 -17.97 11.69 -29.63
N SER D 116 -18.73 11.54 -28.56
CA SER D 116 -20.10 12.02 -28.48
C SER D 116 -20.63 11.86 -27.08
N SER D 117 -21.83 12.40 -26.84
CA SER D 117 -22.53 12.13 -25.61
C SER D 117 -24.02 12.12 -25.86
N ASP D 118 -24.75 11.46 -24.96
CA ASP D 118 -26.18 11.39 -25.06
C ASP D 118 -26.82 11.64 -23.74
N ILE D 119 -27.93 12.36 -23.78
CA ILE D 119 -28.83 12.42 -22.65
C ILE D 119 -29.68 11.13 -22.73
N LEU D 120 -29.78 10.41 -21.62
CA LEU D 120 -30.42 9.08 -21.61
C LEU D 120 -31.47 8.95 -20.52
N VAL D 121 -32.73 9.11 -20.92
CA VAL D 121 -33.85 9.25 -19.98
C VAL D 121 -34.75 8.05 -20.08
N LYS D 122 -35.15 7.49 -18.94
CA LYS D 122 -36.23 6.48 -18.90
C LYS D 122 -37.38 6.94 -18.04
N GLU D 123 -38.54 7.12 -18.64
CA GLU D 123 -39.70 7.58 -17.92
C GLU D 123 -40.27 6.37 -17.18
N PRO D 124 -40.82 6.61 -15.98
CA PRO D 124 -41.39 5.54 -15.17
C PRO D 124 -42.65 4.93 -15.79
N LYS D 125 -42.71 3.60 -15.80
CA LYS D 125 -43.87 2.84 -16.28
C LYS D 125 -44.18 2.97 -17.78
N ARG D 126 -43.31 3.63 -18.53
CA ARG D 126 -43.55 3.87 -19.94
C ARG D 126 -42.34 3.46 -20.78
N THR D 127 -41.44 2.69 -20.16
CA THR D 127 -40.25 2.23 -20.84
C THR D 127 -40.06 0.70 -20.84
N LEU D 128 -39.51 0.24 -21.95
CA LEU D 128 -39.04 -1.11 -22.11
C LEU D 128 -37.61 -1.19 -21.57
N PRO D 129 -37.12 -2.41 -21.32
CA PRO D 129 -35.71 -2.56 -21.08
C PRO D 129 -34.95 -2.05 -22.28
N THR D 130 -33.73 -1.64 -22.05
CA THR D 130 -32.83 -1.35 -23.13
C THR D 130 -32.21 -2.65 -23.57
N LEU D 131 -32.45 -2.97 -24.83
CA LEU D 131 -32.04 -4.23 -25.39
C LEU D 131 -30.52 -4.43 -25.33
N VAL D 132 -30.11 -5.64 -24.92
CA VAL D 132 -28.72 -6.01 -24.79
C VAL D 132 -27.93 -5.75 -26.06
N HIS D 133 -26.72 -5.24 -25.89
CA HIS D 133 -25.84 -4.92 -27.04
C HIS D 133 -24.43 -4.66 -26.55
N ASP D 134 -23.49 -4.56 -27.47
CA ASP D 134 -22.26 -3.85 -27.18
C ASP D 134 -22.25 -2.50 -27.99
N ASP D 135 -21.37 -1.59 -27.64
CA ASP D 135 -21.39 -0.26 -28.24
C ASP D 135 -20.59 -0.20 -29.53
N GLU D 136 -19.52 -0.98 -29.59
CA GLU D 136 -18.68 -1.09 -30.77
C GLU D 136 -19.52 -1.32 -32.05
N THR D 137 -20.50 -2.18 -31.93
CA THR D 137 -21.32 -2.56 -33.07
C THR D 137 -21.97 -1.34 -33.78
N GLY D 138 -22.41 -0.38 -32.98
CA GLY D 138 -23.10 0.77 -33.48
C GLY D 138 -22.30 2.07 -33.61
N LEU D 139 -20.99 2.00 -33.41
CA LEU D 139 -20.10 3.12 -33.56
C LEU D 139 -19.55 3.15 -34.96
N PRO D 140 -19.65 4.32 -35.64
CA PRO D 140 -19.22 4.45 -37.03
C PRO D 140 -17.73 4.74 -37.14
N LEU D 141 -16.92 3.84 -36.56
CA LEU D 141 -15.50 4.03 -36.39
C LEU D 141 -14.75 2.76 -36.78
N ASN D 142 -13.55 2.92 -37.31
CA ASN D 142 -12.73 1.76 -37.64
C ASN D 142 -12.21 1.14 -36.38
N GLU D 143 -11.76 -0.11 -36.48
CA GLU D 143 -11.30 -0.86 -35.32
C GLU D 143 -10.77 -0.03 -34.18
N LEU D 144 -11.41 -0.31 -33.07
CA LEU D 144 -11.30 0.37 -31.80
C LEU D 144 -10.52 -0.56 -30.92
N SER D 145 -9.98 0.01 -29.87
CA SER D 145 -9.09 -0.73 -29.02
C SER D 145 -9.50 -0.44 -27.58
N ALA D 146 -9.36 0.80 -27.14
CA ALA D 146 -9.59 1.17 -25.75
C ALA D 146 -10.82 2.02 -25.56
N THR D 147 -11.61 2.18 -26.61
CA THR D 147 -12.83 2.99 -26.53
C THR D 147 -13.76 2.51 -25.44
N LEU D 148 -14.29 3.46 -24.67
CA LEU D 148 -15.14 3.18 -23.52
C LEU D 148 -16.16 4.27 -23.29
N THR D 149 -17.19 3.93 -22.52
CA THR D 149 -18.27 4.86 -22.20
C THR D 149 -18.31 5.14 -20.70
N ALA D 150 -18.51 6.40 -20.34
CA ALA D 150 -18.87 6.80 -19.00
C ALA D 150 -20.37 6.99 -18.93
N TRP D 151 -21.05 6.20 -18.09
CA TRP D 151 -22.50 6.36 -17.88
C TRP D 151 -22.70 7.06 -16.57
N ILE D 152 -23.04 8.36 -16.66
CA ILE D 152 -23.03 9.24 -15.51
C ILE D 152 -24.43 9.34 -14.98
N ALA D 153 -24.63 9.07 -13.70
CA ALA D 153 -25.98 9.10 -13.13
C ALA D 153 -26.31 10.49 -12.66
N LEU D 154 -27.41 11.05 -13.17
CA LEU D 154 -27.86 12.36 -12.76
C LEU D 154 -29.12 12.31 -11.94
N THR D 155 -29.62 11.08 -11.71
CA THR D 155 -30.62 10.78 -10.69
C THR D 155 -30.14 9.53 -9.99
N ASP D 156 -30.66 9.24 -8.81
CA ASP D 156 -30.44 7.93 -8.19
C ASP D 156 -30.98 6.87 -9.12
N VAL D 157 -30.32 5.72 -9.14
CA VAL D 157 -30.76 4.60 -9.99
C VAL D 157 -30.74 3.26 -9.25
N PRO D 158 -31.70 3.05 -8.33
CA PRO D 158 -31.90 1.72 -7.82
C PRO D 158 -32.35 0.84 -8.96
N VAL D 159 -32.36 -0.45 -8.73
CA VAL D 159 -32.54 -1.44 -9.81
C VAL D 159 -33.78 -1.20 -10.67
N GLU D 160 -34.89 -1.00 -9.99
CA GLU D 160 -36.16 -0.86 -10.69
C GLU D 160 -36.38 0.52 -11.36
N ARG D 161 -35.44 1.45 -11.19
CA ARG D 161 -35.51 2.72 -11.90
C ARG D 161 -34.76 2.69 -13.24
N GLY D 162 -34.38 1.50 -13.72
CA GLY D 162 -33.78 1.37 -15.05
C GLY D 162 -32.29 1.30 -14.98
N CYS D 163 -31.78 0.55 -14.03
CA CYS D 163 -30.33 0.46 -13.89
C CYS D 163 -29.71 -0.42 -14.97
N MET D 164 -28.39 -0.28 -15.10
CA MET D 164 -27.65 -0.98 -16.09
C MET D 164 -27.29 -2.37 -15.55
N SER D 165 -27.12 -3.33 -16.45
CA SER D 165 -26.48 -4.62 -16.15
C SER D 165 -25.43 -4.95 -17.19
N TYR D 166 -24.41 -5.68 -16.77
CA TYR D 166 -23.22 -5.96 -17.58
C TYR D 166 -22.94 -7.44 -17.55
N VAL D 167 -22.35 -7.96 -18.63
CA VAL D 167 -21.82 -9.33 -18.66
C VAL D 167 -20.32 -9.29 -18.42
N PRO D 168 -19.88 -9.62 -17.20
CA PRO D 168 -18.47 -9.57 -16.86
C PRO D 168 -17.60 -10.34 -17.84
N GLY D 169 -16.51 -9.72 -18.25
CA GLY D 169 -15.51 -10.35 -19.11
C GLY D 169 -15.93 -10.41 -20.56
N SER D 170 -17.12 -9.91 -20.90
CA SER D 170 -17.62 -10.02 -22.27
C SER D 170 -16.88 -9.14 -23.31
N HIS D 171 -16.13 -8.17 -22.82
CA HIS D 171 -15.23 -7.40 -23.67
C HIS D 171 -14.07 -8.18 -24.24
N LEU D 172 -13.82 -9.36 -23.70
CA LEU D 172 -12.71 -10.20 -24.14
C LEU D 172 -13.19 -11.31 -25.06
N ARG D 173 -14.44 -11.28 -25.48
CA ARG D 173 -14.90 -12.23 -26.48
C ARG D 173 -13.98 -12.27 -27.72
N ALA D 174 -13.80 -13.47 -28.24
CA ALA D 174 -13.15 -13.67 -29.54
C ALA D 174 -13.98 -13.02 -30.67
N ARG D 175 -13.32 -12.74 -31.80
CA ARG D 175 -13.98 -12.16 -32.96
C ARG D 175 -15.26 -12.91 -33.43
N GLU D 176 -15.22 -14.25 -33.48
CA GLU D 176 -16.39 -15.05 -33.89
C GLU D 176 -17.64 -14.88 -33.00
N ASP D 177 -17.45 -14.37 -31.78
CA ASP D 177 -18.53 -14.12 -30.83
C ASP D 177 -18.91 -12.63 -30.72
N ARG D 178 -18.40 -11.81 -31.64
CA ARG D 178 -18.70 -10.38 -31.66
C ARG D 178 -19.30 -9.96 -33.00
N GLN D 179 -20.24 -9.06 -32.97
CA GLN D 179 -20.77 -8.59 -34.22
C GLN D 179 -19.82 -7.56 -34.92
N GLU D 180 -19.13 -6.74 -34.12
CA GLU D 180 -18.19 -5.66 -34.58
C GLU D 180 -18.72 -4.40 -35.22
N HIS D 181 -19.53 -4.52 -36.26
CA HIS D 181 -19.92 -3.34 -36.98
C HIS D 181 -21.14 -3.57 -37.81
N MET D 182 -22.14 -2.68 -37.69
CA MET D 182 -23.29 -2.69 -38.60
C MET D 182 -23.17 -1.57 -39.64
N THR D 183 -23.12 -1.92 -40.92
CA THR D 183 -23.18 -0.94 -41.97
C THR D 183 -24.62 -0.46 -42.19
N SER D 184 -25.57 -1.38 -42.11
CA SER D 184 -27.01 -1.06 -42.15
C SER D 184 -27.76 -2.01 -41.22
N PHE D 185 -29.01 -1.67 -40.92
CA PHE D 185 -29.77 -2.38 -39.88
C PHE D 185 -30.14 -3.79 -40.31
N ALA D 186 -30.12 -4.10 -41.59
CA ALA D 186 -30.34 -5.47 -42.03
C ALA D 186 -29.35 -6.46 -41.44
N GLU D 187 -28.23 -5.96 -40.93
CA GLU D 187 -27.16 -6.80 -40.38
C GLU D 187 -27.46 -7.20 -38.94
N PHE D 188 -28.54 -6.66 -38.37
CA PHE D 188 -28.93 -6.99 -37.01
C PHE D 188 -29.11 -8.49 -36.84
N ARG D 189 -28.53 -8.97 -35.75
CA ARG D 189 -28.72 -10.34 -35.29
C ARG D 189 -28.97 -10.37 -33.79
N ASP D 190 -29.83 -11.29 -33.35
CA ASP D 190 -29.97 -11.57 -31.90
C ASP D 190 -28.61 -11.93 -31.29
N LEU D 191 -28.34 -11.43 -30.12
CA LEU D 191 -27.06 -11.67 -29.56
C LEU D 191 -26.77 -13.18 -29.38
N ALA D 192 -27.78 -13.99 -29.05
CA ALA D 192 -27.54 -15.42 -28.92
C ALA D 192 -27.09 -16.08 -30.21
N ASP D 193 -27.46 -15.53 -31.35
CA ASP D 193 -27.00 -16.08 -32.63
C ASP D 193 -25.55 -15.69 -32.95
N VAL D 194 -25.19 -14.47 -32.57
CA VAL D 194 -23.81 -13.99 -32.66
C VAL D 194 -22.88 -14.67 -31.65
N TRP D 195 -23.30 -14.71 -30.40
CA TRP D 195 -22.55 -15.31 -29.27
C TRP D 195 -23.36 -16.43 -28.64
N PRO D 196 -23.26 -17.64 -29.16
CA PRO D 196 -24.15 -18.75 -28.67
C PRO D 196 -24.18 -18.94 -27.15
N ASP D 197 -23.06 -18.67 -26.49
CA ASP D 197 -22.97 -18.87 -25.05
C ASP D 197 -23.53 -17.72 -24.22
N TYR D 198 -23.94 -16.65 -24.90
CA TYR D 198 -24.54 -15.52 -24.20
C TYR D 198 -25.56 -15.87 -23.11
N PRO D 199 -26.56 -16.70 -23.43
CA PRO D 199 -27.58 -17.01 -22.41
C PRO D 199 -27.08 -17.69 -21.12
N TRP D 200 -25.89 -18.29 -21.16
CA TRP D 200 -25.31 -19.01 -20.00
C TRP D 200 -24.31 -18.14 -19.23
N GLN D 201 -24.16 -16.89 -19.65
CA GLN D 201 -23.24 -15.96 -18.98
C GLN D 201 -23.93 -15.28 -17.84
N PRO D 202 -23.19 -14.99 -16.79
CA PRO D 202 -23.74 -14.17 -15.70
C PRO D 202 -24.01 -12.74 -16.09
N ARG D 203 -24.98 -12.14 -15.42
CA ARG D 203 -25.43 -10.75 -15.64
C ARG D 203 -25.39 -10.01 -14.33
N VAL D 204 -24.70 -8.87 -14.29
CA VAL D 204 -24.57 -8.12 -13.05
C VAL D 204 -25.31 -6.81 -13.13
N ALA D 205 -26.29 -6.63 -12.25
CA ALA D 205 -27.02 -5.40 -12.16
C ALA D 205 -26.33 -4.47 -11.20
N VAL D 206 -26.17 -3.21 -11.62
CA VAL D 206 -25.34 -2.24 -10.89
C VAL D 206 -26.14 -0.98 -10.58
N PRO D 207 -26.94 -1.01 -9.54
CA PRO D 207 -27.59 0.20 -9.15
C PRO D 207 -26.59 1.22 -8.64
N VAL D 208 -26.92 2.52 -8.82
CA VAL D 208 -26.02 3.59 -8.43
C VAL D 208 -26.75 4.81 -7.87
N ARG D 209 -26.01 5.65 -7.16
CA ARG D 209 -26.52 6.89 -6.65
C ARG D 209 -26.19 8.04 -7.62
N ALA D 210 -26.97 9.12 -7.57
CA ALA D 210 -26.68 10.33 -8.40
C ALA D 210 -25.27 10.83 -8.13
N GLY D 211 -24.53 11.09 -9.20
CA GLY D 211 -23.14 11.52 -9.07
C GLY D 211 -22.11 10.41 -9.25
N ASP D 212 -22.56 9.15 -9.17
CA ASP D 212 -21.73 8.02 -9.47
C ASP D 212 -21.58 7.90 -10.98
N VAL D 213 -20.52 7.20 -11.39
CA VAL D 213 -20.32 6.87 -12.81
C VAL D 213 -19.96 5.40 -12.94
N VAL D 214 -20.54 4.74 -13.91
CA VAL D 214 -20.10 3.41 -14.29
C VAL D 214 -19.49 3.47 -15.69
N PHE D 215 -18.28 2.98 -15.84
CA PHE D 215 -17.58 2.96 -17.08
C PHE D 215 -17.65 1.59 -17.67
N HIS D 216 -17.84 1.50 -18.98
CA HIS D 216 -17.78 0.19 -19.64
C HIS D 216 -17.11 0.25 -21.02
N HIS D 217 -16.33 -0.79 -21.30
CA HIS D 217 -15.62 -0.91 -22.54
C HIS D 217 -16.56 -1.06 -23.71
N CYS D 218 -16.10 -0.66 -24.91
CA CYS D 218 -16.94 -0.70 -26.13
C CYS D 218 -17.34 -2.11 -26.60
N ARG D 219 -16.71 -3.11 -26.02
CA ARG D 219 -17.05 -4.50 -26.27
C ARG D 219 -17.77 -5.22 -25.14
N THR D 220 -17.92 -4.54 -24.02
CA THR D 220 -18.64 -5.11 -22.93
C THR D 220 -20.12 -5.17 -23.29
N VAL D 221 -20.66 -6.36 -23.19
CA VAL D 221 -22.09 -6.60 -23.39
C VAL D 221 -22.88 -6.06 -22.20
N HIS D 222 -23.90 -5.27 -22.50
CA HIS D 222 -24.66 -4.58 -21.47
C HIS D 222 -26.10 -4.28 -21.91
N MET D 223 -26.91 -3.86 -20.95
CA MET D 223 -28.33 -3.72 -21.14
C MET D 223 -28.85 -2.85 -19.99
N ALA D 224 -30.15 -2.56 -19.99
CA ALA D 224 -30.75 -1.88 -18.85
C ALA D 224 -32.16 -2.34 -18.61
N GLU D 225 -32.55 -2.27 -17.35
CA GLU D 225 -33.92 -2.57 -16.93
C GLU D 225 -34.90 -1.56 -17.48
N ALA D 226 -36.16 -1.97 -17.56
CA ALA D 226 -37.26 -1.05 -17.61
C ALA D 226 -37.31 -0.20 -16.36
N ASN D 227 -37.86 1.00 -16.48
CA ASN D 227 -38.07 1.82 -15.30
C ASN D 227 -39.48 1.56 -14.88
N THR D 228 -39.63 0.82 -13.76
CA THR D 228 -40.95 0.55 -13.18
C THR D 228 -41.13 1.29 -11.86
N SER D 229 -40.23 2.20 -11.54
CA SER D 229 -40.35 3.01 -10.32
C SER D 229 -41.39 4.12 -10.54
N ASP D 230 -41.41 5.11 -9.65
CA ASP D 230 -42.33 6.24 -9.75
C ASP D 230 -41.60 7.49 -10.22
N SER D 231 -40.32 7.36 -10.54
CA SER D 231 -39.48 8.51 -10.84
C SER D 231 -38.66 8.36 -12.09
N VAL D 232 -38.46 9.48 -12.77
CA VAL D 232 -37.69 9.52 -13.98
C VAL D 232 -36.27 9.07 -13.69
N ARG D 233 -35.68 8.37 -14.62
CA ARG D 233 -34.24 8.12 -14.55
C ARG D 233 -33.49 8.96 -15.59
N MET D 234 -32.43 9.63 -15.19
CA MET D 234 -31.62 10.32 -16.18
C MET D 234 -30.17 9.98 -15.99
N ALA D 235 -29.56 9.49 -17.05
CA ALA D 235 -28.11 9.41 -17.12
C ALA D 235 -27.57 10.21 -18.30
N HIS D 236 -26.26 10.42 -18.28
CA HIS D 236 -25.56 11.01 -19.39
C HIS D 236 -24.44 10.10 -19.82
N GLY D 237 -24.52 9.58 -21.04
CA GLY D 237 -23.53 8.66 -21.54
C GLY D 237 -22.49 9.42 -22.34
N VAL D 238 -21.22 9.28 -22.01
CA VAL D 238 -20.16 9.91 -22.79
C VAL D 238 -19.25 8.88 -23.42
N VAL D 239 -19.09 8.91 -24.73
CA VAL D 239 -18.23 7.95 -25.40
C VAL D 239 -16.88 8.57 -25.61
N TYR D 240 -15.87 7.97 -25.01
CA TYR D 240 -14.48 8.39 -25.18
C TYR D 240 -13.80 7.39 -26.10
N MET D 241 -13.42 7.86 -27.28
CA MET D 241 -12.88 6.98 -28.29
C MET D 241 -11.36 7.02 -28.27
N ASP D 242 -10.74 6.02 -28.86
CA ASP D 242 -9.31 6.06 -29.16
C ASP D 242 -8.98 7.38 -29.89
N ALA D 243 -7.88 8.01 -29.50
CA ALA D 243 -7.52 9.34 -30.01
C ALA D 243 -7.17 9.39 -31.49
N ASP D 244 -6.93 8.22 -32.10
CA ASP D 244 -6.61 8.13 -33.54
C ASP D 244 -7.73 7.45 -34.31
N ALA D 245 -8.93 7.42 -33.73
CA ALA D 245 -10.05 6.79 -34.39
C ALA D 245 -10.37 7.47 -35.72
N THR D 246 -10.79 6.67 -36.69
CA THR D 246 -11.21 7.16 -37.99
C THR D 246 -12.66 6.79 -38.29
N TYR D 247 -13.21 7.45 -39.32
CA TYR D 247 -14.60 7.31 -39.69
C TYR D 247 -14.83 6.07 -40.53
N ARG D 248 -15.83 5.30 -40.11
CA ARG D 248 -16.30 4.17 -40.86
C ARG D 248 -17.81 4.24 -41.03
N PRO D 249 -18.29 4.31 -42.27
CA PRO D 249 -19.73 4.40 -42.49
C PRO D 249 -20.52 3.30 -41.82
N GLY D 250 -21.62 3.69 -41.20
CA GLY D 250 -22.49 2.75 -40.56
C GLY D 250 -23.77 3.40 -40.07
N VAL D 251 -24.52 2.65 -39.30
CA VAL D 251 -25.88 3.02 -38.85
C VAL D 251 -26.16 4.26 -38.02
N GLN D 252 -25.16 4.89 -37.43
CA GLN D 252 -25.50 6.06 -36.61
C GLN D 252 -24.58 7.13 -37.03
N ASP D 253 -24.49 7.39 -38.33
CA ASP D 253 -23.45 8.28 -38.84
C ASP D 253 -23.96 9.55 -39.49
N GLY D 254 -25.25 9.82 -39.32
CA GLY D 254 -25.91 10.94 -40.04
C GLY D 254 -25.27 12.27 -39.79
N HIS D 255 -24.79 12.45 -38.57
CA HIS D 255 -24.12 13.71 -38.17
C HIS D 255 -22.67 13.82 -38.63
N LEU D 256 -22.18 12.83 -39.36
CA LEU D 256 -20.79 12.83 -39.86
C LEU D 256 -20.71 13.04 -41.37
N SER D 257 -21.73 13.63 -41.95
CA SER D 257 -21.79 13.85 -43.39
C SER D 257 -20.61 14.65 -43.97
N ARG D 258 -19.99 15.48 -43.15
CA ARG D 258 -18.86 16.30 -43.64
C ARG D 258 -17.59 15.47 -43.80
N LEU D 259 -17.57 14.24 -43.28
CA LEU D 259 -16.36 13.43 -43.36
C LEU D 259 -16.38 12.43 -44.49
N SER D 260 -15.19 12.02 -44.90
CA SER D 260 -15.01 10.90 -45.83
C SER D 260 -14.51 9.68 -45.09
N PRO D 261 -14.87 8.48 -45.57
CA PRO D 261 -14.34 7.25 -44.95
C PRO D 261 -12.83 7.31 -44.73
N GLY D 262 -12.41 6.92 -43.53
CA GLY D 262 -11.00 6.88 -43.20
C GLY D 262 -10.48 8.19 -42.64
N ASP D 263 -11.27 9.26 -42.74
CA ASP D 263 -10.87 10.53 -42.16
C ASP D 263 -10.76 10.41 -40.65
N PRO D 264 -9.75 11.03 -40.07
CA PRO D 264 -9.67 11.03 -38.62
C PRO D 264 -10.72 11.94 -38.04
N LEU D 265 -11.18 11.61 -36.83
CA LEU D 265 -12.13 12.46 -36.11
C LEU D 265 -11.33 13.30 -35.12
N GLU D 266 -11.26 14.60 -35.40
CA GLU D 266 -10.35 15.53 -34.78
C GLU D 266 -10.97 16.90 -34.66
N GLY D 267 -10.22 17.82 -34.07
CA GLY D 267 -10.69 19.20 -33.98
C GLY D 267 -11.64 19.41 -32.82
N GLU D 268 -12.36 20.52 -32.87
CA GLU D 268 -13.11 21.00 -31.72
C GLU D 268 -14.30 20.14 -31.36
N LEU D 269 -14.89 19.46 -32.32
CA LEU D 269 -16.05 18.58 -32.02
C LEU D 269 -15.66 17.25 -31.41
N PHE D 270 -14.40 16.87 -31.54
CA PHE D 270 -13.87 15.60 -30.99
C PHE D 270 -12.60 15.88 -30.14
N PRO D 271 -12.76 16.67 -29.06
CA PRO D 271 -11.60 17.16 -28.31
C PRO D 271 -10.83 16.09 -27.56
N LEU D 272 -9.52 16.27 -27.53
CA LEU D 272 -8.63 15.40 -26.77
C LEU D 272 -8.91 15.49 -25.29
N VAL D 273 -8.85 14.35 -24.62
CA VAL D 273 -8.87 14.33 -23.20
C VAL D 273 -7.43 14.59 -22.68
N THR D 274 -7.28 15.58 -21.80
CA THR D 274 -6.02 15.89 -21.18
C THR D 274 -6.31 15.65 -19.69
N GLY E 17 35.73 -37.95 -7.55
CA GLY E 17 36.93 -37.11 -7.81
C GLY E 17 36.63 -35.60 -7.89
N GLY E 18 36.07 -35.21 -9.04
CA GLY E 18 36.00 -33.82 -9.45
C GLY E 18 34.70 -33.03 -9.22
N PRO E 19 34.71 -31.79 -9.66
CA PRO E 19 33.52 -30.95 -9.56
C PRO E 19 32.32 -31.49 -10.33
N THR E 20 31.13 -31.29 -9.82
CA THR E 20 29.91 -31.59 -10.58
C THR E 20 29.48 -30.29 -11.25
N THR E 21 29.23 -30.36 -12.55
CA THR E 21 28.78 -29.22 -13.34
C THR E 21 27.45 -29.54 -14.01
N ALA E 22 26.81 -28.54 -14.57
CA ALA E 22 25.55 -28.73 -15.28
C ALA E 22 25.75 -29.69 -16.46
N GLU E 23 26.94 -29.68 -17.05
CA GLU E 23 27.26 -30.48 -18.20
C GLU E 23 27.48 -31.95 -17.87
N ASN E 24 28.16 -32.24 -16.77
CA ASN E 24 28.50 -33.60 -16.40
C ASN E 24 27.50 -34.26 -15.41
N LEU E 25 26.48 -33.53 -15.01
CA LEU E 25 25.43 -34.06 -14.15
C LEU E 25 24.84 -35.32 -14.76
N SER E 26 24.82 -36.38 -13.96
CA SER E 26 24.36 -37.71 -14.46
C SER E 26 22.87 -37.78 -14.58
N LYS E 27 22.45 -38.54 -15.58
CA LYS E 27 21.04 -38.88 -15.76
C LYS E 27 20.47 -39.54 -14.54
N GLU E 28 21.30 -40.31 -13.85
CA GLU E 28 20.84 -40.98 -12.60
C GLU E 28 20.56 -39.98 -11.48
N ALA E 29 21.37 -38.93 -11.38
CA ALA E 29 21.09 -37.90 -10.42
C ALA E 29 19.73 -37.23 -10.69
N VAL E 30 19.43 -37.01 -11.96
CA VAL E 30 18.19 -36.32 -12.34
C VAL E 30 17.03 -37.22 -12.00
N ARG E 31 17.15 -38.48 -12.35
CA ARG E 31 16.11 -39.45 -12.07
C ARG E 31 15.91 -39.62 -10.55
N PHE E 32 16.99 -39.59 -9.80
CA PHE E 32 16.89 -39.65 -8.35
C PHE E 32 16.11 -38.49 -7.82
N TYR E 33 16.47 -37.28 -8.25
CA TYR E 33 15.69 -36.08 -7.90
C TYR E 33 14.19 -36.19 -8.25
N ARG E 34 13.84 -36.64 -9.44
CA ARG E 34 12.43 -36.68 -9.84
C ARG E 34 11.64 -37.69 -9.04
N GLU E 35 12.26 -38.83 -8.72
CA GLU E 35 11.59 -39.89 -7.96
C GLU E 35 11.58 -39.64 -6.46
N GLN E 36 12.69 -39.14 -5.92
CA GLN E 36 12.83 -38.99 -4.49
C GLN E 36 12.44 -37.61 -3.95
N GLY E 37 12.48 -36.57 -4.78
CA GLY E 37 12.14 -35.24 -4.35
C GLY E 37 13.27 -34.40 -3.77
N TYR E 38 14.46 -34.98 -3.72
CA TYR E 38 15.66 -34.28 -3.30
C TYR E 38 16.84 -34.95 -3.97
N VAL E 39 17.97 -34.24 -4.04
CA VAL E 39 19.21 -34.88 -4.48
C VAL E 39 20.41 -34.13 -3.97
N HIS E 40 21.41 -34.90 -3.57
CA HIS E 40 22.67 -34.38 -3.11
C HIS E 40 23.65 -34.31 -4.26
N ILE E 41 24.12 -33.11 -4.57
CA ILE E 41 25.10 -32.93 -5.63
C ILE E 41 26.42 -32.45 -5.04
N PRO E 42 27.46 -33.26 -5.12
CA PRO E 42 28.68 -32.78 -4.47
C PRO E 42 29.55 -31.88 -5.34
N ARG E 43 30.38 -31.09 -4.66
CA ARG E 43 31.49 -30.35 -5.27
C ARG E 43 31.04 -29.47 -6.40
N VAL E 44 30.04 -28.65 -6.15
CA VAL E 44 29.55 -27.71 -7.15
C VAL E 44 30.40 -26.41 -7.12
N LEU E 45 30.68 -25.93 -5.91
CA LEU E 45 31.57 -24.83 -5.67
C LEU E 45 32.95 -25.27 -5.17
N SER E 46 33.97 -24.57 -5.65
CA SER E 46 35.35 -24.84 -5.28
C SER E 46 35.59 -24.27 -3.92
N GLU E 47 36.69 -24.67 -3.32
CA GLU E 47 37.10 -24.15 -2.01
C GLU E 47 37.25 -22.62 -2.05
N THR E 48 37.80 -22.11 -3.13
CA THR E 48 37.96 -20.69 -3.32
C THR E 48 36.61 -19.94 -3.38
N GLU E 49 35.67 -20.48 -4.13
CA GLU E 49 34.33 -19.90 -4.17
C GLU E 49 33.61 -19.94 -2.85
N VAL E 50 33.72 -21.06 -2.14
CA VAL E 50 33.10 -21.18 -0.80
C VAL E 50 33.64 -20.09 0.13
N THR E 51 34.95 -19.92 0.15
CA THR E 51 35.55 -18.92 1.00
C THR E 51 34.96 -17.54 0.65
N ALA E 52 34.89 -17.23 -0.64
CA ALA E 52 34.43 -15.87 -1.07
C ALA E 52 32.96 -15.66 -0.75
N PHE E 53 32.15 -16.66 -1.02
CA PHE E 53 30.71 -16.52 -0.77
C PHE E 53 30.41 -16.50 0.69
N ARG E 54 31.14 -17.29 1.47
CA ARG E 54 30.94 -17.23 2.92
C ARG E 54 31.27 -15.87 3.47
N ALA E 55 32.38 -15.30 3.01
CA ALA E 55 32.81 -13.98 3.49
C ALA E 55 31.77 -12.91 3.16
N ALA E 56 31.20 -12.99 1.96
CA ALA E 56 30.14 -12.06 1.53
C ALA E 56 28.92 -12.19 2.40
N CYS E 57 28.53 -13.45 2.69
CA CYS E 57 27.40 -13.67 3.60
C CYS E 57 27.67 -13.13 5.00
N GLU E 58 28.89 -13.26 5.48
CA GLU E 58 29.29 -12.69 6.78
C GLU E 58 29.15 -11.16 6.74
N GLU E 59 29.54 -10.55 5.64
CA GLU E 59 29.38 -9.08 5.49
C GLU E 59 27.90 -8.70 5.55
N VAL E 60 27.05 -9.47 4.90
CA VAL E 60 25.61 -9.21 4.94
C VAL E 60 25.06 -9.35 6.34
N LEU E 61 25.42 -10.41 7.03
CA LEU E 61 24.99 -10.57 8.43
C LEU E 61 25.40 -9.39 9.31
N GLU E 62 26.62 -8.93 9.16
CA GLU E 62 27.11 -7.78 9.93
C GLU E 62 26.31 -6.50 9.57
N LYS E 63 26.08 -6.27 8.30
CA LYS E 63 25.45 -5.03 7.77
C LYS E 63 23.92 -4.96 7.99
N GLU E 64 23.25 -6.07 7.76
CA GLU E 64 21.77 -6.15 7.87
C GLU E 64 21.25 -6.55 9.24
N GLY E 65 22.03 -7.33 9.97
CA GLY E 65 21.54 -7.92 11.18
C GLY E 65 20.70 -9.14 10.85
N ARG E 66 20.71 -10.12 11.71
CA ARG E 66 19.96 -11.35 11.45
C ARG E 66 18.58 -11.34 12.04
N GLU E 67 17.72 -12.20 11.50
CA GLU E 67 16.40 -12.43 12.07
C GLU E 67 16.30 -13.85 12.61
N ILE E 68 15.35 -14.03 13.54
CA ILE E 68 15.11 -15.33 14.13
C ILE E 68 13.99 -16.09 13.44
N TRP E 69 14.30 -17.28 12.94
CA TRP E 69 13.26 -18.22 12.52
C TRP E 69 13.03 -19.08 13.76
N GLY E 70 11.87 -18.87 14.38
CA GLY E 70 11.53 -19.53 15.64
C GLY E 70 10.73 -18.58 16.53
N ALA E 71 10.50 -18.95 17.78
CA ALA E 71 9.61 -18.19 18.66
C ALA E 71 10.39 -17.30 19.66
N GLY E 72 11.22 -16.41 19.18
CA GLY E 72 11.98 -15.54 20.10
C GLY E 72 13.40 -16.00 20.42
N GLU E 73 14.07 -15.19 21.25
CA GLU E 73 15.52 -15.35 21.50
C GLU E 73 15.90 -16.72 22.11
N ASP E 74 15.00 -17.32 22.87
CA ASP E 74 15.30 -18.58 23.50
C ASP E 74 14.88 -19.82 22.71
N GLU E 75 14.37 -19.64 21.50
CA GLU E 75 13.79 -20.74 20.71
C GLU E 75 14.16 -20.57 19.27
N VAL E 76 15.43 -20.37 19.02
CA VAL E 76 15.94 -20.16 17.69
C VAL E 76 16.14 -21.48 16.95
N GLN E 77 15.43 -21.66 15.83
CA GLN E 77 15.72 -22.74 14.91
C GLN E 77 16.83 -22.35 13.94
N VAL E 78 16.71 -21.17 13.35
CA VAL E 78 17.68 -20.69 12.36
C VAL E 78 17.82 -19.16 12.47
N HIS E 79 19.03 -18.65 12.32
CA HIS E 79 19.22 -17.22 12.10
C HIS E 79 19.29 -17.01 10.61
N TYR E 80 18.55 -16.03 10.11
CA TYR E 80 18.51 -15.81 8.67
C TYR E 80 18.53 -14.36 8.25
N VAL E 81 18.88 -14.16 6.98
CA VAL E 81 18.67 -12.90 6.27
C VAL E 81 17.94 -13.24 5.01
N ALA E 82 16.75 -12.67 4.83
CA ALA E 82 15.91 -12.98 3.68
C ALA E 82 16.30 -12.06 2.49
N GLN E 83 15.88 -12.46 1.29
CA GLN E 83 16.22 -11.75 0.06
C GLN E 83 17.70 -11.47 0.06
N ALA E 84 18.46 -12.41 0.56
CA ALA E 84 19.86 -12.16 0.88
C ALA E 84 20.70 -11.77 -0.33
N TRP E 85 20.44 -12.39 -1.48
CA TRP E 85 21.29 -12.19 -2.65
C TRP E 85 21.19 -10.78 -3.18
N GLN E 86 20.10 -10.11 -2.85
CA GLN E 86 19.89 -8.74 -3.25
C GLN E 86 20.74 -7.78 -2.44
N LYS E 87 21.35 -8.27 -1.37
CA LYS E 87 21.93 -7.39 -0.36
C LYS E 87 23.46 -7.32 -0.36
N HIS E 88 24.07 -7.97 -1.35
CA HIS E 88 25.51 -7.86 -1.55
C HIS E 88 25.77 -7.99 -3.04
N PRO E 89 26.66 -7.17 -3.59
CA PRO E 89 27.00 -7.19 -5.04
C PRO E 89 27.45 -8.54 -5.56
N GLU E 90 28.26 -9.23 -4.80
CA GLU E 90 28.73 -10.55 -5.20
C GLU E 90 27.72 -11.71 -5.21
N LEU E 91 26.57 -11.58 -4.53
CA LEU E 91 25.71 -12.76 -4.34
C LEU E 91 24.78 -13.04 -5.51
N ARG E 92 24.67 -12.10 -6.44
CA ARG E 92 23.98 -12.36 -7.68
C ARG E 92 24.67 -13.47 -8.42
N SER E 93 25.99 -13.49 -8.34
CA SER E 93 26.75 -14.55 -9.01
C SER E 93 26.69 -15.93 -8.26
N LEU E 94 26.08 -15.95 -7.08
CA LEU E 94 25.77 -17.19 -6.37
C LEU E 94 24.44 -17.77 -6.84
N VAL E 95 23.38 -16.97 -6.83
CA VAL E 95 22.04 -17.45 -7.25
C VAL E 95 21.95 -17.72 -8.73
N LEU E 96 22.72 -16.97 -9.54
CA LEU E 96 22.84 -17.23 -10.98
C LEU E 96 24.18 -17.88 -11.31
N HIS E 97 24.80 -18.52 -10.35
CA HIS E 97 26.03 -19.30 -10.62
C HIS E 97 25.73 -20.28 -11.74
N PRO E 98 26.65 -20.46 -12.71
CA PRO E 98 26.25 -21.20 -13.92
C PRO E 98 26.02 -22.66 -13.60
N GLU E 99 26.80 -23.20 -12.68
CA GLU E 99 26.66 -24.63 -12.34
C GLU E 99 25.48 -24.88 -11.42
N ILE E 100 25.36 -24.10 -10.36
CA ILE E 100 24.23 -24.26 -9.46
C ILE E 100 22.87 -24.04 -10.15
N SER E 101 22.74 -22.92 -10.85
CA SER E 101 21.48 -22.61 -11.49
C SER E 101 21.26 -23.50 -12.72
N GLY E 102 22.33 -23.83 -13.46
CA GLY E 102 22.19 -24.73 -14.61
C GLY E 102 21.75 -26.15 -14.17
N ILE E 103 22.27 -26.61 -13.04
CA ILE E 103 21.85 -27.90 -12.53
C ILE E 103 20.40 -27.81 -12.10
N ALA E 104 20.00 -26.71 -11.45
CA ALA E 104 18.61 -26.56 -11.02
C ALA E 104 17.66 -26.67 -12.19
N LEU E 105 18.06 -26.07 -13.28
CA LEU E 105 17.27 -26.07 -14.50
C LEU E 105 17.12 -27.51 -15.05
N ARG E 106 18.19 -28.28 -15.06
CA ARG E 106 18.14 -29.64 -15.55
C ARG E 106 17.26 -30.53 -14.62
N LEU E 107 17.35 -30.31 -13.34
CA LEU E 107 16.56 -31.07 -12.39
C LEU E 107 15.07 -30.75 -12.52
N ALA E 108 14.75 -29.45 -12.68
CA ALA E 108 13.36 -29.01 -12.73
C ALA E 108 12.69 -29.43 -14.00
N GLY E 109 13.43 -29.41 -15.10
CA GLY E 109 12.89 -29.73 -16.41
C GLY E 109 12.01 -28.63 -17.00
N ALA E 110 12.09 -27.43 -16.46
CA ALA E 110 11.22 -26.33 -16.91
C ALA E 110 11.87 -25.00 -16.59
N PRO E 111 11.44 -23.92 -17.25
CA PRO E 111 12.09 -22.63 -17.03
C PRO E 111 11.90 -22.10 -15.62
N LEU E 112 12.95 -21.49 -15.09
CA LEU E 112 12.96 -21.00 -13.71
C LEU E 112 13.37 -19.53 -13.59
N ARG E 113 12.96 -18.93 -12.50
CA ARG E 113 13.43 -17.63 -12.07
C ARG E 113 13.90 -17.74 -10.63
N VAL E 114 14.77 -16.84 -10.24
CA VAL E 114 15.13 -16.73 -8.81
C VAL E 114 14.01 -16.03 -8.08
N TYR E 115 13.43 -16.72 -7.09
CA TYR E 115 12.40 -16.12 -6.22
C TYR E 115 13.03 -15.33 -5.09
N SER E 116 14.00 -15.94 -4.41
CA SER E 116 14.65 -15.33 -3.26
C SER E 116 15.83 -16.17 -2.83
N SER E 117 16.59 -15.68 -1.85
CA SER E 117 17.56 -16.51 -1.20
C SER E 117 17.65 -16.10 0.25
N ASP E 118 18.19 -17.02 1.07
CA ASP E 118 18.34 -16.78 2.49
C ASP E 118 19.69 -17.25 2.96
N ILE E 119 20.27 -16.47 3.82
CA ILE E 119 21.41 -16.91 4.55
C ILE E 119 20.82 -17.72 5.72
N LEU E 120 21.34 -18.92 5.93
CA LEU E 120 20.73 -19.87 6.91
C LEU E 120 21.77 -20.43 7.88
N VAL E 121 21.81 -19.83 9.06
CA VAL E 121 22.86 -20.06 10.04
C VAL E 121 22.27 -20.81 11.25
N LYS E 122 22.94 -21.87 11.68
CA LYS E 122 22.67 -22.44 13.02
C LYS E 122 23.89 -22.32 13.94
N GLU E 123 23.75 -21.58 15.04
CA GLU E 123 24.82 -21.49 16.01
C GLU E 123 24.89 -22.77 16.83
N PRO E 124 26.10 -23.19 17.17
CA PRO E 124 26.30 -24.40 17.96
C PRO E 124 25.74 -24.32 19.36
N LYS E 125 25.02 -25.35 19.76
CA LYS E 125 24.48 -25.49 21.13
C LYS E 125 23.36 -24.51 21.51
N ARG E 126 22.90 -23.69 20.57
CA ARG E 126 21.91 -22.66 20.84
C ARG E 126 20.73 -22.72 19.88
N THR E 127 20.64 -23.83 19.17
CA THR E 127 19.62 -23.99 18.18
C THR E 127 18.76 -25.18 18.41
N LEU E 128 17.51 -24.98 18.10
CA LEU E 128 16.55 -26.04 17.99
C LEU E 128 16.64 -26.70 16.60
N PRO E 129 16.08 -27.91 16.48
CA PRO E 129 15.87 -28.43 15.13
C PRO E 129 14.97 -27.51 14.32
N THR E 130 15.15 -27.52 13.01
CA THR E 130 14.24 -26.79 12.12
C THR E 130 13.03 -27.67 11.88
N LEU E 131 11.89 -27.19 12.30
CA LEU E 131 10.69 -27.94 12.30
C LEU E 131 10.26 -28.38 10.90
N VAL E 132 9.83 -29.63 10.83
CA VAL E 132 9.47 -30.26 9.56
C VAL E 132 8.42 -29.47 8.81
N HIS E 133 8.57 -29.42 7.50
CA HIS E 133 7.65 -28.63 6.64
C HIS E 133 7.89 -28.90 5.19
N ASP E 134 7.00 -28.44 4.34
CA ASP E 134 7.35 -28.28 2.94
C ASP E 134 7.41 -26.79 2.64
N ASP E 135 8.06 -26.42 1.55
CA ASP E 135 8.30 -25.00 1.30
C ASP E 135 7.11 -24.33 0.60
N GLU E 136 6.42 -25.08 -0.24
CA GLU E 136 5.24 -24.61 -0.92
C GLU E 136 4.25 -23.92 0.02
N THR E 137 4.07 -24.51 1.19
CA THR E 137 3.10 -24.02 2.16
C THR E 137 3.35 -22.53 2.52
N GLY E 138 4.62 -22.16 2.60
CA GLY E 138 5.02 -20.80 3.00
C GLY E 138 5.48 -19.84 1.90
N LEU E 139 5.36 -20.25 0.64
CA LEU E 139 5.69 -19.40 -0.50
C LEU E 139 4.44 -18.65 -0.93
N PRO E 140 4.54 -17.33 -1.09
CA PRO E 140 3.40 -16.50 -1.42
C PRO E 140 3.17 -16.47 -2.91
N LEU E 141 2.97 -17.66 -3.48
CA LEU E 141 2.89 -17.86 -4.91
C LEU E 141 1.72 -18.73 -5.26
N ASN E 142 1.15 -18.53 -6.44
CA ASN E 142 0.07 -19.40 -6.91
C ASN E 142 0.61 -20.72 -7.35
N GLU E 143 -0.26 -21.72 -7.49
CA GLU E 143 0.17 -23.07 -7.80
C GLU E 143 1.45 -23.15 -8.59
N LEU E 144 2.34 -23.91 -7.97
CA LEU E 144 3.70 -24.14 -8.36
C LEU E 144 3.74 -25.53 -8.92
N SER E 145 4.76 -25.78 -9.68
CA SER E 145 4.87 -27.04 -10.38
C SER E 145 6.28 -27.59 -10.19
N ALA E 146 7.27 -26.90 -10.72
CA ALA E 146 8.65 -27.37 -10.70
C ALA E 146 9.54 -26.59 -9.76
N THR E 147 8.94 -25.69 -8.98
CA THR E 147 9.71 -24.90 -7.99
C THR E 147 10.52 -25.79 -7.04
N LEU E 148 11.79 -25.40 -6.85
CA LEU E 148 12.72 -26.15 -6.02
C LEU E 148 13.72 -25.22 -5.34
N THR E 149 14.37 -25.76 -4.30
CA THR E 149 15.35 -25.03 -3.54
C THR E 149 16.72 -25.67 -3.68
N ALA E 150 17.75 -24.85 -3.87
CA ALA E 150 19.14 -25.26 -3.74
C ALA E 150 19.63 -24.88 -2.35
N TRP E 151 20.01 -25.87 -1.56
CA TRP E 151 20.59 -25.62 -0.24
C TRP E 151 22.07 -25.78 -0.37
N ILE E 152 22.79 -24.66 -0.37
CA ILE E 152 24.22 -24.62 -0.67
C ILE E 152 25.01 -24.59 0.62
N ALA E 153 25.90 -25.56 0.82
CA ALA E 153 26.63 -25.62 2.06
C ALA E 153 27.83 -24.71 1.93
N LEU E 154 27.95 -23.77 2.88
CA LEU E 154 29.14 -22.92 2.96
C LEU E 154 30.01 -23.22 4.17
N THR E 155 29.61 -24.23 4.95
CA THR E 155 30.49 -24.89 5.89
C THR E 155 30.29 -26.38 5.71
N ASP E 156 31.21 -27.21 6.18
CA ASP E 156 30.94 -28.61 6.29
C ASP E 156 29.70 -28.78 7.17
N VAL E 157 28.90 -29.81 6.86
CA VAL E 157 27.69 -30.12 7.65
C VAL E 157 27.56 -31.63 7.95
N PRO E 158 28.39 -32.13 8.86
CA PRO E 158 28.11 -33.47 9.40
C PRO E 158 26.82 -33.42 10.16
N VAL E 159 26.29 -34.58 10.50
CA VAL E 159 24.92 -34.71 11.01
C VAL E 159 24.61 -33.81 12.21
N GLU E 160 25.51 -33.83 13.18
CA GLU E 160 25.32 -33.06 14.38
C GLU E 160 25.58 -31.54 14.23
N ARG E 161 26.03 -31.07 13.06
CA ARG E 161 26.16 -29.64 12.84
CA ARG E 161 26.17 -29.64 12.84
C ARG E 161 24.90 -29.03 12.23
N GLY E 162 23.78 -29.74 12.26
CA GLY E 162 22.51 -29.19 11.80
C GLY E 162 22.21 -29.56 10.38
N CYS E 163 22.45 -30.80 10.02
CA CYS E 163 22.21 -31.22 8.66
C CYS E 163 20.72 -31.38 8.35
N MET E 164 20.40 -31.39 7.05
CA MET E 164 19.03 -31.52 6.58
C MET E 164 18.63 -32.99 6.56
N SER E 165 17.33 -33.24 6.68
CA SER E 165 16.76 -34.56 6.40
C SER E 165 15.53 -34.39 5.55
N TYR E 166 15.22 -35.43 4.77
CA TYR E 166 14.15 -35.40 3.77
C TYR E 166 13.30 -36.66 3.91
N VAL E 167 12.02 -36.54 3.59
CA VAL E 167 11.15 -37.70 3.40
C VAL E 167 11.05 -38.06 1.91
N PRO E 168 11.76 -39.09 1.48
CA PRO E 168 11.72 -39.53 0.09
C PRO E 168 10.32 -39.71 -0.50
N GLY E 169 10.11 -39.19 -1.68
CA GLY E 169 8.85 -39.33 -2.39
C GLY E 169 7.74 -38.42 -1.87
N SER E 170 8.02 -37.58 -0.86
CA SER E 170 6.95 -36.84 -0.25
C SER E 170 6.41 -35.67 -1.13
N HIS E 171 7.19 -35.31 -2.13
CA HIS E 171 6.72 -34.35 -3.14
C HIS E 171 5.60 -34.83 -4.03
N LEU E 172 5.35 -36.14 -4.02
CA LEU E 172 4.28 -36.71 -4.80
C LEU E 172 3.00 -36.91 -4.01
N ARG E 173 2.94 -36.39 -2.78
CA ARG E 173 1.73 -36.54 -1.97
C ARG E 173 0.50 -36.02 -2.72
N ALA E 174 -0.62 -36.72 -2.53
CA ALA E 174 -1.89 -36.26 -2.99
C ALA E 174 -2.29 -34.98 -2.27
N ARG E 175 -3.23 -34.23 -2.84
CA ARG E 175 -3.71 -33.00 -2.25
C ARG E 175 -4.15 -33.11 -0.79
N GLU E 176 -4.95 -34.12 -0.49
CA GLU E 176 -5.47 -34.33 0.87
C GLU E 176 -4.38 -34.51 1.94
N ASP E 177 -3.17 -34.86 1.51
CA ASP E 177 -2.02 -35.03 2.40
C ASP E 177 -1.05 -33.84 2.38
N ARG E 178 -1.45 -32.75 1.75
CA ARG E 178 -0.64 -31.54 1.68
C ARG E 178 -1.34 -30.37 2.26
N GLN E 179 -0.57 -29.52 2.93
CA GLN E 179 -1.19 -28.32 3.42
C GLN E 179 -1.29 -27.39 2.28
N GLU E 180 -2.36 -26.67 2.25
CA GLU E 180 -2.50 -25.84 1.09
C GLU E 180 -1.35 -24.76 0.95
N HIS E 181 -1.48 -23.70 1.72
CA HIS E 181 -0.86 -22.45 1.43
C HIS E 181 -1.36 -21.73 2.62
N MET E 182 -0.46 -21.17 3.40
CA MET E 182 -0.92 -20.48 4.60
C MET E 182 -1.15 -19.01 4.26
N THR E 183 -2.37 -18.54 4.41
CA THR E 183 -2.65 -17.12 4.29
C THR E 183 -2.23 -16.39 5.56
N SER E 184 -2.45 -17.02 6.72
CA SER E 184 -2.00 -16.52 8.00
C SER E 184 -1.59 -17.66 8.91
N PHE E 185 -0.87 -17.36 9.99
CA PHE E 185 -0.23 -18.39 10.80
C PHE E 185 -1.23 -19.21 11.61
N ALA E 186 -2.43 -18.71 11.80
CA ALA E 186 -3.45 -19.48 12.45
C ALA E 186 -3.77 -20.77 11.71
N GLU E 187 -3.36 -20.85 10.45
CA GLU E 187 -3.67 -22.02 9.63
C GLU E 187 -2.69 -23.15 9.88
N PHE E 188 -1.68 -22.92 10.69
CA PHE E 188 -0.68 -23.91 10.99
C PHE E 188 -1.33 -25.19 11.56
N ARG E 189 -0.91 -26.33 11.02
CA ARG E 189 -1.30 -27.65 11.52
C ARG E 189 -0.10 -28.57 11.65
N ASP E 190 -0.12 -29.41 12.68
CA ASP E 190 0.93 -30.44 12.81
C ASP E 190 0.92 -31.33 11.55
N LEU E 191 2.09 -31.70 11.09
CA LEU E 191 2.15 -32.44 9.85
C LEU E 191 1.41 -33.79 9.94
N ALA E 192 1.42 -34.43 11.10
CA ALA E 192 0.73 -35.69 11.26
C ALA E 192 -0.77 -35.52 11.11
N ASP E 193 -1.31 -34.32 11.39
CA ASP E 193 -2.76 -34.08 11.20
C ASP E 193 -3.10 -33.88 9.72
N VAL E 194 -2.20 -33.18 9.01
CA VAL E 194 -2.32 -32.97 7.57
C VAL E 194 -2.06 -34.26 6.77
N TRP E 195 -0.98 -34.96 7.12
CA TRP E 195 -0.57 -36.20 6.46
C TRP E 195 -0.50 -37.34 7.48
N PRO E 196 -1.60 -38.05 7.73
CA PRO E 196 -1.62 -39.06 8.81
C PRO E 196 -0.48 -40.10 8.76
N ASP E 197 -0.03 -40.43 7.57
CA ASP E 197 0.99 -41.43 7.42
C ASP E 197 2.43 -40.90 7.61
N TYR E 198 2.56 -39.59 7.82
CA TYR E 198 3.86 -38.97 8.02
C TYR E 198 4.77 -39.75 9.02
N PRO E 199 4.27 -40.07 10.20
CA PRO E 199 5.12 -40.72 11.18
C PRO E 199 5.66 -42.10 10.80
N TRP E 200 5.08 -42.74 9.77
CA TRP E 200 5.54 -44.05 9.28
C TRP E 200 6.43 -43.98 8.04
N GLN E 201 6.69 -42.77 7.57
CA GLN E 201 7.55 -42.58 6.42
C GLN E 201 9.03 -42.55 6.83
N PRO E 202 9.88 -43.04 5.95
CA PRO E 202 11.31 -42.93 6.21
C PRO E 202 11.82 -41.51 6.16
N ARG E 203 12.87 -41.25 6.90
CA ARG E 203 13.55 -39.94 7.02
C ARG E 203 15.04 -40.13 6.68
N VAL E 204 15.56 -39.44 5.69
CA VAL E 204 16.94 -39.57 5.30
C VAL E 204 17.73 -38.36 5.70
N ALA E 205 18.72 -38.56 6.54
CA ALA E 205 19.64 -37.47 6.91
C ALA E 205 20.76 -37.43 5.88
N VAL E 206 21.09 -36.22 5.44
CA VAL E 206 22.04 -36.02 4.36
C VAL E 206 23.17 -35.05 4.76
N PRO E 207 24.17 -35.55 5.47
CA PRO E 207 25.29 -34.69 5.77
C PRO E 207 26.05 -34.35 4.50
N VAL E 208 26.67 -33.18 4.48
CA VAL E 208 27.40 -32.73 3.28
C VAL E 208 28.67 -31.97 3.62
N ARG E 209 29.55 -31.86 2.65
CA ARG E 209 30.76 -31.06 2.76
CA ARG E 209 30.76 -31.07 2.75
C ARG E 209 30.53 -29.64 2.18
N ALA E 210 31.29 -28.67 2.63
CA ALA E 210 31.23 -27.33 2.08
C ALA E 210 31.42 -27.36 0.57
N GLY E 211 30.57 -26.62 -0.14
CA GLY E 211 30.60 -26.59 -1.59
C GLY E 211 29.61 -27.51 -2.25
N ASP E 212 29.10 -28.49 -1.49
CA ASP E 212 28.08 -29.37 -1.99
C ASP E 212 26.76 -28.60 -2.02
N VAL E 213 25.83 -29.09 -2.83
CA VAL E 213 24.48 -28.55 -2.82
C VAL E 213 23.48 -29.68 -2.75
N VAL E 214 22.46 -29.53 -1.94
CA VAL E 214 21.35 -30.44 -2.00
C VAL E 214 20.13 -29.67 -2.50
N PHE E 215 19.48 -30.21 -3.53
CA PHE E 215 18.27 -29.64 -4.09
C PHE E 215 17.05 -30.37 -3.59
N HIS E 216 15.99 -29.65 -3.28
CA HIS E 216 14.72 -30.28 -2.93
C HIS E 216 13.51 -29.57 -3.49
N HIS E 217 12.57 -30.36 -3.96
CA HIS E 217 11.32 -29.85 -4.55
C HIS E 217 10.48 -29.12 -3.49
N CYS E 218 9.65 -28.18 -3.94
CA CYS E 218 8.85 -27.35 -3.04
C CYS E 218 7.79 -28.12 -2.24
N ARG E 219 7.53 -29.36 -2.65
CA ARG E 219 6.62 -30.27 -1.91
C ARG E 219 7.29 -31.34 -1.11
N THR E 220 8.61 -31.43 -1.21
CA THR E 220 9.34 -32.40 -0.47
C THR E 220 9.34 -32.00 0.99
N VAL E 221 8.89 -32.92 1.83
CA VAL E 221 8.88 -32.72 3.26
C VAL E 221 10.32 -32.82 3.78
N HIS E 222 10.73 -31.84 4.57
CA HIS E 222 12.08 -31.77 5.05
C HIS E 222 12.20 -31.06 6.38
N MET E 223 13.38 -31.14 6.95
CA MET E 223 13.61 -30.67 8.31
C MET E 223 15.11 -30.58 8.53
N ALA E 224 15.54 -30.12 9.70
CA ALA E 224 16.98 -30.10 10.02
C ALA E 224 17.25 -30.34 11.48
N GLU E 225 18.41 -30.92 11.75
CA GLU E 225 18.86 -31.17 13.13
C GLU E 225 19.20 -29.88 13.84
N ALA E 226 19.16 -29.93 15.16
CA ALA E 226 19.84 -28.94 15.97
C ALA E 226 21.32 -28.99 15.68
N ASN E 227 22.00 -27.87 15.88
CA ASN E 227 23.47 -27.88 15.79
C ASN E 227 24.01 -28.06 17.17
N THR E 228 24.53 -29.26 17.45
CA THR E 228 25.12 -29.59 18.74
C THR E 228 26.64 -29.74 18.61
N SER E 229 27.19 -29.35 17.45
CA SER E 229 28.62 -29.37 17.25
C SER E 229 29.27 -28.16 17.94
N ASP E 230 30.55 -27.91 17.63
CA ASP E 230 31.28 -26.80 18.22
C ASP E 230 31.44 -25.65 17.23
N SER E 231 30.86 -25.80 16.05
CA SER E 231 31.05 -24.85 15.00
C SER E 231 29.74 -24.41 14.38
N VAL E 232 29.75 -23.16 13.94
CA VAL E 232 28.63 -22.57 13.24
C VAL E 232 28.34 -23.32 11.96
N ARG E 233 27.06 -23.50 11.65
CA ARG E 233 26.66 -24.06 10.37
C ARG E 233 26.13 -22.95 9.50
N MET E 234 26.59 -22.86 8.27
CA MET E 234 26.05 -21.84 7.34
C MET E 234 25.73 -22.47 6.02
N ALA E 235 24.46 -22.37 5.65
CA ALA E 235 24.06 -22.67 4.29
C ALA E 235 23.45 -21.42 3.63
N HIS E 236 23.29 -21.51 2.32
CA HIS E 236 22.56 -20.50 1.56
C HIS E 236 21.48 -21.19 0.78
N GLY E 237 20.22 -20.87 1.08
CA GLY E 237 19.11 -21.48 0.41
C GLY E 237 18.61 -20.59 -0.71
N VAL E 238 18.54 -21.12 -1.92
CA VAL E 238 18.06 -20.33 -3.05
C VAL E 238 16.80 -20.93 -3.60
N VAL E 239 15.72 -20.17 -3.66
CA VAL E 239 14.45 -20.70 -4.16
C VAL E 239 14.31 -20.32 -5.61
N TYR E 240 14.27 -21.34 -6.47
CA TYR E 240 14.08 -21.18 -7.89
C TYR E 240 12.64 -21.51 -8.18
N MET E 241 11.87 -20.51 -8.57
CA MET E 241 10.47 -20.68 -8.83
C MET E 241 10.19 -20.88 -10.32
N ASP E 242 9.02 -21.45 -10.62
CA ASP E 242 8.52 -21.52 -11.99
C ASP E 242 8.57 -20.12 -12.62
N ALA E 243 9.01 -20.04 -13.87
CA ALA E 243 9.26 -18.77 -14.53
C ALA E 243 8.01 -17.93 -14.79
N ASP E 244 6.83 -18.55 -14.67
CA ASP E 244 5.56 -17.84 -14.83
C ASP E 244 4.81 -17.71 -13.50
N ALA E 245 5.50 -17.88 -12.39
CA ALA E 245 4.87 -17.77 -11.07
C ALA E 245 4.26 -16.42 -10.82
N THR E 246 3.12 -16.41 -10.12
CA THR E 246 2.42 -15.19 -9.78
C THR E 246 2.24 -15.06 -8.28
N TYR E 247 1.91 -13.85 -7.85
CA TYR E 247 1.82 -13.50 -6.43
C TYR E 247 0.51 -13.96 -5.80
N ARG E 248 0.65 -14.61 -4.65
CA ARG E 248 -0.49 -15.01 -3.84
C ARG E 248 -0.29 -14.62 -2.39
N PRO E 249 -1.21 -13.80 -1.83
CA PRO E 249 -0.96 -13.26 -0.51
C PRO E 249 -0.84 -14.35 0.51
N GLY E 250 0.09 -14.18 1.42
CA GLY E 250 0.29 -15.17 2.46
C GLY E 250 1.29 -14.72 3.47
N VAL E 251 1.65 -15.65 4.34
CA VAL E 251 2.57 -15.40 5.39
C VAL E 251 3.81 -15.19 4.49
N GLN E 252 4.84 -14.54 5.00
CA GLN E 252 6.08 -14.28 4.26
C GLN E 252 6.00 -13.42 3.01
N ASP E 253 5.03 -12.52 2.93
CA ASP E 253 4.91 -11.66 1.72
C ASP E 253 5.21 -10.16 1.94
N GLY E 254 5.79 -9.82 3.09
CA GLY E 254 5.98 -8.45 3.50
C GLY E 254 6.76 -7.63 2.49
N HIS E 255 7.74 -8.28 1.87
CA HIS E 255 8.60 -7.65 0.86
C HIS E 255 7.96 -7.52 -0.52
N LEU E 256 6.71 -7.93 -0.66
CA LEU E 256 6.02 -7.89 -1.95
C LEU E 256 4.89 -6.88 -1.98
N SER E 257 4.96 -5.88 -1.09
CA SER E 257 3.89 -4.89 -0.95
C SER E 257 3.59 -4.13 -2.24
N ARG E 258 4.57 -4.02 -3.11
CA ARG E 258 4.37 -3.32 -4.39
C ARG E 258 3.50 -4.12 -5.39
N LEU E 259 3.27 -5.40 -5.15
CA LEU E 259 2.52 -6.24 -6.08
C LEU E 259 1.06 -6.39 -5.70
N SER E 260 0.22 -6.65 -6.72
CA SER E 260 -1.16 -7.03 -6.52
C SER E 260 -1.33 -8.54 -6.73
N PRO E 261 -2.31 -9.16 -6.06
CA PRO E 261 -2.59 -10.57 -6.28
C PRO E 261 -2.68 -10.94 -7.74
N GLY E 262 -1.99 -12.02 -8.13
CA GLY E 262 -2.02 -12.48 -9.51
C GLY E 262 -0.95 -11.87 -10.41
N ASP E 263 -0.28 -10.83 -9.91
CA ASP E 263 0.80 -10.21 -10.67
C ASP E 263 1.94 -11.19 -10.86
N PRO E 264 2.53 -11.19 -12.05
CA PRO E 264 3.70 -12.02 -12.24
C PRO E 264 4.90 -11.42 -11.52
N LEU E 265 5.77 -12.29 -11.07
CA LEU E 265 7.04 -11.87 -10.45
C LEU E 265 8.13 -11.92 -11.51
N GLU E 266 8.60 -10.74 -11.88
CA GLU E 266 9.44 -10.51 -13.04
C GLU E 266 10.45 -9.40 -12.80
N GLY E 267 11.28 -9.13 -13.79
CA GLY E 267 12.20 -8.02 -13.71
C GLY E 267 13.45 -8.39 -12.95
N GLU E 268 14.19 -7.37 -12.53
CA GLU E 268 15.54 -7.56 -12.03
C GLU E 268 15.61 -8.25 -10.68
N LEU E 269 14.57 -8.11 -9.86
CA LEU E 269 14.54 -8.77 -8.57
C LEU E 269 14.19 -10.27 -8.66
N PHE E 270 13.66 -10.71 -9.79
CA PHE E 270 13.29 -12.12 -10.02
C PHE E 270 13.84 -12.63 -11.34
N PRO E 271 15.15 -12.64 -11.46
CA PRO E 271 15.76 -12.86 -12.78
C PRO E 271 15.61 -14.26 -13.28
N LEU E 272 15.47 -14.38 -14.61
CA LEU E 272 15.43 -15.67 -15.29
C LEU E 272 16.75 -16.40 -15.17
N VAL E 273 16.69 -17.72 -14.97
CA VAL E 273 17.83 -18.58 -15.06
C VAL E 273 18.07 -18.90 -16.50
N THR E 274 19.28 -18.65 -16.97
CA THR E 274 19.70 -18.94 -18.32
C THR E 274 20.88 -19.93 -18.17
N GLY F 17 -11.12 24.34 3.01
CA GLY F 17 -12.04 25.15 3.88
C GLY F 17 -12.21 26.65 3.58
N GLY F 18 -11.22 27.28 2.93
CA GLY F 18 -11.19 28.75 2.68
C GLY F 18 -10.25 29.55 3.57
N PRO F 19 -9.94 30.79 3.18
CA PRO F 19 -8.99 31.59 3.99
C PRO F 19 -9.52 31.91 5.39
N THR F 20 -8.63 31.97 6.38
CA THR F 20 -8.99 32.53 7.68
C THR F 20 -8.60 34.00 7.75
N THR F 21 -9.54 34.82 8.16
CA THR F 21 -9.38 36.27 8.21
C THR F 21 -9.66 36.72 9.64
N ALA F 22 -9.32 37.98 9.93
CA ALA F 22 -9.62 38.54 11.25
C ALA F 22 -11.10 38.55 11.55
N GLU F 23 -11.90 38.72 10.50
CA GLU F 23 -13.34 38.83 10.64
C GLU F 23 -13.97 37.46 10.92
N ASN F 24 -13.51 36.41 10.24
CA ASN F 24 -14.18 35.10 10.33
C ASN F 24 -13.53 34.16 11.35
N LEU F 25 -12.47 34.62 11.99
CA LEU F 25 -11.80 33.87 13.04
C LEU F 25 -12.82 33.43 14.11
N SER F 26 -12.83 32.13 14.41
CA SER F 26 -13.86 31.59 15.31
C SER F 26 -13.55 31.92 16.75
N LYS F 27 -14.61 32.09 17.53
CA LYS F 27 -14.49 32.24 18.96
C LYS F 27 -13.79 31.02 19.58
N GLU F 28 -13.94 29.85 18.96
CA GLU F 28 -13.24 28.63 19.45
C GLU F 28 -11.72 28.74 19.30
N ALA F 29 -11.28 29.30 18.17
CA ALA F 29 -9.86 29.52 17.97
C ALA F 29 -9.29 30.49 19.00
N VAL F 30 -10.05 31.50 19.34
CA VAL F 30 -9.60 32.46 20.36
C VAL F 30 -9.54 31.80 21.74
N ARG F 31 -10.56 31.04 22.08
CA ARG F 31 -10.57 30.33 23.35
C ARG F 31 -9.42 29.31 23.41
N PHE F 32 -9.13 28.66 22.30
CA PHE F 32 -8.05 27.68 22.25
C PHE F 32 -6.74 28.37 22.58
N TYR F 33 -6.51 29.50 21.93
CA TYR F 33 -5.33 30.32 22.19
C TYR F 33 -5.22 30.72 23.65
N ARG F 34 -6.30 31.21 24.25
CA ARG F 34 -6.22 31.70 25.63
C ARG F 34 -5.93 30.59 26.61
N GLU F 35 -6.50 29.42 26.37
CA GLU F 35 -6.36 28.28 27.30
C GLU F 35 -5.05 27.52 27.08
N GLN F 36 -4.68 27.33 25.81
CA GLN F 36 -3.52 26.51 25.46
C GLN F 36 -2.21 27.29 25.34
N GLY F 37 -2.28 28.58 25.04
CA GLY F 37 -1.07 29.41 24.86
C GLY F 37 -0.47 29.43 23.45
N TYR F 38 -1.10 28.73 22.54
CA TYR F 38 -0.75 28.78 21.15
C TYR F 38 -2.04 28.49 20.33
N VAL F 39 -2.05 28.80 19.06
CA VAL F 39 -3.11 28.36 18.15
C VAL F 39 -2.68 28.40 16.68
N HIS F 40 -3.04 27.35 15.97
CA HIS F 40 -2.72 27.17 14.56
C HIS F 40 -3.85 27.71 13.72
N ILE F 41 -3.57 28.73 12.93
CA ILE F 41 -4.56 29.35 12.06
C ILE F 41 -4.19 29.06 10.59
N PRO F 42 -4.99 28.26 9.90
CA PRO F 42 -4.59 27.95 8.54
C PRO F 42 -5.07 28.94 7.50
N ARG F 43 -4.32 28.95 6.40
CA ARG F 43 -4.68 29.70 5.17
C ARG F 43 -4.91 31.21 5.44
N VAL F 44 -3.95 31.85 6.06
CA VAL F 44 -4.06 33.30 6.27
C VAL F 44 -3.56 34.05 5.03
N LEU F 45 -2.43 33.60 4.49
CA LEU F 45 -1.85 34.11 3.26
C LEU F 45 -2.11 33.20 2.09
N SER F 46 -2.38 33.81 0.94
CA SER F 46 -2.60 33.09 -0.31
C SER F 46 -1.27 32.60 -0.85
N GLU F 47 -1.34 31.71 -1.82
CA GLU F 47 -0.15 31.21 -2.50
C GLU F 47 0.65 32.37 -3.13
N THR F 48 -0.06 33.32 -3.71
CA THR F 48 0.57 34.47 -4.34
C THR F 48 1.34 35.32 -3.32
N GLU F 49 0.71 35.60 -2.19
CA GLU F 49 1.37 36.35 -1.12
C GLU F 49 2.59 35.62 -0.59
N VAL F 50 2.49 34.30 -0.41
CA VAL F 50 3.61 33.51 0.09
C VAL F 50 4.79 33.66 -0.87
N THR F 51 4.54 33.49 -2.15
CA THR F 51 5.59 33.59 -3.15
C THR F 51 6.26 34.97 -3.10
N ALA F 52 5.46 36.03 -2.99
CA ALA F 52 6.02 37.41 -2.92
C ALA F 52 6.81 37.69 -1.63
N PHE F 53 6.29 37.23 -0.49
CA PHE F 53 6.94 37.50 0.76
C PHE F 53 8.19 36.66 0.87
N ARG F 54 8.14 35.45 0.38
CA ARG F 54 9.34 34.60 0.43
C ARG F 54 10.45 35.20 -0.42
N ALA F 55 10.11 35.67 -1.60
CA ALA F 55 11.11 36.27 -2.49
C ALA F 55 11.76 37.50 -1.86
N ALA F 56 10.94 38.31 -1.18
CA ALA F 56 11.44 39.51 -0.46
C ALA F 56 12.41 39.11 0.67
N CYS F 57 12.05 38.07 1.43
CA CYS F 57 12.92 37.57 2.47
C CYS F 57 14.21 37.02 1.90
N GLU F 58 14.16 36.35 0.75
CA GLU F 58 15.39 35.88 0.04
C GLU F 58 16.28 37.07 -0.36
N GLU F 59 15.65 38.17 -0.82
CA GLU F 59 16.43 39.39 -1.10
C GLU F 59 17.13 39.95 0.15
N VAL F 60 16.43 39.95 1.27
CA VAL F 60 17.00 40.43 2.53
C VAL F 60 18.19 39.56 2.95
N LEU F 61 18.02 38.24 2.88
CA LEU F 61 19.11 37.32 3.21
C LEU F 61 20.35 37.57 2.36
N GLU F 62 20.14 37.74 1.06
CA GLU F 62 21.24 37.98 0.13
C GLU F 62 21.97 39.31 0.50
N LYS F 63 21.19 40.34 0.79
CA LYS F 63 21.70 41.71 1.00
C LYS F 63 22.36 41.89 2.39
N GLU F 64 21.70 41.39 3.43
CA GLU F 64 22.14 41.59 4.80
C GLU F 64 23.14 40.52 5.27
N GLY F 65 23.04 39.33 4.70
CA GLY F 65 23.73 38.20 5.26
C GLY F 65 22.96 37.67 6.48
N ARG F 66 23.06 36.38 6.71
CA ARG F 66 22.37 35.79 7.84
C ARG F 66 23.25 35.65 9.07
N GLU F 67 22.60 35.59 10.22
CA GLU F 67 23.29 35.36 11.47
C GLU F 67 22.92 33.99 12.01
N ILE F 68 23.77 33.47 12.89
CA ILE F 68 23.56 32.18 13.48
C ILE F 68 22.93 32.27 14.84
N TRP F 69 21.81 31.60 15.00
CA TRP F 69 21.27 31.35 16.33
C TRP F 69 21.80 29.97 16.72
N GLY F 70 22.71 29.94 17.69
CA GLY F 70 23.42 28.71 18.08
C GLY F 70 24.87 28.97 18.46
N ALA F 71 25.66 27.93 18.68
CA ALA F 71 27.01 28.11 19.26
C ALA F 71 28.19 28.29 18.28
N GLY F 72 27.90 28.47 17.00
CA GLY F 72 28.93 28.60 15.94
C GLY F 72 28.51 27.85 14.69
N GLU F 73 29.39 27.86 13.69
CA GLU F 73 29.07 27.34 12.35
C GLU F 73 28.64 25.86 12.35
N ASP F 74 29.16 25.07 13.30
CA ASP F 74 28.82 23.64 13.36
C ASP F 74 27.61 23.31 14.25
N GLU F 75 26.96 24.32 14.83
CA GLU F 75 25.90 24.08 15.80
C GLU F 75 24.75 25.05 15.59
N VAL F 76 24.32 25.12 14.33
CA VAL F 76 23.32 26.08 13.93
C VAL F 76 21.95 25.54 14.28
N GLN F 77 21.20 26.26 15.09
CA GLN F 77 19.78 25.99 15.29
C GLN F 77 18.95 26.67 14.24
N VAL F 78 19.20 27.96 14.02
CA VAL F 78 18.44 28.75 13.04
C VAL F 78 19.36 29.80 12.40
N HIS F 79 19.20 30.03 11.09
CA HIS F 79 19.80 31.21 10.42
C HIS F 79 18.76 32.30 10.41
N TYR F 80 19.12 33.49 10.87
CA TYR F 80 18.14 34.55 11.02
C TYR F 80 18.63 35.88 10.55
N VAL F 81 17.65 36.75 10.27
CA VAL F 81 17.89 38.19 10.14
C VAL F 81 16.92 38.90 11.08
N ALA F 82 17.44 39.69 11.99
CA ALA F 82 16.63 40.38 13.00
C ALA F 82 16.14 41.73 12.46
N GLN F 83 15.10 42.27 13.11
CA GLN F 83 14.43 43.51 12.66
C GLN F 83 14.17 43.44 11.16
N ALA F 84 13.80 42.25 10.72
CA ALA F 84 13.78 41.92 9.30
C ALA F 84 12.82 42.75 8.48
N TRP F 85 11.65 43.03 9.05
CA TRP F 85 10.65 43.77 8.31
C TRP F 85 11.11 45.19 7.95
N GLN F 86 12.06 45.73 8.72
CA GLN F 86 12.58 47.08 8.50
C GLN F 86 13.54 47.13 7.31
N LYS F 87 13.91 45.96 6.81
CA LYS F 87 15.00 45.85 5.86
C LYS F 87 14.60 45.62 4.39
N HIS F 88 13.30 45.65 4.14
CA HIS F 88 12.79 45.53 2.80
C HIS F 88 11.47 46.28 2.74
N PRO F 89 11.28 47.08 1.68
CA PRO F 89 10.06 47.91 1.55
C PRO F 89 8.76 47.13 1.65
N GLU F 90 8.71 45.98 1.01
CA GLU F 90 7.52 45.12 1.02
C GLU F 90 7.16 44.41 2.34
N LEU F 91 8.06 44.34 3.30
CA LEU F 91 7.79 43.54 4.51
C LEU F 91 6.99 44.28 5.59
N ARG F 92 6.86 45.60 5.47
CA ARG F 92 5.93 46.30 6.33
C ARG F 92 4.51 45.75 6.14
N SER F 93 4.17 45.40 4.91
CA SER F 93 2.84 44.89 4.60
C SER F 93 2.65 43.44 5.06
N LEU F 94 3.75 42.81 5.53
CA LEU F 94 3.68 41.47 6.19
C LEU F 94 3.36 41.60 7.66
N VAL F 95 4.14 42.41 8.38
CA VAL F 95 3.93 42.60 9.84
C VAL F 95 2.64 43.36 10.17
N LEU F 96 2.23 44.28 9.28
CA LEU F 96 0.91 44.94 9.40
C LEU F 96 -0.10 44.40 8.39
N HIS F 97 0.09 43.16 7.94
CA HIS F 97 -0.91 42.49 7.11
C HIS F 97 -2.24 42.56 7.84
N PRO F 98 -3.33 42.92 7.13
CA PRO F 98 -4.60 43.15 7.86
C PRO F 98 -5.10 41.89 8.54
N GLU F 99 -4.92 40.75 7.91
CA GLU F 99 -5.43 39.50 8.50
C GLU F 99 -4.52 38.94 9.60
N ILE F 100 -3.23 38.86 9.33
CA ILE F 100 -2.30 38.39 10.34
C ILE F 100 -2.32 39.28 11.61
N SER F 101 -2.19 40.58 11.43
CA SER F 101 -2.15 41.48 12.59
C SER F 101 -3.53 41.61 13.24
N GLY F 102 -4.59 41.60 12.43
CA GLY F 102 -5.92 41.69 12.97
C GLY F 102 -6.29 40.48 13.78
N ILE F 103 -5.83 39.32 13.34
CA ILE F 103 -6.02 38.11 14.12
C ILE F 103 -5.24 38.22 15.43
N ALA F 104 -4.00 38.71 15.36
CA ALA F 104 -3.19 38.83 16.56
C ALA F 104 -3.90 39.65 17.60
N LEU F 105 -4.51 40.72 17.14
CA LEU F 105 -5.22 41.64 18.01
C LEU F 105 -6.41 40.96 18.71
N ARG F 106 -7.14 40.15 17.97
CA ARG F 106 -8.27 39.42 18.55
C ARG F 106 -7.81 38.36 19.55
N LEU F 107 -6.72 37.69 19.24
CA LEU F 107 -6.19 36.68 20.14
C LEU F 107 -5.68 37.32 21.44
N ALA F 108 -4.96 38.43 21.32
CA ALA F 108 -4.38 39.09 22.48
C ALA F 108 -5.41 39.72 23.39
N GLY F 109 -6.47 40.27 22.79
CA GLY F 109 -7.51 40.97 23.54
C GLY F 109 -7.07 42.32 24.09
N ALA F 110 -6.00 42.89 23.54
CA ALA F 110 -5.47 44.19 24.02
C ALA F 110 -4.64 44.85 22.92
N PRO F 111 -4.42 46.18 23.03
CA PRO F 111 -3.75 46.87 21.93
C PRO F 111 -2.31 46.44 21.79
N LEU F 112 -1.84 46.39 20.54
CA LEU F 112 -0.52 45.88 20.22
C LEU F 112 0.27 46.86 19.36
N ARG F 113 1.60 46.70 19.41
CA ARG F 113 2.52 47.30 18.45
C ARG F 113 3.43 46.23 17.90
N VAL F 114 4.00 46.46 16.72
CA VAL F 114 5.02 45.59 16.20
C VAL F 114 6.31 45.88 16.96
N TYR F 115 6.87 44.85 17.62
CA TYR F 115 8.16 44.98 18.27
C TYR F 115 9.28 44.77 17.25
N SER F 116 9.21 43.66 16.54
CA SER F 116 10.25 43.24 15.63
C SER F 116 9.76 42.11 14.78
N SER F 117 10.59 41.71 13.83
CA SER F 117 10.38 40.45 13.12
C SER F 117 11.70 39.82 12.76
N ASP F 118 11.66 38.51 12.48
CA ASP F 118 12.84 37.76 12.11
C ASP F 118 12.56 36.85 10.96
N ILE F 119 13.51 36.78 10.05
CA ILE F 119 13.51 35.73 9.07
C ILE F 119 14.13 34.51 9.77
N LEU F 120 13.45 33.36 9.66
CA LEU F 120 13.83 32.17 10.45
C LEU F 120 13.98 30.97 9.55
N VAL F 121 15.22 30.66 9.20
CA VAL F 121 15.52 29.63 8.21
C VAL F 121 16.23 28.44 8.84
N LYS F 122 15.81 27.23 8.47
CA LYS F 122 16.55 26.01 8.84
C LYS F 122 16.94 25.26 7.60
N GLU F 123 18.24 25.13 7.38
CA GLU F 123 18.75 24.41 6.24
C GLU F 123 18.64 22.91 6.52
N PRO F 124 18.34 22.13 5.48
CA PRO F 124 18.18 20.69 5.63
C PRO F 124 19.49 20.01 5.99
N LYS F 125 19.44 19.14 6.99
CA LYS F 125 20.55 18.28 7.39
C LYS F 125 21.72 19.03 8.02
N ARG F 126 21.58 20.31 8.24
CA ARG F 126 22.67 21.12 8.79
C ARG F 126 22.20 21.92 10.01
N THR F 127 21.05 21.55 10.55
CA THR F 127 20.49 22.24 11.69
C THR F 127 20.26 21.34 12.89
N LEU F 128 20.47 21.93 14.05
CA LEU F 128 20.05 21.39 15.31
C LEU F 128 18.59 21.76 15.60
N PRO F 129 17.97 21.09 16.57
CA PRO F 129 16.70 21.57 17.06
C PRO F 129 16.86 22.95 17.63
N THR F 130 15.80 23.74 17.61
CA THR F 130 15.77 25.02 18.31
C THR F 130 15.49 24.73 19.77
N LEU F 131 16.44 25.05 20.63
CA LEU F 131 16.34 24.75 22.04
C LEU F 131 15.11 25.39 22.70
N VAL F 132 14.47 24.59 23.55
CA VAL F 132 13.26 24.99 24.26
C VAL F 132 13.45 26.31 25.04
N HIS F 133 12.43 27.16 25.01
CA HIS F 133 12.46 28.46 25.68
C HIS F 133 11.09 29.09 25.69
N ASP F 134 10.94 30.18 26.42
CA ASP F 134 9.85 31.10 26.20
C ASP F 134 10.44 32.40 25.64
N ASP F 135 9.61 33.21 25.02
CA ASP F 135 10.13 34.42 24.37
C ASP F 135 10.32 35.61 25.35
N GLU F 136 9.46 35.71 26.33
CA GLU F 136 9.51 36.75 27.34
C GLU F 136 10.91 36.89 27.98
N THR F 137 11.53 35.76 28.24
CA THR F 137 12.84 35.73 28.84
C THR F 137 13.87 36.59 28.07
N GLY F 138 13.81 36.55 26.74
CA GLY F 138 14.77 37.25 25.86
C GLY F 138 14.34 38.57 25.24
N LEU F 139 13.19 39.08 25.65
CA LEU F 139 12.70 40.34 25.15
C LEU F 139 13.16 41.42 26.09
N PRO F 140 13.77 42.50 25.54
CA PRO F 140 14.27 43.60 26.34
C PRO F 140 13.16 44.60 26.69
N LEU F 141 12.13 44.09 27.35
CA LEU F 141 10.92 44.87 27.64
C LEU F 141 10.48 44.66 29.09
N ASN F 142 9.85 45.67 29.67
CA ASN F 142 9.25 45.52 31.01
C ASN F 142 7.86 44.92 30.91
N GLU F 143 7.29 44.53 32.06
CA GLU F 143 5.79 44.42 32.17
C GLU F 143 5.12 43.86 30.87
N LEU F 144 5.23 42.57 30.55
CA LEU F 144 4.49 42.11 29.40
C LEU F 144 3.30 41.42 29.91
N SER F 145 2.27 41.48 29.10
CA SER F 145 1.01 40.93 29.51
C SER F 145 0.42 40.12 28.36
N ALA F 146 0.12 40.77 27.25
CA ALA F 146 -0.52 40.09 26.12
C ALA F 146 0.40 39.89 24.92
N THR F 147 1.67 40.17 25.08
CA THR F 147 2.63 40.00 24.00
C THR F 147 2.63 38.59 23.45
N LEU F 148 2.64 38.49 22.12
CA LEU F 148 2.60 37.23 21.39
C LEU F 148 3.31 37.31 20.06
N THR F 149 3.62 36.13 19.53
CA THR F 149 4.35 36.00 18.28
C THR F 149 3.47 35.34 17.25
N ALA F 150 3.49 35.86 16.02
CA ALA F 150 2.96 35.16 14.82
C ALA F 150 4.09 34.49 14.06
N TRP F 151 4.05 33.15 13.99
CA TRP F 151 5.08 32.38 13.28
C TRP F 151 4.47 32.02 11.94
N ILE F 152 4.89 32.75 10.90
CA ILE F 152 4.27 32.67 9.59
C ILE F 152 5.06 31.71 8.71
N ALA F 153 4.39 30.69 8.18
CA ALA F 153 5.11 29.69 7.37
C ALA F 153 5.19 30.19 5.96
N LEU F 154 6.41 30.28 5.43
CA LEU F 154 6.62 30.63 4.04
C LEU F 154 7.10 29.48 3.16
N THR F 155 7.28 28.33 3.80
CA THR F 155 7.39 27.06 3.10
C THR F 155 6.44 26.10 3.82
N ASP F 156 6.10 24.99 3.19
CA ASP F 156 5.47 23.90 3.93
C ASP F 156 6.39 23.48 5.07
N VAL F 157 5.79 23.07 6.18
CA VAL F 157 6.57 22.61 7.32
C VAL F 157 5.98 21.32 7.92
N PRO F 158 6.21 20.18 7.23
CA PRO F 158 5.90 18.92 7.89
C PRO F 158 6.89 18.75 9.03
N VAL F 159 6.63 17.79 9.87
CA VAL F 159 7.36 17.67 11.13
C VAL F 159 8.89 17.69 10.96
N GLU F 160 9.37 16.86 10.05
CA GLU F 160 10.79 16.68 9.88
C GLU F 160 11.49 17.86 9.15
N ARG F 161 10.73 18.85 8.68
CA ARG F 161 11.33 20.02 8.08
C ARG F 161 11.58 21.11 9.11
N GLY F 162 11.50 20.80 10.38
CA GLY F 162 11.81 21.76 11.43
C GLY F 162 10.60 22.45 12.00
N CYS F 163 9.53 21.71 12.23
CA CYS F 163 8.31 22.34 12.72
C CYS F 163 8.44 22.72 14.19
N MET F 164 7.52 23.57 14.62
CA MET F 164 7.49 24.02 16.02
C MET F 164 6.75 23.00 16.88
N SER F 165 7.09 22.99 18.17
CA SER F 165 6.32 22.29 19.19
C SER F 165 6.10 23.19 20.38
N TYR F 166 5.00 22.95 21.09
CA TYR F 166 4.55 23.83 22.17
C TYR F 166 4.18 22.98 23.37
N VAL F 167 4.30 23.56 24.56
CA VAL F 167 3.79 22.97 25.78
C VAL F 167 2.46 23.63 26.16
N PRO F 168 1.34 22.94 25.90
CA PRO F 168 0.04 23.49 26.18
C PRO F 168 -0.14 23.96 27.62
N GLY F 169 -0.68 25.17 27.77
CA GLY F 169 -0.94 25.75 29.09
C GLY F 169 0.30 26.32 29.79
N SER F 170 1.47 26.26 29.17
CA SER F 170 2.70 26.68 29.83
C SER F 170 2.82 28.21 29.99
N HIS F 171 2.03 28.96 29.25
CA HIS F 171 1.92 30.39 29.47
C HIS F 171 1.31 30.80 30.79
N LEU F 172 0.66 29.86 31.47
CA LEU F 172 0.02 30.15 32.74
C LEU F 172 0.86 29.72 33.91
N ARG F 173 2.10 29.37 33.69
CA ARG F 173 2.99 29.03 34.79
C ARG F 173 3.08 30.15 35.84
N ALA F 174 3.15 29.76 37.10
CA ALA F 174 3.39 30.68 38.20
C ALA F 174 4.81 31.25 38.10
N ARG F 175 5.04 32.39 38.77
CA ARG F 175 6.34 33.06 38.71
C ARG F 175 7.53 32.16 39.05
N GLU F 176 7.39 31.37 40.10
CA GLU F 176 8.47 30.46 40.53
C GLU F 176 8.88 29.41 39.48
N ASP F 177 8.02 29.17 38.48
CA ASP F 177 8.28 28.24 37.38
C ASP F 177 8.69 28.93 36.07
N ARG F 178 8.95 30.23 36.13
CA ARG F 178 9.37 31.00 34.97
C ARG F 178 10.76 31.55 35.18
N GLN F 179 11.55 31.56 34.12
CA GLN F 179 12.84 32.24 34.10
C GLN F 179 12.68 33.77 34.16
N GLU F 180 13.61 34.31 34.91
CA GLU F 180 13.77 35.74 35.06
C GLU F 180 14.31 36.27 33.76
N HIS F 181 13.69 37.30 33.24
CA HIS F 181 14.29 38.17 32.19
C HIS F 181 15.81 38.04 32.19
N MET F 182 16.45 37.79 31.06
CA MET F 182 17.89 37.63 31.04
C MET F 182 18.62 38.92 30.78
N THR F 183 19.49 39.24 31.73
CA THR F 183 20.71 39.98 31.45
C THR F 183 21.67 39.08 30.71
N ARG F 189 19.83 28.82 32.68
CA ARG F 189 19.40 27.64 33.42
C ARG F 189 18.60 26.66 32.56
N ASP F 190 18.84 25.36 32.77
CA ASP F 190 18.03 24.32 32.13
C ASP F 190 16.58 24.52 32.56
N LEU F 191 15.67 24.37 31.61
CA LEU F 191 14.27 24.59 31.92
C LEU F 191 13.75 23.67 33.05
N ALA F 192 14.25 22.43 33.12
CA ALA F 192 13.84 21.52 34.21
C ALA F 192 14.24 22.02 35.60
N ASP F 193 15.31 22.80 35.70
CA ASP F 193 15.70 23.40 36.98
C ASP F 193 14.80 24.56 37.36
N VAL F 194 14.45 25.36 36.37
CA VAL F 194 13.51 26.45 36.55
C VAL F 194 12.09 25.96 36.82
N TRP F 195 11.62 25.03 35.99
CA TRP F 195 10.28 24.46 36.06
C TRP F 195 10.34 22.95 36.28
N PRO F 196 10.34 22.48 37.53
CA PRO F 196 10.64 21.04 37.78
C PRO F 196 9.72 20.06 37.08
N ASP F 197 8.49 20.48 36.86
CA ASP F 197 7.52 19.65 36.22
C ASP F 197 7.60 19.63 34.68
N TYR F 198 8.47 20.45 34.10
CA TYR F 198 8.61 20.52 32.65
C TYR F 198 8.68 19.14 31.98
N PRO F 199 9.55 18.26 32.46
CA PRO F 199 9.67 16.97 31.77
C PRO F 199 8.40 16.08 31.75
N TRP F 200 7.42 16.36 32.61
CA TRP F 200 6.18 15.59 32.68
C TRP F 200 5.03 16.24 31.91
N GLN F 201 5.31 17.35 31.27
CA GLN F 201 4.30 18.05 30.49
C GLN F 201 4.21 17.50 29.09
N PRO F 202 3.00 17.41 28.55
CA PRO F 202 2.86 17.12 27.13
C PRO F 202 3.47 18.16 26.18
N ARG F 203 3.89 17.69 25.02
CA ARG F 203 4.60 18.47 24.01
C ARG F 203 3.87 18.26 22.67
N VAL F 204 3.38 19.32 22.03
CA VAL F 204 2.60 19.18 20.81
C VAL F 204 3.35 19.69 19.62
N ALA F 205 3.61 18.81 18.67
CA ALA F 205 4.23 19.23 17.41
C ALA F 205 3.13 19.67 16.46
N VAL F 206 3.35 20.82 15.80
CA VAL F 206 2.34 21.43 14.95
C VAL F 206 2.88 21.67 13.53
N PRO F 207 2.84 20.64 12.69
CA PRO F 207 3.21 20.88 11.32
C PRO F 207 2.20 21.75 10.62
N VAL F 208 2.67 22.50 9.62
CA VAL F 208 1.81 23.45 8.93
C VAL F 208 2.13 23.54 7.44
N ARG F 209 1.18 24.09 6.69
CA ARG F 209 1.37 24.34 5.28
C ARG F 209 1.80 25.80 5.07
N ALA F 210 2.49 26.06 3.96
CA ALA F 210 2.84 27.46 3.59
C ALA F 210 1.60 28.37 3.57
N GLY F 211 1.71 29.54 4.21
CA GLY F 211 0.60 30.44 4.33
C GLY F 211 -0.16 30.35 5.63
N ASP F 212 0.02 29.24 6.35
CA ASP F 212 -0.58 29.11 7.69
C ASP F 212 0.23 29.98 8.67
N VAL F 213 -0.39 30.32 9.79
CA VAL F 213 0.29 31.00 10.88
C VAL F 213 -0.01 30.32 12.19
N VAL F 214 1.00 30.16 13.02
CA VAL F 214 0.77 29.69 14.40
C VAL F 214 1.16 30.81 15.33
N PHE F 215 0.25 31.18 16.22
CA PHE F 215 0.48 32.23 17.19
C PHE F 215 0.82 31.62 18.52
N HIS F 216 1.77 32.21 19.24
CA HIS F 216 2.04 31.76 20.60
C HIS F 216 2.34 32.90 21.54
N HIS F 217 1.79 32.80 22.75
CA HIS F 217 2.03 33.78 23.82
C HIS F 217 3.50 33.85 24.22
N CYS F 218 3.92 35.00 24.74
CA CYS F 218 5.33 35.24 25.14
C CYS F 218 5.82 34.40 26.33
N ARG F 219 4.90 33.74 27.03
CA ARG F 219 5.22 32.78 28.10
C ARG F 219 5.00 31.32 27.75
N THR F 220 4.51 31.06 26.54
CA THR F 220 4.32 29.69 26.10
C THR F 220 5.70 29.09 25.83
N VAL F 221 5.97 27.98 26.48
CA VAL F 221 7.22 27.24 26.25
C VAL F 221 7.11 26.54 24.90
N HIS F 222 8.15 26.70 24.10
CA HIS F 222 8.17 26.18 22.76
C HIS F 222 9.56 25.87 22.27
N MET F 223 9.63 25.19 21.14
CA MET F 223 10.87 24.66 20.64
C MET F 223 10.67 24.31 19.16
N ALA F 224 11.71 23.85 18.47
CA ALA F 224 11.53 23.35 17.11
C ALA F 224 12.44 22.22 16.76
N GLU F 225 11.99 21.38 15.84
CA GLU F 225 12.75 20.21 15.37
C GLU F 225 13.94 20.65 14.56
N ALA F 226 14.93 19.77 14.47
CA ALA F 226 15.93 19.87 13.42
C ALA F 226 15.26 19.69 12.06
N ASN F 227 15.85 20.26 11.01
CA ASN F 227 15.36 20.04 9.67
C ASN F 227 16.17 18.91 9.11
N THR F 228 15.56 17.72 9.00
CA THR F 228 16.19 16.55 8.41
C THR F 228 15.60 16.21 7.06
N SER F 229 14.77 17.10 6.52
CA SER F 229 14.17 16.89 5.21
C SER F 229 15.18 17.22 4.14
N ASP F 230 14.71 17.37 2.90
CA ASP F 230 15.58 17.68 1.78
C ASP F 230 15.41 19.11 1.34
N SER F 231 14.58 19.87 2.07
CA SER F 231 14.22 21.21 1.66
C SER F 231 14.36 22.20 2.77
N VAL F 232 14.72 23.40 2.39
CA VAL F 232 14.86 24.50 3.31
C VAL F 232 13.52 24.80 3.97
N ARG F 233 13.56 25.15 5.25
CA ARG F 233 12.40 25.66 5.93
C ARG F 233 12.54 27.17 6.14
N MET F 234 11.51 27.92 5.80
CA MET F 234 11.52 29.34 6.10
C MET F 234 10.26 29.78 6.75
N ALA F 235 10.40 30.35 7.94
CA ALA F 235 9.29 31.04 8.56
C ALA F 235 9.66 32.50 8.76
N HIS F 236 8.64 33.29 9.04
CA HIS F 236 8.82 34.67 9.48
C HIS F 236 8.13 34.90 10.80
N GLY F 237 8.91 35.21 11.82
CA GLY F 237 8.35 35.39 13.16
C GLY F 237 8.13 36.85 13.45
N VAL F 238 6.90 37.24 13.81
CA VAL F 238 6.61 38.64 14.12
C VAL F 238 6.21 38.80 15.57
N VAL F 239 6.90 39.66 16.31
CA VAL F 239 6.57 39.84 17.73
C VAL F 239 5.69 41.05 17.85
N TYR F 240 4.47 40.84 18.32
CA TYR F 240 3.51 41.89 18.62
C TYR F 240 3.48 42.12 20.10
N MET F 241 3.96 43.27 20.51
CA MET F 241 4.10 43.59 21.93
C MET F 241 2.93 44.41 22.41
N ASP F 242 2.71 44.40 23.72
CA ASP F 242 1.77 45.30 24.34
C ASP F 242 2.07 46.73 23.85
N ALA F 243 1.02 47.47 23.54
CA ALA F 243 1.19 48.81 22.94
C ALA F 243 1.85 49.87 23.85
N ASP F 244 1.93 49.59 25.15
CA ASP F 244 2.54 50.49 26.11
C ASP F 244 3.84 49.93 26.64
N ALA F 245 4.42 48.98 25.93
CA ALA F 245 5.67 48.35 26.36
C ALA F 245 6.79 49.36 26.46
N THR F 246 7.65 49.18 27.46
CA THR F 246 8.80 50.03 27.68
C THR F 246 10.09 49.23 27.65
N TYR F 247 11.18 49.94 27.50
CA TYR F 247 12.50 49.34 27.32
C TYR F 247 13.11 48.86 28.65
N ARG F 248 13.61 47.62 28.60
CA ARG F 248 14.32 47.04 29.72
C ARG F 248 15.61 46.41 29.23
N PRO F 249 16.78 46.91 29.70
CA PRO F 249 18.04 46.38 29.22
C PRO F 249 18.18 44.87 29.38
N GLY F 250 18.68 44.23 28.33
CA GLY F 250 18.83 42.79 28.33
C GLY F 250 19.56 42.30 27.10
N VAL F 251 19.58 40.98 26.94
CA VAL F 251 20.43 40.31 25.91
C VAL F 251 20.28 40.56 24.44
N GLN F 252 19.17 41.12 24.01
CA GLN F 252 18.99 41.27 22.56
C GLN F 252 18.65 42.69 22.32
N ASP F 253 19.42 43.62 22.89
CA ASP F 253 18.99 45.01 22.92
C ASP F 253 19.91 45.96 22.15
N GLY F 254 20.86 45.40 21.40
CA GLY F 254 21.90 46.18 20.74
C GLY F 254 21.34 47.27 19.83
N HIS F 255 20.23 46.95 19.16
CA HIS F 255 19.55 47.87 18.26
C HIS F 255 18.69 48.91 18.98
N LEU F 256 18.68 48.92 20.32
CA LEU F 256 17.91 49.89 21.09
C LEU F 256 18.80 50.88 21.85
N SER F 257 20.02 51.07 21.37
CA SER F 257 20.96 51.95 22.04
C SER F 257 20.46 53.40 22.20
N ARG F 258 19.59 53.84 21.30
CA ARG F 258 19.08 55.23 21.37
C ARG F 258 18.12 55.43 22.55
N LEU F 259 17.63 54.35 23.17
CA LEU F 259 16.64 54.46 24.24
C LEU F 259 17.25 54.39 25.63
N SER F 260 16.55 54.98 26.58
CA SER F 260 16.89 54.89 28.00
C SER F 260 15.92 53.93 28.69
N PRO F 261 16.38 53.28 29.76
CA PRO F 261 15.50 52.34 30.48
C PRO F 261 14.18 53.00 30.87
N GLY F 262 13.09 52.30 30.63
CA GLY F 262 11.77 52.82 30.94
C GLY F 262 11.12 53.63 29.81
N ASP F 263 11.89 53.96 28.77
CA ASP F 263 11.34 54.67 27.61
C ASP F 263 10.32 53.81 26.88
N PRO F 264 9.22 54.42 26.43
CA PRO F 264 8.28 53.66 25.64
C PRO F 264 8.84 53.40 24.25
N LEU F 265 8.47 52.26 23.67
CA LEU F 265 8.82 51.95 22.31
C LEU F 265 7.65 52.34 21.40
N GLU F 266 7.91 53.34 20.57
CA GLU F 266 6.89 54.07 19.82
C GLU F 266 7.42 54.55 18.47
N GLY F 267 6.55 55.19 17.69
CA GLY F 267 6.96 55.77 16.42
C GLY F 267 6.98 54.75 15.31
N GLU F 268 7.65 55.11 14.21
CA GLU F 268 7.59 54.37 12.97
C GLU F 268 8.23 52.99 13.04
N LEU F 269 9.24 52.80 13.89
CA LEU F 269 9.88 51.51 14.01
C LEU F 269 9.07 50.53 14.85
N PHE F 270 8.12 51.03 15.63
CA PHE F 270 7.26 50.18 16.46
C PHE F 270 5.79 50.51 16.25
N PRO F 271 5.29 50.26 15.05
CA PRO F 271 3.98 50.80 14.66
C PRO F 271 2.82 50.11 15.33
N LEU F 272 1.79 50.89 15.65
CA LEU F 272 0.55 50.34 16.20
C LEU F 272 -0.16 49.42 15.22
N VAL F 273 -0.72 48.35 15.74
CA VAL F 273 -1.61 47.50 14.97
C VAL F 273 -3.01 48.09 15.00
N THR F 274 -3.62 48.28 13.83
CA THR F 274 -5.01 48.85 13.75
C THR F 274 -6.20 47.93 13.34
FE FE G . -0.17 0.27 19.02
C1 AKG H . 0.42 0.17 21.73
O1 AKG H . 0.31 0.03 22.98
O2 AKG H . -0.50 0.02 20.88
C2 AKG H . 1.72 0.48 21.15
O5 AKG H . 1.71 0.60 19.93
C3 AKG H . 2.95 0.65 22.02
C4 AKG H . 4.28 0.78 21.28
C5 AKG H . 5.42 1.01 22.30
O3 AKG H . 5.32 0.65 23.52
O4 AKG H . 6.47 1.55 21.93
FE FE I . -31.84 -19.47 0.52
C1 AKG J . -31.45 -21.54 -1.30
O1 AKG J . -31.00 -21.05 -0.18
O2 AKG J . -31.01 -22.59 -1.95
C2 AKG J . -32.56 -20.74 -1.89
O5 AKG J . -32.90 -19.73 -1.27
C3 AKG J . -33.18 -21.16 -3.24
C4 AKG J . -34.25 -20.25 -3.79
C5 AKG J . -34.99 -20.77 -5.02
O3 AKG J . -35.90 -20.05 -5.56
O4 AKG J . -34.72 -21.93 -5.46
MG MG K . -58.30 -17.91 -6.72
FE FE L . 34.23 13.59 -16.00
C1 AKG M . 31.52 12.91 -15.69
O1 AKG M . 30.34 12.39 -15.74
O2 AKG M . 32.60 12.59 -16.34
C2 AKG M . 31.69 14.09 -14.82
O5 AKG M . 32.79 14.58 -14.85
C3 AKG M . 30.55 14.61 -13.98
C4 AKG M . 30.88 15.68 -12.96
C5 AKG M . 29.60 16.11 -12.22
O3 AKG M . 29.56 17.21 -11.64
O4 AKG M . 28.60 15.33 -12.21
FE FE N . -24.71 0.92 -25.02
C1 AKG O . -24.74 2.97 -23.13
O1 AKG O . -24.41 3.93 -22.38
O2 AKG O . -24.02 2.40 -24.01
C2 AKG O . -26.08 2.39 -22.98
O5 AKG O . -26.29 1.42 -23.74
C3 AKG O . -27.07 3.00 -21.98
C4 AKG O . -28.51 2.42 -22.01
C5 AKG O . -29.49 3.13 -21.06
O3 AKG O . -29.15 4.24 -20.59
O4 AKG O . -30.58 2.58 -20.78
MG MG P . -40.64 19.70 -25.19
MG MG Q . -51.59 4.86 -29.65
FE FE R . 12.26 -25.34 3.79
C1 AKG S . 14.92 -24.81 3.20
O1 AKG S . 13.73 -24.83 2.73
O2 AKG S . 16.02 -24.51 2.57
C2 AKG S . 14.98 -25.12 4.64
O5 AKG S . 13.89 -25.37 5.15
C3 AKG S . 16.32 -25.05 5.35
C4 AKG S . 16.25 -25.14 6.86
C5 AKG S . 17.59 -25.00 7.56
O3 AKG S . 17.64 -25.29 8.80
O4 AKG S . 18.62 -24.65 6.91
FE FE T . 10.79 31.73 20.52
C1 AKG U . 9.72 32.05 17.93
O1 AKG U . 9.67 32.45 19.14
O2 AKG U . 9.07 32.50 16.96
C2 AKG U . 10.67 30.93 17.76
O5 AKG U . 11.30 30.63 18.77
C3 AKG U . 10.85 30.20 16.43
C4 AKG U . 12.12 29.34 16.40
C5 AKG U . 12.30 28.64 15.06
O3 AKG U . 11.70 29.09 14.02
O4 AKG U . 13.07 27.63 15.02
#